data_3KU1
#
_entry.id   3KU1
#
_cell.length_a   142.752
_cell.length_b   142.752
_cell.length_c   148.163
_cell.angle_alpha   90.000
_cell.angle_beta   90.000
_cell.angle_gamma   120.000
#
_symmetry.space_group_name_H-M   'P 3'
#
loop_
_entity.id
_entity.type
_entity.pdbx_description
1 polymer 'SAM-dependent methyltransferase'
2 non-polymer S-ADENOSYLMETHIONINE
#
_entity_poly.entity_id   1
_entity_poly.type   'polypeptide(L)'
_entity_poly.pdbx_seq_one_letter_code
;MISKRLELVASFVSQGAILLDVGSDHAYLPIELVERGQIKSAIAGEVVEGPYQSAVKNVEAHGLKEKIQVRLANGLAAFE
ETDQVSVITIAGMGGRLIARILEEGLGKLANVERLILQPNNREDDLRIWLQDHGFQIVAESILEEAGKFYEILVVEAGQM
KLSASDVRFGPFLSKEVSPVFVQKWQKEAEKLEFALGQIPEKNLEERQVLVDKIQAIKEVLHVSK
;
_entity_poly.pdbx_strand_id   A,B,C,D,E,F,G,H
#
loop_
_chem_comp.id
_chem_comp.type
_chem_comp.name
_chem_comp.formula
SAM non-polymer S-ADENOSYLMETHIONINE 'C15 H22 N6 O5 S'
#
# COMPACT_ATOMS: atom_id res chain seq x y z
N MET A 1 3.79 53.27 -21.96
CA MET A 1 3.82 52.57 -20.69
C MET A 1 5.01 51.62 -20.61
N ILE A 2 4.99 50.59 -21.44
CA ILE A 2 6.11 49.58 -21.47
C ILE A 2 7.53 50.10 -21.65
N SER A 3 8.44 49.63 -20.80
CA SER A 3 9.88 49.93 -20.88
C SER A 3 10.41 49.84 -22.31
N LYS A 4 11.50 50.55 -22.59
CA LYS A 4 12.02 50.56 -23.96
C LYS A 4 12.80 49.27 -24.31
N ARG A 5 13.52 48.73 -23.32
CA ARG A 5 14.14 47.40 -23.39
C ARG A 5 13.11 46.31 -23.69
N LEU A 6 12.27 46.03 -22.71
CA LEU A 6 11.10 45.18 -22.89
C LEU A 6 10.38 45.40 -24.19
N GLU A 7 10.49 46.60 -24.72
CA GLU A 7 9.98 46.94 -26.05
C GLU A 7 10.64 46.13 -27.21
N LEU A 8 11.98 46.18 -27.27
CA LEU A 8 12.79 45.39 -28.20
C LEU A 8 12.52 43.91 -28.11
N VAL A 9 12.84 43.29 -26.97
CA VAL A 9 12.48 41.91 -26.69
C VAL A 9 11.14 41.58 -27.37
N ALA A 10 10.06 42.25 -26.95
CA ALA A 10 8.73 42.02 -27.54
C ALA A 10 8.77 42.01 -29.06
N SER A 11 9.49 42.95 -29.64
CA SER A 11 9.51 43.11 -31.08
C SER A 11 10.04 41.87 -31.84
N PHE A 12 10.85 41.02 -31.21
CA PHE A 12 11.28 39.76 -31.83
C PHE A 12 10.33 38.63 -31.57
N VAL A 13 9.17 38.91 -31.02
CA VAL A 13 8.33 37.78 -30.67
C VAL A 13 7.42 37.50 -31.85
N SER A 14 7.67 36.32 -32.41
CA SER A 14 6.92 35.79 -33.52
C SER A 14 5.40 35.97 -33.40
N GLN A 15 4.91 36.71 -34.37
CA GLN A 15 3.51 37.03 -34.50
C GLN A 15 2.68 35.76 -34.48
N GLY A 16 1.88 35.57 -33.43
CA GLY A 16 0.94 34.46 -33.36
C GLY A 16 1.31 33.43 -32.30
N ALA A 17 2.47 33.64 -31.67
CA ALA A 17 3.11 32.65 -30.76
C ALA A 17 2.31 32.24 -29.54
N ILE A 18 2.84 31.25 -28.84
CA ILE A 18 2.45 31.02 -27.48
C ILE A 18 3.70 31.33 -26.64
N LEU A 19 3.64 32.32 -25.74
CA LEU A 19 4.88 32.74 -25.08
C LEU A 19 5.05 32.19 -23.70
N LEU A 20 6.27 31.81 -23.35
CA LEU A 20 6.62 31.61 -21.98
C LEU A 20 7.68 32.63 -21.63
N ASP A 21 7.41 33.40 -20.57
CA ASP A 21 8.29 34.44 -20.14
C ASP A 21 8.74 34.02 -18.75
N VAL A 22 10.02 33.69 -18.65
CA VAL A 22 10.61 33.16 -17.43
C VAL A 22 11.07 34.34 -16.63
N GLY A 23 10.67 34.44 -15.38
CA GLY A 23 11.04 35.63 -14.57
C GLY A 23 10.28 36.89 -14.97
N SER A 24 8.99 36.71 -15.20
CA SER A 24 8.16 37.77 -15.62
C SER A 24 7.76 38.55 -14.36
N ASP A 25 8.54 39.54 -13.98
CA ASP A 25 8.00 40.40 -12.96
C ASP A 25 6.68 40.83 -13.51
N HIS A 26 5.74 41.10 -12.64
CA HIS A 26 4.68 42.03 -13.06
C HIS A 26 3.97 41.74 -14.39
N ALA A 27 4.39 40.70 -15.10
CA ALA A 27 3.76 40.24 -16.34
C ALA A 27 3.69 41.29 -17.45
N TYR A 28 4.56 42.29 -17.39
CA TYR A 28 4.40 43.43 -18.29
C TYR A 28 4.51 43.00 -19.74
N LEU A 29 5.50 42.15 -19.99
CA LEU A 29 5.73 41.68 -21.36
C LEU A 29 4.61 40.75 -21.93
N PRO A 30 4.35 39.59 -21.30
CA PRO A 30 3.21 38.91 -21.81
C PRO A 30 1.95 39.83 -21.90
N ILE A 31 1.79 40.78 -20.97
CA ILE A 31 0.55 41.57 -20.91
C ILE A 31 0.44 42.48 -22.13
N GLU A 32 1.47 43.26 -22.38
CA GLU A 32 1.43 44.09 -23.58
C GLU A 32 1.19 43.20 -24.80
N LEU A 33 2.00 42.15 -24.92
CA LEU A 33 1.90 41.27 -26.07
C LEU A 33 0.50 40.68 -26.24
N VAL A 34 -0.13 40.24 -25.15
CA VAL A 34 -1.50 39.76 -25.31
C VAL A 34 -2.37 40.94 -25.74
N GLU A 35 -2.13 42.10 -25.14
CA GLU A 35 -3.01 43.22 -25.41
C GLU A 35 -3.03 43.62 -26.89
N ARG A 36 -1.86 43.71 -27.54
CA ARG A 36 -1.85 44.15 -28.94
C ARG A 36 -2.12 43.02 -29.89
N GLY A 37 -2.74 41.95 -29.42
CA GLY A 37 -2.96 40.77 -30.27
C GLY A 37 -1.75 40.16 -31.01
N GLN A 38 -0.52 40.46 -30.56
CA GLN A 38 0.69 39.92 -31.20
C GLN A 38 0.93 38.45 -30.82
N ILE A 39 0.37 38.00 -29.70
CA ILE A 39 0.46 36.60 -29.36
C ILE A 39 -0.92 36.08 -29.04
N LYS A 40 -1.02 34.76 -29.00
CA LYS A 40 -2.27 34.09 -28.82
C LYS A 40 -2.52 34.13 -27.32
N SER A 41 -1.71 33.39 -26.54
CA SER A 41 -1.87 33.20 -25.10
C SER A 41 -0.46 33.20 -24.51
N ALA A 42 -0.31 33.27 -23.16
CA ALA A 42 1.03 33.15 -22.53
C ALA A 42 1.12 32.41 -21.17
N ILE A 43 2.35 32.07 -20.79
CA ILE A 43 2.62 31.62 -19.41
C ILE A 43 3.70 32.53 -18.80
N ALA A 44 3.31 33.18 -17.69
CA ALA A 44 4.30 33.94 -16.97
C ALA A 44 4.74 33.01 -15.87
N GLY A 45 6.04 32.82 -15.75
CA GLY A 45 6.54 31.99 -14.70
C GLY A 45 7.49 32.76 -13.81
N GLU A 46 7.38 32.56 -12.50
CA GLU A 46 8.28 33.25 -11.59
C GLU A 46 8.74 32.28 -10.56
N VAL A 47 9.86 32.58 -9.88
CA VAL A 47 10.50 31.59 -8.98
C VAL A 47 10.29 31.84 -7.50
N VAL A 48 9.96 33.04 -7.09
CA VAL A 48 9.64 33.26 -5.71
C VAL A 48 8.34 34.05 -5.57
N GLU A 49 7.66 33.83 -4.44
CA GLU A 49 6.36 34.40 -4.04
C GLU A 49 6.17 35.89 -4.29
N GLY A 50 7.06 36.72 -3.75
CA GLY A 50 7.08 38.14 -4.09
C GLY A 50 6.57 38.39 -5.50
N PRO A 51 7.47 38.31 -6.51
CA PRO A 51 7.15 38.45 -7.93
C PRO A 51 6.01 37.56 -8.43
N TYR A 52 6.00 36.29 -8.03
CA TYR A 52 4.91 35.44 -8.47
C TYR A 52 3.61 36.17 -8.21
N GLN A 53 3.44 36.64 -6.97
CA GLN A 53 2.18 37.30 -6.55
C GLN A 53 1.93 38.50 -7.41
N SER A 54 2.93 39.34 -7.55
CA SER A 54 2.81 40.52 -8.36
C SER A 54 2.24 40.18 -9.75
N ALA A 55 2.97 39.40 -10.54
CA ALA A 55 2.40 38.82 -11.80
C ALA A 55 0.97 38.24 -11.68
N VAL A 56 0.69 37.39 -10.70
CA VAL A 56 -0.75 36.95 -10.57
C VAL A 56 -1.71 38.15 -10.68
N LYS A 57 -1.48 39.15 -9.82
CA LYS A 57 -2.34 40.32 -9.65
C LYS A 57 -2.53 41.25 -10.81
N ASN A 58 -1.42 41.66 -11.41
CA ASN A 58 -1.44 42.46 -12.64
C ASN A 58 -2.24 41.82 -13.80
N VAL A 59 -2.19 40.50 -13.88
CA VAL A 59 -2.88 39.78 -14.92
C VAL A 59 -4.36 39.92 -14.64
N GLU A 60 -4.78 39.85 -13.38
CA GLU A 60 -6.20 40.01 -13.06
C GLU A 60 -6.64 41.42 -13.43
N ALA A 61 -5.82 42.37 -12.99
CA ALA A 61 -6.06 43.76 -13.16
C ALA A 61 -6.28 44.04 -14.63
N HIS A 62 -5.40 43.55 -15.49
CA HIS A 62 -5.68 43.73 -16.89
C HIS A 62 -6.75 42.76 -17.36
N GLY A 63 -7.47 42.14 -16.41
CA GLY A 63 -8.47 41.08 -16.68
C GLY A 63 -8.07 40.13 -17.78
N LEU A 64 -6.95 39.45 -17.61
CA LEU A 64 -6.42 38.53 -18.62
C LEU A 64 -6.24 37.15 -18.02
N LYS A 65 -7.09 36.87 -17.03
CA LYS A 65 -7.12 35.64 -16.29
C LYS A 65 -7.10 34.53 -17.30
N GLU A 66 -8.05 34.48 -18.23
CA GLU A 66 -8.04 33.32 -19.14
C GLU A 66 -7.09 33.39 -20.37
N LYS A 67 -6.18 34.35 -20.38
CA LYS A 67 -5.21 34.42 -21.45
C LYS A 67 -3.77 34.26 -20.93
N ILE A 68 -3.55 34.38 -19.63
CA ILE A 68 -2.21 34.23 -19.15
C ILE A 68 -2.26 33.42 -17.88
N GLN A 69 -1.46 32.38 -17.82
CA GLN A 69 -1.34 31.58 -16.61
C GLN A 69 -0.08 31.99 -15.89
N VAL A 70 -0.09 31.93 -14.57
CA VAL A 70 1.08 32.39 -13.82
C VAL A 70 1.48 31.24 -12.92
N ARG A 71 2.73 30.83 -13.03
CA ARG A 71 3.15 29.66 -12.32
C ARG A 71 4.36 29.95 -11.45
N LEU A 72 4.29 29.46 -10.21
CA LEU A 72 5.44 29.56 -9.34
C LEU A 72 6.27 28.34 -9.68
N ALA A 73 7.37 28.54 -10.41
CA ALA A 73 8.19 27.46 -10.90
C ALA A 73 9.59 27.98 -11.08
N ASN A 74 10.56 27.10 -11.05
CA ASN A 74 11.89 27.57 -11.29
C ASN A 74 12.31 27.27 -12.70
N GLY A 75 12.94 28.24 -13.34
CA GLY A 75 13.18 28.27 -14.78
C GLY A 75 12.10 27.58 -15.59
N LEU A 76 12.55 26.73 -16.51
CA LEU A 76 11.69 26.00 -17.41
C LEU A 76 10.69 25.04 -16.75
N ALA A 77 10.82 24.79 -15.44
CA ALA A 77 9.78 23.99 -14.79
C ALA A 77 8.41 24.59 -15.11
N ALA A 78 8.31 25.93 -15.10
CA ALA A 78 7.14 26.71 -15.52
C ALA A 78 6.31 26.21 -16.71
N PHE A 79 6.87 25.37 -17.60
CA PHE A 79 6.03 24.68 -18.62
C PHE A 79 6.39 23.21 -18.94
N GLU A 80 5.42 22.50 -19.53
CA GLU A 80 5.52 21.13 -19.99
C GLU A 80 5.14 21.16 -21.46
N GLU A 81 5.45 20.05 -22.14
CA GLU A 81 5.44 20.09 -23.62
C GLU A 81 4.00 20.12 -24.11
N THR A 82 3.10 19.96 -23.16
CA THR A 82 1.68 19.96 -23.49
C THR A 82 1.07 21.37 -23.67
N ASP A 83 1.68 22.34 -22.97
CA ASP A 83 1.40 23.79 -23.07
C ASP A 83 1.67 24.33 -24.47
N GLN A 84 2.53 23.63 -25.18
CA GLN A 84 2.70 23.92 -26.58
C GLN A 84 3.19 25.36 -26.81
N VAL A 85 4.33 25.65 -26.18
CA VAL A 85 4.94 26.94 -26.24
C VAL A 85 5.72 27.02 -27.55
N SER A 86 5.51 28.08 -28.34
CA SER A 86 6.42 28.38 -29.46
C SER A 86 7.61 29.32 -29.12
N VAL A 87 7.41 30.31 -28.25
CA VAL A 87 8.49 31.31 -28.03
C VAL A 87 8.80 31.52 -26.53
N ILE A 88 10.05 31.51 -26.13
CA ILE A 88 10.36 31.78 -24.74
C ILE A 88 11.20 33.03 -24.57
N THR A 89 10.76 33.97 -23.75
CA THR A 89 11.60 35.11 -23.47
C THR A 89 12.16 34.83 -22.10
N ILE A 90 13.44 35.16 -21.92
CA ILE A 90 14.12 35.15 -20.62
C ILE A 90 14.94 36.44 -20.48
N ALA A 91 14.39 37.45 -19.80
CA ALA A 91 14.99 38.81 -19.72
C ALA A 91 15.36 39.31 -18.31
N GLY A 92 16.44 40.07 -18.21
CA GLY A 92 16.74 40.75 -16.98
C GLY A 92 17.50 39.89 -15.98
N MET A 93 18.41 39.04 -16.45
CA MET A 93 19.20 38.19 -15.53
C MET A 93 20.63 38.18 -15.94
N GLY A 94 21.50 37.65 -15.09
CA GLY A 94 22.84 37.39 -15.50
C GLY A 94 22.91 36.40 -16.66
N GLY A 95 23.93 36.61 -17.50
CA GLY A 95 24.25 35.68 -18.59
C GLY A 95 24.33 34.27 -18.04
N ARG A 96 25.08 34.07 -16.97
CA ARG A 96 25.23 32.71 -16.47
C ARG A 96 24.05 32.02 -15.82
N LEU A 97 23.14 32.79 -15.22
CA LEU A 97 21.87 32.23 -14.80
C LEU A 97 20.99 31.90 -16.00
N ILE A 98 21.06 32.72 -17.05
CA ILE A 98 20.26 32.45 -18.22
C ILE A 98 20.72 31.10 -18.68
N ALA A 99 22.05 30.91 -18.80
CA ALA A 99 22.62 29.60 -19.19
C ALA A 99 22.17 28.47 -18.27
N ARG A 100 22.40 28.60 -16.95
CA ARG A 100 21.91 27.63 -15.97
C ARG A 100 20.43 27.29 -16.25
N ILE A 101 19.57 28.26 -16.55
CA ILE A 101 18.14 27.97 -16.72
C ILE A 101 17.87 27.10 -17.96
N LEU A 102 18.39 27.56 -19.09
CA LEU A 102 18.44 26.79 -20.33
C LEU A 102 19.15 25.44 -20.14
N GLU A 103 20.25 25.46 -19.40
CA GLU A 103 20.95 24.24 -19.03
C GLU A 103 20.04 23.22 -18.35
N GLU A 104 19.39 23.61 -17.23
CA GLU A 104 18.67 22.67 -16.35
C GLU A 104 17.34 22.27 -16.96
N GLY A 105 17.05 22.71 -18.18
CA GLY A 105 15.74 22.47 -18.75
C GLY A 105 15.86 22.24 -20.22
N LEU A 106 17.09 21.96 -20.63
CA LEU A 106 17.41 21.70 -22.02
C LEU A 106 16.48 20.72 -22.72
N GLY A 107 16.11 19.65 -21.99
CA GLY A 107 15.06 18.73 -22.39
C GLY A 107 13.92 19.40 -23.14
N LYS A 108 13.32 20.43 -22.53
CA LYS A 108 12.01 20.97 -22.91
C LYS A 108 11.99 21.66 -24.27
N LEU A 109 13.18 21.95 -24.79
CA LEU A 109 13.35 22.96 -25.82
C LEU A 109 13.13 22.52 -27.26
N ALA A 110 13.15 21.21 -27.47
CA ALA A 110 13.04 20.59 -28.79
C ALA A 110 11.86 21.14 -29.62
N ASN A 111 10.75 21.45 -29.00
CA ASN A 111 9.63 21.91 -29.81
C ASN A 111 9.41 23.40 -29.66
N VAL A 112 10.50 24.11 -29.41
CA VAL A 112 10.39 25.53 -29.23
C VAL A 112 11.06 26.25 -30.39
N GLU A 113 10.28 27.00 -31.17
CA GLU A 113 10.81 27.72 -32.32
C GLU A 113 11.88 28.74 -31.96
N ARG A 114 11.55 29.67 -31.04
CA ARG A 114 12.47 30.80 -30.75
C ARG A 114 12.73 31.13 -29.26
N LEU A 115 13.91 31.70 -29.01
CA LEU A 115 14.38 31.97 -27.68
C LEU A 115 14.91 33.40 -27.55
N ILE A 116 14.06 34.34 -27.13
CA ILE A 116 14.54 35.73 -26.97
C ILE A 116 15.16 36.00 -25.59
N LEU A 117 16.43 36.42 -25.58
CA LEU A 117 17.22 36.46 -24.33
C LEU A 117 17.94 37.78 -24.07
N GLN A 118 17.59 38.47 -22.99
CA GLN A 118 18.30 39.66 -22.65
C GLN A 118 19.17 39.38 -21.43
N PRO A 119 20.45 39.04 -21.60
CA PRO A 119 21.32 38.90 -20.38
C PRO A 119 21.67 40.25 -19.79
N ASN A 120 22.10 40.31 -18.54
CA ASN A 120 22.49 41.62 -17.95
C ASN A 120 23.94 41.77 -18.03
N ASN A 121 24.61 40.64 -17.96
CA ASN A 121 26.03 40.60 -18.05
C ASN A 121 26.41 39.22 -18.61
N ARG A 122 27.72 38.96 -18.64
CA ARG A 122 28.26 37.70 -19.03
C ARG A 122 27.68 37.29 -20.37
N GLU A 123 27.53 38.26 -21.29
CA GLU A 123 26.98 37.92 -22.60
C GLU A 123 27.83 36.83 -23.30
N ASP A 124 29.16 37.00 -23.33
CA ASP A 124 30.04 35.95 -23.88
C ASP A 124 29.79 34.50 -23.36
N ASP A 125 30.08 34.22 -22.10
CA ASP A 125 29.69 32.93 -21.51
C ASP A 125 28.36 32.33 -21.96
N LEU A 126 27.32 33.14 -22.13
CA LEU A 126 26.09 32.60 -22.66
C LEU A 126 26.30 32.10 -24.08
N ARG A 127 27.11 32.82 -24.85
CA ARG A 127 27.30 32.53 -26.27
C ARG A 127 28.04 31.21 -26.44
N ILE A 128 29.17 31.08 -25.73
CA ILE A 128 29.86 29.81 -25.56
C ILE A 128 28.84 28.70 -25.23
N TRP A 129 28.11 28.82 -24.11
CA TRP A 129 27.03 27.87 -23.82
C TRP A 129 26.08 27.59 -25.00
N LEU A 130 25.59 28.65 -25.63
CA LEU A 130 24.54 28.51 -26.58
C LEU A 130 25.09 27.77 -27.75
N GLN A 131 26.38 27.97 -28.01
CA GLN A 131 27.01 27.34 -29.19
C GLN A 131 27.13 25.85 -28.93
N ASP A 132 27.77 25.56 -27.80
CA ASP A 132 28.03 24.23 -27.30
C ASP A 132 26.85 23.33 -27.05
N HIS A 133 25.64 23.77 -27.39
CA HIS A 133 24.48 23.01 -26.98
C HIS A 133 23.50 23.05 -28.08
N GLY A 134 24.02 23.32 -29.26
CA GLY A 134 23.25 23.15 -30.48
C GLY A 134 22.25 24.25 -30.71
N PHE A 135 22.65 25.47 -30.35
CA PHE A 135 21.84 26.66 -30.63
C PHE A 135 22.62 27.62 -31.47
N GLN A 136 21.91 28.29 -32.36
CA GLN A 136 22.52 29.36 -33.16
C GLN A 136 21.81 30.70 -33.00
N ILE A 137 22.59 31.78 -33.00
CA ILE A 137 22.01 33.13 -32.88
C ILE A 137 21.51 33.57 -34.27
N VAL A 138 20.26 34.01 -34.37
CA VAL A 138 19.82 34.49 -35.66
C VAL A 138 19.81 36.02 -35.74
N ALA A 139 19.64 36.70 -34.60
CA ALA A 139 19.44 38.17 -34.56
C ALA A 139 19.95 38.78 -33.23
N GLU A 140 20.50 39.99 -33.27
CA GLU A 140 21.04 40.65 -32.06
C GLU A 140 20.75 42.15 -32.05
N SER A 141 20.19 42.67 -30.96
CA SER A 141 20.12 44.11 -30.73
C SER A 141 20.80 44.57 -29.44
N ILE A 142 21.18 45.84 -29.42
CA ILE A 142 21.75 46.52 -28.25
C ILE A 142 20.97 47.81 -28.04
N LEU A 143 20.90 48.27 -26.79
CA LEU A 143 20.26 49.53 -26.50
C LEU A 143 20.79 50.11 -25.22
N GLU A 144 20.58 51.42 -25.09
CA GLU A 144 20.88 52.18 -23.89
C GLU A 144 19.55 52.50 -23.22
N GLU A 145 19.52 52.40 -21.91
CA GLU A 145 18.36 52.87 -21.16
C GLU A 145 18.98 53.36 -19.87
N ALA A 146 18.89 54.67 -19.62
CA ALA A 146 19.06 55.21 -18.28
C ALA A 146 20.40 54.85 -17.69
N GLY A 147 21.43 55.03 -18.51
CA GLY A 147 22.80 54.73 -18.08
C GLY A 147 23.20 53.35 -18.56
N LYS A 148 22.35 52.36 -18.29
CA LYS A 148 22.69 50.99 -18.56
C LYS A 148 22.60 50.53 -20.04
N PHE A 149 23.52 49.63 -20.42
CA PHE A 149 23.54 48.91 -21.74
C PHE A 149 22.86 47.52 -21.70
N TYR A 150 22.25 47.11 -22.79
CA TYR A 150 21.47 45.89 -22.76
C TYR A 150 21.55 45.18 -24.07
N GLU A 151 22.28 44.07 -24.10
CA GLU A 151 22.28 43.18 -25.26
C GLU A 151 21.02 42.32 -25.24
N ILE A 152 20.39 42.16 -26.40
CA ILE A 152 19.33 41.17 -26.60
C ILE A 152 19.76 40.12 -27.65
N LEU A 153 19.64 38.84 -27.32
CA LEU A 153 20.01 37.77 -28.25
C LEU A 153 18.80 36.97 -28.69
N VAL A 154 18.55 36.94 -30.00
CA VAL A 154 17.53 36.05 -30.58
C VAL A 154 18.16 34.76 -31.12
N VAL A 155 17.56 33.61 -30.80
CA VAL A 155 18.21 32.31 -31.00
C VAL A 155 17.25 31.26 -31.56
N GLU A 156 17.80 30.30 -32.32
CA GLU A 156 17.03 29.12 -32.77
C GLU A 156 17.83 27.82 -32.74
N ALA A 157 17.14 26.73 -33.11
CA ALA A 157 17.75 25.41 -33.38
C ALA A 157 18.87 25.54 -34.44
N GLY A 158 20.10 25.11 -34.12
CA GLY A 158 21.13 25.24 -35.13
C GLY A 158 22.55 25.14 -34.67
N GLN A 159 23.46 25.11 -35.65
CA GLN A 159 24.87 25.13 -35.39
C GLN A 159 25.39 26.52 -35.66
N MET A 160 26.47 26.84 -34.97
CA MET A 160 27.19 28.04 -35.16
C MET A 160 28.58 27.79 -34.59
N LYS A 161 29.60 28.22 -35.36
CA LYS A 161 31.01 28.20 -34.94
C LYS A 161 31.35 29.67 -34.94
N LEU A 162 31.62 30.21 -33.75
CA LEU A 162 31.78 31.65 -33.58
C LEU A 162 33.24 32.03 -33.43
N SER A 163 33.62 33.19 -33.96
CA SER A 163 34.96 33.74 -33.68
C SER A 163 35.07 34.14 -32.22
N ALA A 164 36.30 34.21 -31.70
CA ALA A 164 36.49 34.73 -30.35
C ALA A 164 36.14 36.23 -30.27
N SER A 165 36.08 36.90 -31.42
CA SER A 165 35.55 38.27 -31.47
C SER A 165 34.06 38.17 -31.31
N ASP A 166 33.44 37.21 -32.00
CA ASP A 166 31.97 37.11 -32.01
C ASP A 166 31.34 36.70 -30.67
N VAL A 167 32.09 35.95 -29.86
CA VAL A 167 31.68 35.60 -28.52
C VAL A 167 31.71 36.87 -27.63
N ARG A 168 32.84 37.60 -27.67
CA ARG A 168 33.00 38.84 -26.89
C ARG A 168 32.07 39.99 -27.32
N PHE A 169 31.86 40.20 -28.61
CA PHE A 169 31.15 41.41 -29.06
C PHE A 169 29.81 41.13 -29.74
N GLY A 170 29.65 39.89 -30.21
CA GLY A 170 28.42 39.43 -30.85
C GLY A 170 28.44 39.44 -32.37
N PRO A 171 28.20 38.28 -32.99
CA PRO A 171 28.02 38.07 -34.42
C PRO A 171 27.23 39.18 -35.13
N PHE A 172 26.03 39.51 -34.66
CA PHE A 172 25.22 40.52 -35.34
C PHE A 172 25.48 41.97 -34.89
N LEU A 173 25.95 42.15 -33.65
CA LEU A 173 26.23 43.48 -33.10
C LEU A 173 27.47 44.06 -33.74
N SER A 174 28.40 43.21 -34.14
CA SER A 174 29.62 43.69 -34.81
C SER A 174 29.57 43.61 -36.35
N LYS A 175 28.52 43.00 -36.92
CA LYS A 175 28.21 43.19 -38.33
C LYS A 175 27.80 44.64 -38.40
N GLU A 176 26.52 44.96 -38.17
CA GLU A 176 26.06 46.35 -38.31
C GLU A 176 26.59 47.36 -37.24
N VAL A 177 27.73 47.07 -36.60
CA VAL A 177 28.43 47.97 -35.62
C VAL A 177 27.83 49.35 -35.22
N SER A 178 26.59 49.41 -34.69
CA SER A 178 25.85 50.66 -34.37
C SER A 178 26.48 51.68 -33.38
N PRO A 179 25.93 52.91 -33.28
CA PRO A 179 26.41 53.90 -32.32
C PRO A 179 26.41 53.46 -30.85
N VAL A 180 25.37 52.71 -30.47
CA VAL A 180 25.17 52.28 -29.08
C VAL A 180 26.20 51.19 -28.80
N PHE A 181 26.41 50.32 -29.80
CA PHE A 181 27.54 49.39 -29.79
C PHE A 181 28.87 50.08 -29.46
N VAL A 182 29.07 51.23 -30.09
CA VAL A 182 30.33 51.96 -30.00
C VAL A 182 30.57 52.63 -28.66
N GLN A 183 29.57 53.22 -28.02
CA GLN A 183 29.89 53.79 -26.70
C GLN A 183 30.14 52.70 -25.71
N LYS A 184 29.33 51.62 -25.77
CA LYS A 184 29.50 50.53 -24.80
C LYS A 184 30.98 50.17 -24.71
N TRP A 185 31.55 49.84 -25.86
CA TRP A 185 32.87 49.26 -25.90
C TRP A 185 34.00 50.30 -25.77
N GLN A 186 33.76 51.51 -26.30
CA GLN A 186 34.52 52.72 -26.00
C GLN A 186 34.61 52.92 -24.47
N LYS A 187 33.44 53.12 -23.84
CA LYS A 187 33.39 53.39 -22.41
C LYS A 187 34.19 52.33 -21.68
N GLU A 188 34.12 51.12 -22.21
CA GLU A 188 34.72 49.94 -21.60
C GLU A 188 36.20 49.95 -21.84
N ALA A 189 36.60 50.39 -23.04
CA ALA A 189 38.01 50.53 -23.45
C ALA A 189 38.80 51.53 -22.60
N GLU A 190 38.28 52.75 -22.41
CA GLU A 190 38.92 53.64 -21.44
C GLU A 190 38.88 53.12 -19.99
N LYS A 191 37.75 52.51 -19.58
CA LYS A 191 37.66 51.83 -18.26
C LYS A 191 38.87 50.93 -18.05
N LEU A 192 39.33 50.35 -19.15
CA LEU A 192 40.44 49.41 -19.15
C LEU A 192 41.82 50.07 -19.04
N GLU A 193 42.15 50.90 -20.03
CA GLU A 193 43.35 51.74 -20.03
C GLU A 193 43.51 52.45 -18.71
N PHE A 194 42.41 52.89 -18.13
CA PHE A 194 42.45 53.51 -16.81
C PHE A 194 43.18 52.54 -15.86
N ALA A 195 42.61 51.35 -15.71
CA ALA A 195 43.25 50.23 -14.98
C ALA A 195 44.72 49.95 -15.33
N LEU A 196 45.01 49.58 -16.58
CA LEU A 196 46.37 49.24 -17.01
C LEU A 196 47.48 49.49 -15.97
N GLU A 205 53.46 41.04 -15.82
CA GLU A 205 52.87 40.90 -17.18
C GLU A 205 51.58 40.06 -17.27
N GLU A 206 50.83 39.99 -16.17
CA GLU A 206 49.38 39.77 -16.19
C GLU A 206 48.64 41.03 -16.71
N ARG A 207 49.29 42.20 -16.56
CA ARG A 207 48.87 43.49 -17.13
C ARG A 207 48.98 43.39 -18.65
N GLN A 208 48.10 42.56 -19.21
CA GLN A 208 48.35 41.88 -20.48
C GLN A 208 47.04 41.24 -20.93
N VAL A 209 46.32 40.70 -19.95
CA VAL A 209 44.91 40.39 -20.09
C VAL A 209 44.26 41.63 -20.74
N LEU A 210 44.58 42.80 -20.18
CA LEU A 210 44.02 44.09 -20.60
C LEU A 210 44.46 44.47 -22.02
N VAL A 211 45.76 44.65 -22.22
CA VAL A 211 46.29 45.04 -23.53
C VAL A 211 45.45 44.49 -24.68
N ASP A 212 45.33 43.16 -24.73
CA ASP A 212 44.72 42.44 -25.88
C ASP A 212 43.23 42.62 -25.96
N LYS A 213 42.61 42.56 -24.76
CA LYS A 213 41.23 42.95 -24.54
C LYS A 213 40.97 44.34 -25.19
N ILE A 214 41.75 45.34 -24.74
CA ILE A 214 41.77 46.71 -25.26
C ILE A 214 41.99 46.73 -26.76
N GLN A 215 42.99 45.96 -27.20
CA GLN A 215 43.30 45.80 -28.62
C GLN A 215 42.13 45.23 -29.43
N ALA A 216 41.42 44.26 -28.81
CA ALA A 216 40.28 43.62 -29.43
C ALA A 216 39.17 44.63 -29.63
N ILE A 217 38.99 45.50 -28.63
CA ILE A 217 37.99 46.56 -28.69
C ILE A 217 38.35 47.54 -29.77
N LYS A 218 39.62 47.97 -29.78
CA LYS A 218 40.17 48.79 -30.88
C LYS A 218 39.86 48.18 -32.26
N GLU A 219 40.15 46.90 -32.37
CA GLU A 219 39.97 46.17 -33.61
C GLU A 219 38.52 46.09 -34.13
N VAL A 220 37.55 45.80 -33.26
CA VAL A 220 36.19 45.54 -33.74
C VAL A 220 35.43 46.83 -34.05
N LEU A 221 35.97 47.92 -33.51
CA LEU A 221 35.49 49.28 -33.74
C LEU A 221 36.10 49.94 -35.00
N HIS A 222 37.39 49.67 -35.23
CA HIS A 222 38.18 50.26 -36.34
C HIS A 222 37.35 50.58 -37.57
N MET B 1 24.10 24.15 -9.66
CA MET B 1 24.85 25.08 -8.76
C MET B 1 24.26 25.33 -7.35
N ILE B 2 22.94 25.31 -7.17
CA ILE B 2 22.40 25.54 -5.83
C ILE B 2 21.68 24.29 -5.31
N SER B 3 21.98 23.80 -4.09
CA SER B 3 21.27 22.62 -3.56
C SER B 3 19.81 22.94 -3.38
N LYS B 4 18.96 21.93 -3.23
CA LYS B 4 17.59 22.22 -2.89
C LYS B 4 17.54 22.97 -1.55
N ARG B 5 18.32 22.50 -0.58
CA ARG B 5 18.53 23.20 0.67
C ARG B 5 18.81 24.67 0.40
N LEU B 6 19.90 25.00 -0.25
CA LEU B 6 20.21 26.40 -0.36
C LEU B 6 19.13 27.14 -1.17
N GLU B 7 18.53 26.41 -2.12
CA GLU B 7 17.45 26.88 -2.97
C GLU B 7 16.36 27.42 -2.06
N LEU B 8 15.78 26.53 -1.27
CA LEU B 8 14.78 26.87 -0.24
C LEU B 8 15.14 28.03 0.72
N VAL B 9 16.42 28.22 1.05
CA VAL B 9 16.82 29.34 1.91
C VAL B 9 16.71 30.62 1.14
N ALA B 10 17.24 30.62 -0.07
CA ALA B 10 17.02 31.69 -1.03
C ALA B 10 15.53 32.10 -1.17
N SER B 11 14.57 31.19 -0.99
CA SER B 11 13.23 31.46 -1.42
C SER B 11 12.52 32.45 -0.56
N PHE B 12 13.18 32.78 0.54
CA PHE B 12 12.69 33.67 1.61
C PHE B 12 13.45 34.99 1.68
N VAL B 13 14.64 35.07 1.12
CA VAL B 13 15.33 36.38 0.95
C VAL B 13 14.48 37.42 0.17
N SER B 14 13.72 38.23 0.91
CA SER B 14 12.89 39.32 0.39
C SER B 14 13.54 40.19 -0.69
N GLN B 15 12.75 40.48 -1.73
CA GLN B 15 13.12 41.37 -2.86
C GLN B 15 13.76 42.69 -2.40
N GLY B 16 14.96 43.00 -2.88
CA GLY B 16 15.61 44.20 -2.40
C GLY B 16 16.82 43.88 -1.53
N ALA B 17 16.58 43.39 -0.33
CA ALA B 17 17.67 43.06 0.60
C ALA B 17 19.09 43.37 0.14
N ILE B 18 19.76 44.27 0.85
CA ILE B 18 21.18 44.07 0.94
C ILE B 18 21.24 42.86 1.88
N LEU B 19 21.85 41.77 1.41
CA LEU B 19 21.94 40.52 2.16
C LEU B 19 23.30 40.43 2.83
N LEU B 20 23.39 39.64 3.91
CA LEU B 20 24.67 39.20 4.46
C LEU B 20 24.66 37.69 4.50
N ASP B 21 25.79 37.06 4.23
CA ASP B 21 25.78 35.63 4.35
C ASP B 21 26.92 35.08 5.18
N VAL B 22 26.68 34.98 6.49
CA VAL B 22 27.64 34.41 7.42
C VAL B 22 27.96 32.96 7.06
N GLY B 23 29.25 32.66 6.89
CA GLY B 23 29.72 31.30 6.61
C GLY B 23 29.20 30.81 5.27
N SER B 24 29.45 31.63 4.23
CA SER B 24 28.76 31.56 2.92
C SER B 24 29.27 30.52 1.93
N ASP B 25 28.96 29.26 2.17
CA ASP B 25 29.26 28.13 1.26
C ASP B 25 29.64 28.48 -0.20
N HIS B 26 30.95 28.64 -0.45
CA HIS B 26 31.48 29.11 -1.75
C HIS B 26 30.85 30.38 -2.35
N ALA B 27 30.04 31.12 -1.62
CA ALA B 27 29.41 32.34 -2.17
C ALA B 27 28.26 32.08 -3.14
N TYR B 28 27.91 30.79 -3.30
CA TYR B 28 26.88 30.34 -4.22
C TYR B 28 25.56 31.08 -4.02
N LEU B 29 25.05 31.07 -2.78
CA LEU B 29 23.77 31.67 -2.51
C LEU B 29 23.75 33.17 -2.86
N PRO B 30 24.66 33.98 -2.28
CA PRO B 30 24.47 35.36 -2.73
C PRO B 30 24.72 35.52 -4.23
N ILE B 31 25.58 34.67 -4.85
CA ILE B 31 25.77 34.77 -6.31
C ILE B 31 24.42 34.51 -6.95
N GLU B 32 23.87 33.34 -6.70
CA GLU B 32 22.55 33.04 -7.22
C GLU B 32 21.60 34.25 -7.04
N LEU B 33 21.57 34.83 -5.85
CA LEU B 33 20.60 35.87 -5.58
C LEU B 33 20.83 37.12 -6.41
N VAL B 34 22.08 37.53 -6.54
CA VAL B 34 22.39 38.69 -7.37
C VAL B 34 21.99 38.48 -8.84
N GLU B 35 22.51 37.39 -9.42
CA GLU B 35 22.19 36.97 -10.79
C GLU B 35 20.69 36.97 -11.08
N ARG B 36 19.85 36.68 -10.13
CA ARG B 36 18.47 36.55 -10.50
C ARG B 36 17.73 37.82 -10.25
N GLY B 37 18.54 38.85 -9.97
CA GLY B 37 18.09 40.20 -9.59
C GLY B 37 17.13 40.29 -8.43
N GLN B 38 17.35 39.48 -7.40
CA GLN B 38 16.44 39.40 -6.24
C GLN B 38 16.91 40.34 -5.14
N ILE B 39 18.19 40.74 -5.20
CA ILE B 39 18.76 41.60 -4.18
C ILE B 39 19.69 42.70 -4.75
N LYS B 40 19.66 43.91 -4.17
CA LYS B 40 20.60 44.97 -4.51
C LYS B 40 22.05 44.48 -4.47
N SER B 41 22.51 43.95 -3.34
CA SER B 41 23.91 43.50 -3.19
C SER B 41 24.04 42.54 -2.04
N ALA B 42 25.25 42.12 -1.71
CA ALA B 42 25.43 41.12 -0.69
C ALA B 42 26.85 41.12 -0.16
N ILE B 43 26.98 40.70 1.08
CA ILE B 43 28.26 40.60 1.70
C ILE B 43 28.37 39.16 2.13
N ALA B 44 29.42 38.50 1.69
CA ALA B 44 29.70 37.16 2.17
C ALA B 44 30.57 37.22 3.42
N GLY B 45 30.06 36.65 4.50
CA GLY B 45 30.80 36.53 5.74
C GLY B 45 31.69 35.32 5.65
N GLU B 46 33.00 35.57 5.67
CA GLU B 46 33.96 34.50 5.58
C GLU B 46 35.03 34.53 6.69
N VAL B 47 35.20 33.39 7.34
CA VAL B 47 36.06 33.21 8.50
C VAL B 47 37.53 32.75 8.16
N VAL B 48 37.78 31.44 8.09
CA VAL B 48 39.16 30.89 7.97
C VAL B 48 39.85 31.07 6.58
N GLU B 49 40.92 30.30 6.36
CA GLU B 49 41.73 30.38 5.15
C GLU B 49 41.06 29.63 4.00
N GLY B 50 40.66 28.38 4.26
CA GLY B 50 39.99 27.48 3.30
C GLY B 50 39.02 28.12 2.33
N PRO B 51 37.72 27.75 2.39
CA PRO B 51 36.73 28.44 1.54
C PRO B 51 36.65 30.00 1.66
N TYR B 52 37.68 30.65 2.22
CA TYR B 52 37.87 32.07 1.92
C TYR B 52 38.15 32.23 0.43
N GLN B 53 39.11 31.43 -0.06
CA GLN B 53 39.55 31.47 -1.47
C GLN B 53 38.33 31.36 -2.37
N SER B 54 37.73 30.17 -2.33
CA SER B 54 36.51 29.88 -3.03
C SER B 54 35.63 31.15 -3.19
N ALA B 55 35.10 31.68 -2.08
CA ALA B 55 34.23 32.86 -2.12
C ALA B 55 34.60 33.87 -3.22
N VAL B 56 35.62 34.68 -2.99
CA VAL B 56 36.13 35.61 -4.01
C VAL B 56 36.40 34.95 -5.36
N LYS B 57 36.83 33.68 -5.35
CA LYS B 57 37.01 32.91 -6.57
C LYS B 57 35.75 32.98 -7.46
N ASN B 58 34.66 32.36 -7.02
CA ASN B 58 33.37 32.42 -7.72
C ASN B 58 32.77 33.82 -7.89
N VAL B 59 32.88 34.69 -6.89
CA VAL B 59 32.33 36.05 -7.01
C VAL B 59 32.78 36.67 -8.32
N GLU B 60 34.07 36.48 -8.62
CA GLU B 60 34.67 37.02 -9.82
C GLU B 60 34.37 36.10 -10.99
N ALA B 61 34.63 34.80 -10.83
CA ALA B 61 34.26 33.82 -11.84
C ALA B 61 32.86 34.06 -12.43
N HIS B 62 31.99 34.75 -11.69
CA HIS B 62 30.68 35.16 -12.21
C HIS B 62 30.64 36.66 -12.51
N GLY B 63 31.80 37.30 -12.36
CA GLY B 63 31.98 38.74 -12.58
C GLY B 63 31.09 39.62 -11.71
N LEU B 64 31.20 39.45 -10.39
CA LEU B 64 30.29 40.12 -9.45
C LEU B 64 30.94 41.00 -8.37
N LYS B 65 32.21 41.35 -8.59
CA LYS B 65 32.94 42.28 -7.76
C LYS B 65 32.17 43.50 -7.26
N GLU B 66 31.39 44.17 -8.08
CA GLU B 66 30.76 45.37 -7.52
C GLU B 66 29.30 45.22 -7.10
N LYS B 67 28.96 44.00 -6.64
CA LYS B 67 27.62 43.69 -6.10
C LYS B 67 27.72 42.76 -4.88
N ILE B 68 28.58 41.76 -4.97
CA ILE B 68 28.84 40.89 -3.88
C ILE B 68 30.25 41.19 -3.40
N GLN B 69 30.36 41.83 -2.24
CA GLN B 69 31.66 41.93 -1.59
C GLN B 69 31.86 40.85 -0.56
N VAL B 70 32.98 40.13 -0.66
CA VAL B 70 33.44 39.41 0.51
C VAL B 70 33.91 40.45 1.57
N ARG B 71 33.81 40.04 2.85
CA ARG B 71 34.59 40.58 3.96
C ARG B 71 35.22 39.39 4.72
N LEU B 72 36.45 39.54 5.23
CA LEU B 72 36.99 38.49 6.11
C LEU B 72 36.82 38.88 7.58
N ALA B 73 36.01 38.06 8.27
CA ALA B 73 35.55 38.30 9.63
C ALA B 73 35.05 37.01 10.37
N ASN B 74 34.73 37.17 11.65
CA ASN B 74 34.21 36.09 12.48
C ASN B 74 32.75 36.39 12.85
N GLY B 75 31.85 35.46 12.52
CA GLY B 75 30.41 35.69 12.69
C GLY B 75 29.96 37.02 12.12
N LEU B 76 29.34 37.87 12.94
CA LEU B 76 28.80 39.15 12.49
C LEU B 76 29.81 40.27 12.55
N ALA B 77 31.08 39.91 12.74
CA ALA B 77 32.19 40.86 12.52
C ALA B 77 32.06 41.39 11.08
N ALA B 78 32.21 40.47 10.12
CA ALA B 78 31.67 40.54 8.75
C ALA B 78 30.76 41.72 8.34
N PHE B 79 29.97 42.29 9.26
CA PHE B 79 29.27 43.53 8.90
C PHE B 79 29.19 44.60 10.00
N GLU B 80 28.84 45.82 9.57
CA GLU B 80 28.58 47.00 10.42
C GLU B 80 27.22 47.59 10.06
N GLU B 81 26.81 48.63 10.78
CA GLU B 81 25.42 49.08 10.71
C GLU B 81 25.18 49.84 9.42
N THR B 82 26.30 50.27 8.84
CA THR B 82 26.28 51.19 7.69
C THR B 82 25.91 50.52 6.33
N ASP B 83 26.44 49.30 6.11
CA ASP B 83 26.17 48.46 4.94
C ASP B 83 24.70 48.26 4.67
N GLN B 84 23.86 48.72 5.58
CA GLN B 84 22.46 48.89 5.26
C GLN B 84 21.72 47.58 4.99
N VAL B 85 22.32 46.45 5.44
CA VAL B 85 21.76 45.09 5.38
C VAL B 85 20.33 44.99 5.88
N SER B 86 19.40 44.52 5.04
CA SER B 86 18.02 44.31 5.52
C SER B 86 17.69 42.81 5.82
N VAL B 87 18.65 41.90 5.66
CA VAL B 87 18.38 40.46 5.67
C VAL B 87 19.64 39.61 5.88
N ILE B 88 19.67 38.83 6.96
CA ILE B 88 20.82 37.95 7.19
C ILE B 88 20.47 36.47 7.11
N THR B 89 21.39 35.68 6.56
CA THR B 89 21.22 34.24 6.47
C THR B 89 22.42 33.60 7.16
N ILE B 90 22.14 32.51 7.87
CA ILE B 90 23.21 31.74 8.51
C ILE B 90 22.82 30.30 8.30
N ALA B 91 23.59 29.56 7.52
CA ALA B 91 23.27 28.15 7.25
C ALA B 91 24.33 27.08 7.61
N GLY B 92 23.94 25.83 7.46
CA GLY B 92 24.73 24.67 7.87
C GLY B 92 25.67 24.90 9.04
N MET B 93 25.12 25.41 10.14
CA MET B 93 25.83 25.49 11.41
C MET B 93 24.98 24.92 12.52
N GLY B 94 25.65 24.66 13.64
CA GLY B 94 24.98 24.16 14.81
C GLY B 94 24.06 25.22 15.38
N GLY B 95 22.97 24.72 15.97
CA GLY B 95 21.92 25.55 16.51
C GLY B 95 22.41 26.66 17.40
N ARG B 96 23.21 26.29 18.41
CA ARG B 96 23.64 27.23 19.40
C ARG B 96 24.74 28.07 18.87
N LEU B 97 25.45 27.58 17.86
CA LEU B 97 26.47 28.42 17.27
C LEU B 97 25.80 29.63 16.64
N ILE B 98 24.70 29.40 15.92
CA ILE B 98 23.86 30.46 15.33
C ILE B 98 23.30 31.36 16.42
N ALA B 99 22.91 30.74 17.52
CA ALA B 99 22.52 31.43 18.76
C ALA B 99 23.67 32.30 19.25
N ARG B 100 24.80 31.65 19.52
CA ARG B 100 25.94 32.38 20.01
C ARG B 100 26.37 33.51 19.04
N ILE B 101 26.24 33.28 17.73
CA ILE B 101 26.67 34.27 16.74
C ILE B 101 25.74 35.47 16.75
N LEU B 102 24.44 35.21 16.73
CA LEU B 102 23.48 36.29 16.80
C LEU B 102 23.64 37.04 18.12
N GLU B 103 24.04 36.29 19.17
CA GLU B 103 24.28 36.88 20.49
C GLU B 103 25.41 37.89 20.49
N GLU B 104 26.64 37.43 20.23
CA GLU B 104 27.78 38.34 20.32
C GLU B 104 27.84 39.40 19.23
N GLY B 105 26.67 39.70 18.64
CA GLY B 105 26.51 40.80 17.71
C GLY B 105 25.14 41.45 17.81
N LEU B 106 24.35 41.06 18.81
CA LEU B 106 22.94 41.45 18.88
C LEU B 106 22.60 42.94 18.64
N GLY B 107 23.47 43.83 19.09
CA GLY B 107 23.32 45.29 18.85
C GLY B 107 23.25 45.73 17.37
N LYS B 108 24.19 45.23 16.55
CA LYS B 108 24.11 45.41 15.07
C LYS B 108 22.74 44.96 14.51
N LEU B 109 22.31 43.72 14.74
CA LEU B 109 20.98 43.23 14.25
C LEU B 109 19.85 44.21 14.50
N ALA B 110 20.19 45.35 15.09
CA ALA B 110 19.24 46.39 15.45
C ALA B 110 18.22 46.58 14.34
N ASN B 111 18.74 46.85 13.15
CA ASN B 111 17.89 47.36 12.08
C ASN B 111 17.59 46.44 10.89
N VAL B 112 18.12 45.21 10.95
CA VAL B 112 17.82 44.16 9.99
C VAL B 112 16.36 43.72 10.05
N GLU B 113 15.67 43.60 8.93
CA GLU B 113 14.28 43.15 9.00
C GLU B 113 14.08 41.63 9.06
N ARG B 114 15.10 40.81 8.75
CA ARG B 114 14.85 39.37 8.58
C ARG B 114 16.04 38.45 8.68
N LEU B 115 15.85 37.35 9.40
CA LEU B 115 16.85 36.29 9.46
C LEU B 115 16.30 35.01 8.85
N ILE B 116 17.00 34.47 7.85
CA ILE B 116 16.69 33.13 7.41
C ILE B 116 17.81 32.32 7.99
N LEU B 117 17.47 31.29 8.76
CA LEU B 117 18.46 30.55 9.55
C LEU B 117 18.30 29.09 9.32
N GLN B 118 19.37 28.38 8.99
CA GLN B 118 19.21 26.93 8.80
C GLN B 118 20.31 26.20 9.55
N PRO B 119 19.92 25.61 10.70
CA PRO B 119 20.78 24.98 11.67
C PRO B 119 20.90 23.50 11.46
N ASN B 120 22.05 22.93 11.80
CA ASN B 120 22.26 21.50 11.60
C ASN B 120 21.61 20.68 12.72
N ASN B 121 21.60 21.21 13.94
CA ASN B 121 20.91 20.64 15.09
C ASN B 121 20.67 21.73 16.09
N ARG B 122 20.17 21.32 17.25
CA ARG B 122 19.90 22.20 18.38
C ARG B 122 18.92 23.28 17.97
N GLU B 123 17.80 22.89 17.37
CA GLU B 123 16.90 23.92 16.83
C GLU B 123 16.06 24.45 17.94
N ASP B 124 15.75 23.60 18.91
CA ASP B 124 15.06 24.01 20.12
C ASP B 124 15.86 25.09 20.88
N ASP B 125 17.16 24.86 21.05
CA ASP B 125 17.96 25.86 21.72
C ASP B 125 17.89 27.20 21.02
N LEU B 126 17.82 27.18 19.70
CA LEU B 126 17.80 28.39 18.93
C LEU B 126 16.39 28.97 18.89
N ARG B 127 15.37 28.12 18.92
CA ARG B 127 14.04 28.65 19.10
C ARG B 127 13.89 29.36 20.46
N ILE B 128 14.41 28.72 21.52
CA ILE B 128 14.51 29.35 22.84
C ILE B 128 15.27 30.70 22.83
N TRP B 129 16.53 30.67 22.38
CA TRP B 129 17.29 31.90 22.35
C TRP B 129 16.57 32.99 21.57
N LEU B 130 15.76 32.59 20.59
CA LEU B 130 15.14 33.59 19.76
C LEU B 130 14.09 34.26 20.58
N GLN B 131 13.19 33.46 21.15
CA GLN B 131 12.12 33.96 22.02
C GLN B 131 12.65 34.94 23.07
N ASP B 132 13.63 34.46 23.85
CA ASP B 132 14.23 35.30 24.90
C ASP B 132 14.79 36.60 24.38
N HIS B 133 15.01 36.77 23.08
CA HIS B 133 15.57 38.03 22.63
C HIS B 133 14.71 38.81 21.65
N GLY B 134 13.40 38.65 21.79
CA GLY B 134 12.46 39.53 21.10
C GLY B 134 12.33 39.28 19.61
N PHE B 135 12.48 38.01 19.23
CA PHE B 135 12.30 37.58 17.86
C PHE B 135 11.08 36.74 17.76
N GLN B 136 10.53 36.66 16.55
CA GLN B 136 9.45 35.73 16.23
C GLN B 136 9.66 34.96 14.87
N ILE B 137 9.36 33.69 14.92
CA ILE B 137 9.37 32.84 13.74
C ILE B 137 8.11 33.11 12.90
N VAL B 138 8.27 33.46 11.62
CA VAL B 138 7.10 33.73 10.74
C VAL B 138 6.84 32.63 9.76
N ALA B 139 7.90 31.94 9.34
CA ALA B 139 7.77 30.71 8.53
C ALA B 139 8.84 29.67 8.87
N GLU B 140 8.50 28.42 8.65
CA GLU B 140 9.47 27.39 8.79
C GLU B 140 9.24 26.46 7.65
N SER B 141 10.30 25.90 7.14
CA SER B 141 10.17 24.91 6.09
C SER B 141 11.19 23.85 6.33
N ILE B 142 10.96 22.70 5.74
CA ILE B 142 11.84 21.57 5.95
C ILE B 142 11.87 20.69 4.72
N LEU B 143 13.05 20.18 4.41
CA LEU B 143 13.25 19.24 3.28
C LEU B 143 14.28 18.15 3.63
N GLU B 144 14.22 17.02 2.95
CA GLU B 144 15.32 16.06 2.96
C GLU B 144 16.24 16.33 1.75
N GLU B 145 17.54 16.30 1.94
CA GLU B 145 18.42 16.33 0.80
C GLU B 145 19.66 15.47 1.01
N ALA B 146 19.87 14.61 0.00
CA ALA B 146 20.97 13.68 -0.07
C ALA B 146 20.97 12.86 1.19
N GLY B 147 19.77 12.53 1.67
CA GLY B 147 19.67 11.61 2.81
C GLY B 147 19.65 12.16 4.22
N LYS B 148 20.18 13.37 4.40
CA LYS B 148 20.06 14.16 5.65
C LYS B 148 18.77 15.04 5.65
N PHE B 149 18.35 15.57 6.81
CA PHE B 149 17.13 16.42 6.94
C PHE B 149 17.49 17.83 7.34
N TYR B 150 16.71 18.82 6.92
CA TYR B 150 17.04 20.20 7.32
C TYR B 150 15.82 21.09 7.61
N GLU B 151 15.94 21.92 8.64
CA GLU B 151 14.90 22.85 8.98
C GLU B 151 15.35 24.22 8.63
N ILE B 152 14.44 25.02 8.07
CA ILE B 152 14.77 26.42 7.88
C ILE B 152 13.82 27.22 8.70
N LEU B 153 14.35 28.22 9.38
CA LEU B 153 13.56 29.09 10.22
C LEU B 153 13.68 30.51 9.71
N VAL B 154 12.52 31.10 9.41
CA VAL B 154 12.43 32.54 9.13
C VAL B 154 11.93 33.37 10.33
N VAL B 155 12.68 34.43 10.60
CA VAL B 155 12.72 35.12 11.88
C VAL B 155 12.70 36.60 11.67
N GLU B 156 11.67 37.23 12.20
CA GLU B 156 11.67 38.71 12.31
C GLU B 156 11.67 39.27 13.76
N ALA B 157 12.00 40.55 13.96
CA ALA B 157 11.68 41.23 15.26
C ALA B 157 10.23 41.08 15.65
N GLY B 158 9.99 40.82 16.94
CA GLY B 158 8.65 40.69 17.49
C GLY B 158 8.63 39.71 18.64
N GLN B 159 7.43 39.26 19.02
CA GLN B 159 7.31 38.33 20.15
C GLN B 159 6.48 37.09 19.91
N MET B 160 6.96 35.99 20.49
CA MET B 160 6.26 34.74 20.42
C MET B 160 6.07 34.12 21.81
N LYS B 161 5.05 33.29 21.95
CA LYS B 161 4.92 32.44 23.10
C LYS B 161 5.11 31.09 22.51
N LEU B 162 6.26 30.46 22.74
CA LEU B 162 6.41 29.13 22.17
C LEU B 162 6.04 28.12 23.20
N SER B 163 5.21 27.18 22.81
CA SER B 163 4.89 26.04 23.64
C SER B 163 6.09 25.09 23.63
N ALA B 164 6.15 24.13 24.57
CA ALA B 164 7.29 23.20 24.62
C ALA B 164 7.35 22.37 23.32
N SER B 165 6.18 22.08 22.73
CA SER B 165 6.10 21.35 21.48
C SER B 165 6.59 22.21 20.36
N ASP B 166 6.21 23.47 20.37
CA ASP B 166 6.68 24.40 19.37
C ASP B 166 8.18 24.44 19.30
N VAL B 167 8.81 24.43 20.48
CA VAL B 167 10.27 24.53 20.59
C VAL B 167 10.97 23.29 20.03
N ARG B 168 10.51 22.08 20.34
CA ARG B 168 11.15 20.90 19.75
C ARG B 168 10.80 20.80 18.26
N PHE B 169 9.53 20.91 17.93
CA PHE B 169 9.11 20.60 16.59
C PHE B 169 8.88 21.74 15.61
N GLY B 170 9.07 22.99 16.02
CA GLY B 170 8.66 24.14 15.20
C GLY B 170 7.17 24.51 15.27
N PRO B 171 6.88 25.77 15.65
CA PRO B 171 5.52 26.25 15.70
C PRO B 171 4.83 26.04 14.33
N PHE B 172 5.49 26.39 13.21
CA PHE B 172 5.01 26.05 11.86
C PHE B 172 5.15 24.55 11.43
N LEU B 173 6.38 24.04 11.37
CA LEU B 173 6.59 22.65 10.98
C LEU B 173 5.56 21.70 11.62
N SER B 174 5.38 21.79 12.94
CA SER B 174 4.45 20.89 13.67
C SER B 174 2.95 21.06 13.34
N LYS B 175 2.61 22.17 12.70
CA LYS B 175 1.25 22.44 12.23
C LYS B 175 1.04 21.87 10.83
N GLU B 176 1.93 22.19 9.85
CA GLU B 176 1.77 21.62 8.50
C GLU B 176 1.96 20.14 8.55
N VAL B 177 2.93 19.66 9.35
CA VAL B 177 3.21 18.22 9.43
C VAL B 177 3.40 17.65 8.03
N SER B 178 4.42 18.12 7.32
CA SER B 178 4.67 17.67 5.96
C SER B 178 5.12 16.22 5.99
N PRO B 179 5.15 15.55 4.81
CA PRO B 179 5.65 14.17 4.79
C PRO B 179 7.14 14.10 5.21
N VAL B 180 7.97 15.01 4.71
CA VAL B 180 9.35 15.12 5.24
C VAL B 180 9.35 15.25 6.79
N PHE B 181 8.41 16.04 7.33
CA PHE B 181 8.39 16.26 8.78
C PHE B 181 8.27 14.93 9.57
N VAL B 182 7.19 14.18 9.27
CA VAL B 182 7.05 12.82 9.76
C VAL B 182 8.34 12.04 9.60
N GLN B 183 8.88 12.03 8.38
CA GLN B 183 9.99 11.15 8.07
C GLN B 183 11.12 11.37 9.02
N LYS B 184 11.34 12.63 9.35
CA LYS B 184 12.46 12.98 10.24
C LYS B 184 12.20 12.50 11.68
N TRP B 185 11.04 12.77 12.22
CA TRP B 185 10.86 12.53 13.63
C TRP B 185 10.72 11.06 13.85
N GLN B 186 10.41 10.37 12.77
CA GLN B 186 10.39 8.94 12.77
C GLN B 186 11.85 8.40 12.86
N LYS B 187 12.80 9.03 12.16
CA LYS B 187 14.19 8.59 12.22
C LYS B 187 14.65 8.91 13.63
N GLU B 188 14.05 9.95 14.15
CA GLU B 188 14.38 10.46 15.46
C GLU B 188 13.76 9.55 16.52
N ALA B 189 12.50 9.17 16.32
CA ALA B 189 11.87 8.25 17.23
C ALA B 189 12.78 7.03 17.36
N GLU B 190 13.13 6.45 16.22
CA GLU B 190 13.79 5.17 16.28
C GLU B 190 15.23 5.24 16.70
N LYS B 191 15.92 6.36 16.48
CA LYS B 191 17.23 6.57 17.12
C LYS B 191 17.08 6.57 18.60
N LEU B 192 16.04 7.27 19.08
CA LEU B 192 15.79 7.38 20.51
C LEU B 192 15.56 6.02 21.11
N GLU B 193 14.73 5.25 20.40
CA GLU B 193 14.33 3.91 20.79
C GLU B 193 15.54 2.97 21.01
N PHE B 194 16.33 2.81 19.98
CA PHE B 194 17.54 2.07 20.08
C PHE B 194 18.30 2.46 21.36
N ALA B 195 18.34 3.73 21.73
CA ALA B 195 19.04 4.14 22.96
C ALA B 195 18.40 3.51 24.19
N LEU B 196 17.07 3.51 24.26
CA LEU B 196 16.35 2.82 25.34
C LEU B 196 16.67 1.30 25.58
N GLU B 205 15.01 3.65 34.52
CA GLU B 205 15.69 4.36 35.60
C GLU B 205 15.55 5.88 35.29
N GLU B 206 16.51 6.49 34.61
CA GLU B 206 16.26 7.76 33.93
C GLU B 206 16.03 7.51 32.38
N ARG B 207 16.03 6.21 31.99
CA ARG B 207 15.35 5.76 30.75
C ARG B 207 14.16 6.71 30.44
N GLN B 208 13.83 7.55 31.41
CA GLN B 208 12.60 8.31 31.44
C GLN B 208 12.66 9.45 30.44
N VAL B 209 13.76 10.21 30.47
CA VAL B 209 13.87 11.41 29.61
C VAL B 209 13.70 11.02 28.14
N LEU B 210 14.26 9.87 27.77
CA LEU B 210 14.05 9.28 26.45
C LEU B 210 12.58 8.89 26.26
N VAL B 211 11.96 8.24 27.22
CA VAL B 211 10.55 7.82 27.08
C VAL B 211 9.59 9.01 26.81
N ASP B 212 9.89 10.14 27.44
CA ASP B 212 9.14 11.33 27.15
C ASP B 212 9.42 11.86 25.73
N LYS B 213 10.69 12.01 25.37
CA LYS B 213 11.07 12.33 24.00
C LYS B 213 10.46 11.40 22.94
N ILE B 214 10.34 10.12 23.22
CA ILE B 214 9.69 9.24 22.27
C ILE B 214 8.21 9.61 22.25
N GLN B 215 7.72 9.99 23.43
CA GLN B 215 6.32 10.32 23.60
C GLN B 215 6.03 11.65 22.98
N ALA B 216 6.94 12.62 23.19
CA ALA B 216 6.86 13.93 22.53
C ALA B 216 6.60 13.74 21.02
N ILE B 217 7.52 13.00 20.39
CA ILE B 217 7.36 12.60 19.01
C ILE B 217 6.00 11.95 18.82
N LYS B 218 5.69 10.89 19.56
CA LYS B 218 4.42 10.17 19.31
C LYS B 218 3.23 11.11 19.27
N GLU B 219 3.17 12.03 20.21
CA GLU B 219 2.12 13.02 20.25
C GLU B 219 2.04 13.85 18.96
N VAL B 220 3.10 14.59 18.62
CA VAL B 220 3.07 15.53 17.51
C VAL B 220 2.71 14.88 16.18
N LEU B 221 3.02 13.60 16.05
CA LEU B 221 2.81 12.88 14.81
C LEU B 221 1.46 12.19 14.72
N HIS B 222 0.93 11.65 15.81
CA HIS B 222 -0.27 10.80 15.73
C HIS B 222 -1.30 11.30 14.70
N MET C 1 -4.76 -54.82 21.20
CA MET C 1 -5.67 -54.41 20.11
C MET C 1 -6.01 -52.86 20.19
N ILE C 2 -6.54 -52.35 21.30
CA ILE C 2 -7.35 -51.07 21.28
C ILE C 2 -6.71 -49.66 21.56
N SER C 3 -7.01 -48.68 20.69
CA SER C 3 -6.33 -47.36 20.65
C SER C 3 -6.09 -46.64 21.96
N LYS C 4 -5.08 -45.77 22.04
CA LYS C 4 -4.84 -45.06 23.32
C LYS C 4 -5.86 -43.97 23.61
N ARG C 5 -6.28 -43.24 22.57
CA ARG C 5 -7.37 -42.25 22.70
C ARG C 5 -8.66 -42.89 23.19
N LEU C 6 -9.25 -43.75 22.38
CA LEU C 6 -10.39 -44.56 22.80
C LEU C 6 -10.20 -45.23 24.13
N GLU C 7 -8.94 -45.42 24.50
CA GLU C 7 -8.61 -45.96 25.81
C GLU C 7 -9.09 -45.06 26.95
N LEU C 8 -8.78 -43.77 26.81
CA LEU C 8 -9.06 -42.73 27.79
C LEU C 8 -10.55 -42.51 27.90
N VAL C 9 -11.19 -42.15 26.78
CA VAL C 9 -12.65 -42.12 26.69
C VAL C 9 -13.21 -43.27 27.53
N ALA C 10 -12.90 -44.51 27.16
CA ALA C 10 -13.41 -45.70 27.88
C ALA C 10 -13.26 -45.54 29.37
N SER C 11 -12.08 -45.07 29.80
CA SER C 11 -11.79 -44.97 31.23
C SER C 11 -12.81 -44.14 32.04
N PHE C 12 -13.54 -43.22 31.41
CA PHE C 12 -14.53 -42.39 32.10
C PHE C 12 -15.91 -42.94 32.07
N VAL C 13 -16.09 -44.14 31.57
CA VAL C 13 -17.44 -44.61 31.40
C VAL C 13 -17.78 -45.34 32.67
N SER C 14 -18.79 -44.80 33.34
CA SER C 14 -19.37 -45.35 34.55
C SER C 14 -19.63 -46.85 34.52
N GLN C 15 -18.94 -47.51 35.44
CA GLN C 15 -19.10 -48.92 35.73
C GLN C 15 -20.59 -49.34 35.79
N GLY C 16 -20.99 -50.30 34.99
CA GLY C 16 -22.38 -50.82 35.03
C GLY C 16 -23.36 -50.21 34.03
N ALA C 17 -22.92 -49.13 33.34
CA ALA C 17 -23.77 -48.31 32.45
C ALA C 17 -24.45 -49.01 31.31
N ILE C 18 -25.31 -48.26 30.62
CA ILE C 18 -25.79 -48.67 29.34
C ILE C 18 -25.30 -47.62 28.35
N LEU C 19 -24.35 -47.99 27.47
CA LEU C 19 -23.67 -46.96 26.68
C LEU C 19 -24.33 -46.78 25.33
N LEU C 20 -24.34 -45.55 24.84
CA LEU C 20 -24.63 -45.29 23.45
C LEU C 20 -23.39 -44.60 22.89
N ASP C 21 -22.82 -45.21 21.85
CA ASP C 21 -21.63 -44.69 21.21
C ASP C 21 -22.11 -44.26 19.83
N VAL C 22 -21.92 -42.98 19.53
CA VAL C 22 -22.52 -42.32 18.38
C VAL C 22 -21.42 -42.19 17.40
N GLY C 23 -21.53 -42.86 16.26
CA GLY C 23 -20.44 -42.93 15.29
C GLY C 23 -19.30 -43.82 15.77
N SER C 24 -19.62 -44.96 16.40
CA SER C 24 -18.57 -45.89 16.75
C SER C 24 -18.38 -46.58 15.47
N ASP C 25 -17.45 -46.14 14.65
CA ASP C 25 -17.37 -46.97 13.50
C ASP C 25 -16.67 -48.18 14.03
N HIS C 26 -16.75 -49.29 13.35
CA HIS C 26 -16.08 -50.47 13.92
C HIS C 26 -16.43 -50.93 15.32
N ALA C 27 -17.23 -50.19 16.07
CA ALA C 27 -17.73 -50.63 17.40
C ALA C 27 -16.61 -51.00 18.40
N TYR C 28 -15.41 -50.47 18.19
CA TYR C 28 -14.28 -50.85 19.02
C TYR C 28 -14.59 -50.49 20.47
N LEU C 29 -15.03 -49.26 20.67
CA LEU C 29 -15.31 -48.79 22.03
C LEU C 29 -16.41 -49.58 22.86
N PRO C 30 -17.65 -49.65 22.35
CA PRO C 30 -18.55 -50.54 23.05
C PRO C 30 -17.98 -51.97 23.16
N ILE C 31 -17.28 -52.47 22.14
CA ILE C 31 -16.88 -53.87 22.18
C ILE C 31 -15.90 -54.10 23.33
N GLU C 32 -14.88 -53.24 23.41
CA GLU C 32 -13.97 -53.38 24.53
C GLU C 32 -14.74 -53.32 25.84
N LEU C 33 -15.71 -52.43 25.91
CA LEU C 33 -16.36 -52.16 27.18
C LEU C 33 -17.26 -53.32 27.65
N VAL C 34 -17.99 -53.94 26.72
CA VAL C 34 -18.77 -55.11 27.09
C VAL C 34 -17.79 -56.18 27.54
N GLU C 35 -16.65 -56.27 26.84
CA GLU C 35 -15.74 -57.36 27.10
C GLU C 35 -15.17 -57.33 28.51
N ARG C 36 -14.77 -56.17 29.01
CA ARG C 36 -14.15 -56.10 30.33
C ARG C 36 -15.19 -56.20 31.40
N GLY C 37 -16.44 -56.49 31.03
CA GLY C 37 -17.54 -56.36 31.98
C GLY C 37 -17.76 -54.95 32.58
N GLN C 38 -17.20 -53.89 31.97
CA GLN C 38 -17.38 -52.51 32.48
C GLN C 38 -18.79 -51.90 32.21
N ILE C 39 -19.52 -52.44 31.24
CA ILE C 39 -20.84 -51.96 30.97
C ILE C 39 -21.75 -53.14 30.84
N LYS C 40 -23.04 -52.88 30.96
CA LYS C 40 -24.01 -53.92 30.99
C LYS C 40 -24.22 -54.27 29.52
N SER C 41 -24.72 -53.32 28.72
CA SER C 41 -25.11 -53.52 27.31
C SER C 41 -24.84 -52.23 26.53
N ALA C 42 -24.93 -52.25 25.18
CA ALA C 42 -24.70 -51.00 24.42
C ALA C 42 -25.50 -50.80 23.13
N ILE C 43 -25.48 -49.57 22.64
CA ILE C 43 -26.00 -49.24 21.30
C ILE C 43 -24.89 -48.54 20.48
N ALA C 44 -24.54 -49.12 19.36
CA ALA C 44 -23.60 -48.46 18.50
C ALA C 44 -24.45 -47.91 17.41
N GLY C 45 -24.33 -46.61 17.18
CA GLY C 45 -25.10 -45.96 16.17
C GLY C 45 -24.16 -45.31 15.18
N GLU C 46 -24.46 -45.43 13.89
CA GLU C 46 -23.61 -44.88 12.86
C GLU C 46 -24.52 -44.28 11.82
N VAL C 47 -24.03 -43.37 10.98
CA VAL C 47 -24.94 -42.59 10.14
C VAL C 47 -24.91 -42.94 8.66
N VAL C 48 -23.85 -43.54 8.16
CA VAL C 48 -23.87 -44.07 6.81
C VAL C 48 -23.54 -45.54 6.77
N GLU C 49 -24.10 -46.19 5.74
CA GLU C 49 -24.03 -47.60 5.37
C GLU C 49 -22.67 -48.26 5.58
N GLY C 50 -21.64 -47.75 4.90
CA GLY C 50 -20.25 -48.13 5.14
C GLY C 50 -19.98 -48.46 6.61
N PRO C 51 -19.66 -47.45 7.43
CA PRO C 51 -19.38 -47.67 8.87
C PRO C 51 -20.43 -48.46 9.64
N TYR C 52 -21.71 -48.17 9.38
CA TYR C 52 -22.77 -48.95 9.99
C TYR C 52 -22.43 -50.44 9.81
N GLN C 53 -22.25 -50.87 8.55
CA GLN C 53 -22.01 -52.32 8.25
C GLN C 53 -20.77 -52.82 8.98
N SER C 54 -19.69 -52.06 8.87
CA SER C 54 -18.51 -52.38 9.63
C SER C 54 -18.92 -52.72 11.07
N ALA C 55 -19.49 -51.79 11.83
CA ALA C 55 -20.02 -52.10 13.18
C ALA C 55 -20.88 -53.38 13.27
N VAL C 56 -21.87 -53.54 12.39
CA VAL C 56 -22.72 -54.75 12.41
C VAL C 56 -21.86 -55.99 12.55
N LYS C 57 -20.82 -56.07 11.70
CA LYS C 57 -20.00 -57.24 11.52
C LYS C 57 -18.98 -57.59 12.54
N ASN C 58 -18.24 -56.58 12.99
CA ASN C 58 -17.34 -56.69 14.17
C ASN C 58 -18.03 -57.20 15.44
N VAL C 59 -19.29 -56.81 15.63
CA VAL C 59 -20.03 -57.16 16.82
C VAL C 59 -20.35 -58.61 16.70
N GLU C 60 -20.63 -59.06 15.48
CA GLU C 60 -20.97 -60.46 15.28
C GLU C 60 -19.71 -61.29 15.52
N ALA C 61 -18.59 -60.79 14.98
CA ALA C 61 -17.31 -61.46 15.06
C ALA C 61 -16.87 -61.60 16.50
N HIS C 62 -17.22 -60.63 17.34
CA HIS C 62 -16.95 -60.81 18.72
C HIS C 62 -18.11 -61.55 19.38
N GLY C 63 -19.05 -62.04 18.57
CA GLY C 63 -20.26 -62.71 19.06
C GLY C 63 -20.88 -61.98 20.23
N LEU C 64 -21.27 -60.74 20.00
CA LEU C 64 -21.97 -59.95 20.99
C LEU C 64 -23.29 -59.44 20.40
N LYS C 65 -23.74 -60.09 19.33
CA LYS C 65 -25.04 -59.84 18.72
C LYS C 65 -26.05 -59.66 19.84
N GLU C 66 -26.12 -60.57 20.80
CA GLU C 66 -27.14 -60.39 21.85
C GLU C 66 -26.84 -59.31 22.92
N LYS C 67 -25.80 -58.48 22.72
CA LYS C 67 -25.46 -57.46 23.73
C LYS C 67 -25.03 -56.09 23.18
N ILE C 68 -24.88 -55.97 21.87
CA ILE C 68 -24.67 -54.66 21.35
C ILE C 68 -25.61 -54.59 20.19
N GLN C 69 -26.31 -53.46 20.05
CA GLN C 69 -27.17 -53.27 18.88
C GLN C 69 -26.61 -52.15 18.01
N VAL C 70 -26.72 -52.34 16.71
CA VAL C 70 -26.11 -51.39 15.82
C VAL C 70 -27.25 -50.77 15.02
N ARG C 71 -27.34 -49.45 15.03
CA ARG C 71 -28.42 -48.78 14.35
C ARG C 71 -27.86 -47.77 13.37
N LEU C 72 -28.47 -47.74 12.18
CA LEU C 72 -28.16 -46.72 11.19
C LEU C 72 -29.07 -45.60 11.63
N ALA C 73 -28.50 -44.50 12.13
CA ALA C 73 -29.29 -43.38 12.61
C ALA C 73 -28.42 -42.18 12.58
N ASN C 74 -29.03 -41.03 12.48
CA ASN C 74 -28.25 -39.85 12.58
C ASN C 74 -28.22 -39.36 14.03
N GLY C 75 -27.03 -39.02 14.48
CA GLY C 75 -26.82 -38.60 15.85
C GLY C 75 -27.67 -39.38 16.82
N LEU C 76 -28.27 -38.63 17.74
CA LEU C 76 -29.08 -39.14 18.82
C LEU C 76 -30.34 -39.90 18.37
N ALA C 77 -30.65 -39.88 17.06
CA ALA C 77 -31.77 -40.68 16.56
C ALA C 77 -31.54 -42.14 16.94
N ALA C 78 -30.27 -42.53 16.96
CA ALA C 78 -29.81 -43.85 17.38
C ALA C 78 -30.42 -44.42 18.65
N PHE C 79 -31.01 -43.61 19.52
CA PHE C 79 -31.75 -44.19 20.65
C PHE C 79 -33.02 -43.43 21.05
N GLU C 80 -33.84 -44.10 21.87
CA GLU C 80 -35.07 -43.59 22.44
C GLU C 80 -35.02 -43.84 23.92
N GLU C 81 -35.98 -43.25 24.65
CA GLU C 81 -35.85 -43.16 26.10
C GLU C 81 -36.12 -44.50 26.73
N THR C 82 -36.69 -45.38 25.93
CA THR C 82 -36.97 -46.74 26.39
C THR C 82 -35.73 -47.64 26.44
N ASP C 83 -34.66 -47.20 25.79
CA ASP C 83 -33.39 -47.88 25.73
C ASP C 83 -32.58 -47.75 27.03
N GLN C 84 -33.03 -46.93 27.96
CA GLN C 84 -32.36 -46.90 29.28
C GLN C 84 -30.88 -46.48 29.24
N VAL C 85 -30.50 -45.68 28.25
CA VAL C 85 -29.11 -45.29 28.09
C VAL C 85 -28.66 -44.41 29.26
N SER C 86 -27.68 -44.84 30.06
CA SER C 86 -27.02 -43.93 31.04
C SER C 86 -25.78 -43.09 30.55
N VAL C 87 -24.91 -43.66 29.71
CA VAL C 87 -23.71 -42.90 29.27
C VAL C 87 -23.69 -42.80 27.75
N ILE C 88 -23.34 -41.65 27.20
CA ILE C 88 -23.17 -41.53 25.75
C ILE C 88 -21.77 -41.04 25.41
N THR C 89 -21.06 -41.81 24.60
CA THR C 89 -19.78 -41.36 24.12
C THR C 89 -20.01 -40.86 22.72
N ILE C 90 -19.36 -39.73 22.42
CA ILE C 90 -19.29 -39.17 21.06
C ILE C 90 -17.87 -38.75 20.71
N ALA C 91 -17.10 -39.64 20.07
CA ALA C 91 -15.65 -39.44 19.80
C ALA C 91 -15.24 -39.29 18.31
N GLY C 92 -14.21 -38.50 18.05
CA GLY C 92 -13.62 -38.44 16.73
C GLY C 92 -14.44 -37.61 15.77
N MET C 93 -14.83 -36.39 16.20
CA MET C 93 -15.65 -35.47 15.35
C MET C 93 -15.26 -34.04 15.54
N GLY C 94 -15.68 -33.18 14.63
CA GLY C 94 -15.60 -31.75 14.86
C GLY C 94 -16.38 -31.28 16.10
N GLY C 95 -15.81 -30.26 16.74
CA GLY C 95 -16.50 -29.55 17.81
C GLY C 95 -17.92 -29.23 17.40
N ARG C 96 -18.11 -28.51 16.30
CA ARG C 96 -19.48 -28.11 15.96
C ARG C 96 -20.44 -29.17 15.50
N LEU C 97 -19.93 -30.26 14.92
CA LEU C 97 -20.77 -31.41 14.70
C LEU C 97 -21.23 -32.05 16.03
N ILE C 98 -20.29 -32.20 16.97
CA ILE C 98 -20.68 -32.70 18.27
C ILE C 98 -21.79 -31.82 18.81
N ALA C 99 -21.65 -30.49 18.73
CA ALA C 99 -22.73 -29.55 19.14
C ALA C 99 -24.02 -29.73 18.33
N ARG C 100 -23.96 -29.58 16.99
CA ARG C 100 -25.11 -29.90 16.13
C ARG C 100 -25.80 -31.22 16.62
N ILE C 101 -25.05 -32.30 16.83
CA ILE C 101 -25.63 -33.57 17.26
C ILE C 101 -26.41 -33.49 18.57
N LEU C 102 -25.72 -33.09 19.64
CA LEU C 102 -26.34 -32.79 20.94
C LEU C 102 -27.47 -31.76 20.77
N GLU C 103 -27.21 -30.72 20.01
CA GLU C 103 -28.24 -29.75 19.73
C GLU C 103 -29.52 -30.39 19.14
N GLU C 104 -29.39 -31.18 18.05
CA GLU C 104 -30.55 -31.68 17.27
C GLU C 104 -31.32 -32.75 18.00
N GLY C 105 -30.88 -33.10 19.21
CA GLY C 105 -31.50 -34.20 19.94
C GLY C 105 -31.40 -33.89 21.41
N LEU C 106 -31.33 -32.58 21.69
CA LEU C 106 -31.25 -32.08 23.05
C LEU C 106 -32.37 -32.63 23.95
N GLY C 107 -33.56 -32.76 23.36
CA GLY C 107 -34.71 -33.43 23.96
C GLY C 107 -34.36 -34.69 24.73
N LYS C 108 -33.60 -35.58 24.08
CA LYS C 108 -33.40 -36.97 24.53
C LYS C 108 -32.53 -37.14 25.78
N LEU C 109 -31.95 -36.03 26.25
CA LEU C 109 -30.84 -36.11 27.18
C LEU C 109 -31.18 -36.10 28.67
N ALA C 110 -32.44 -35.78 29.01
CA ALA C 110 -32.82 -35.55 30.41
C ALA C 110 -32.46 -36.72 31.31
N ASN C 111 -32.75 -37.93 30.89
CA ASN C 111 -32.46 -39.05 31.79
C ASN C 111 -31.07 -39.68 31.58
N VAL C 112 -30.17 -38.94 30.94
CA VAL C 112 -28.82 -39.44 30.69
C VAL C 112 -27.86 -38.89 31.72
N GLU C 113 -27.23 -39.78 32.50
CA GLU C 113 -26.25 -39.37 33.50
C GLU C 113 -25.03 -38.67 32.91
N ARG C 114 -24.32 -39.36 32.01
CA ARG C 114 -23.01 -38.85 31.56
C ARG C 114 -22.76 -38.80 30.05
N LEU C 115 -21.89 -37.86 29.68
CA LEU C 115 -21.62 -37.49 28.33
C LEU C 115 -20.11 -37.37 28.09
N ILE C 116 -19.44 -38.44 27.67
CA ILE C 116 -18.02 -38.38 27.28
C ILE C 116 -17.82 -37.95 25.80
N LEU C 117 -17.19 -36.80 25.61
CA LEU C 117 -17.07 -36.15 24.28
C LEU C 117 -15.63 -35.85 23.91
N GLN C 118 -15.21 -36.37 22.76
CA GLN C 118 -13.88 -36.19 22.33
C GLN C 118 -13.95 -35.43 21.00
N PRO C 119 -13.91 -34.08 21.02
CA PRO C 119 -13.88 -33.36 19.72
C PRO C 119 -12.51 -33.43 19.04
N ASN C 120 -12.41 -32.88 17.82
CA ASN C 120 -11.16 -32.94 17.03
C ASN C 120 -10.66 -31.58 16.76
N ASN C 121 -11.27 -30.61 17.42
CA ASN C 121 -11.15 -29.24 17.01
C ASN C 121 -12.40 -28.50 17.51
N ARG C 122 -12.32 -27.17 17.50
CA ARG C 122 -13.45 -26.33 17.82
C ARG C 122 -13.89 -26.58 19.25
N GLU C 123 -12.95 -26.99 20.12
CA GLU C 123 -13.25 -27.32 21.51
C GLU C 123 -13.89 -26.15 22.27
N ASP C 124 -13.41 -24.92 22.03
CA ASP C 124 -14.13 -23.76 22.58
C ASP C 124 -15.63 -23.69 22.23
N ASP C 125 -15.96 -23.56 20.94
CA ASP C 125 -17.36 -23.60 20.51
C ASP C 125 -18.21 -24.70 21.12
N LEU C 126 -17.65 -25.88 21.35
CA LEU C 126 -18.42 -26.89 22.03
C LEU C 126 -18.68 -26.38 23.43
N ARG C 127 -17.64 -25.88 24.07
CA ARG C 127 -17.74 -25.44 25.46
C ARG C 127 -18.80 -24.34 25.62
N ILE C 128 -18.73 -23.32 24.76
CA ILE C 128 -19.78 -22.30 24.71
C ILE C 128 -21.16 -23.00 24.58
N TRP C 129 -21.34 -23.84 23.56
CA TRP C 129 -22.54 -24.68 23.49
C TRP C 129 -22.91 -25.39 24.81
N LEU C 130 -22.00 -26.14 25.39
CA LEU C 130 -22.42 -26.97 26.48
C LEU C 130 -22.84 -26.07 27.63
N GLN C 131 -22.27 -24.86 27.66
CA GLN C 131 -22.56 -23.94 28.76
C GLN C 131 -24.00 -23.47 28.63
N ASP C 132 -24.27 -22.83 27.50
CA ASP C 132 -25.55 -22.29 27.12
C ASP C 132 -26.75 -23.22 27.05
N HIS C 133 -26.57 -24.48 27.44
CA HIS C 133 -27.62 -25.42 27.24
C HIS C 133 -27.71 -26.27 28.45
N GLY C 134 -27.18 -25.73 29.54
CA GLY C 134 -27.40 -26.30 30.86
C GLY C 134 -26.61 -27.56 31.10
N PHE C 135 -25.36 -27.53 30.65
CA PHE C 135 -24.41 -28.61 30.89
C PHE C 135 -23.21 -28.04 31.55
N GLN C 136 -22.67 -28.81 32.49
CA GLN C 136 -21.38 -28.47 33.10
C GLN C 136 -20.34 -29.55 32.86
N ILE C 137 -19.09 -29.13 32.66
CA ILE C 137 -17.96 -30.09 32.54
C ILE C 137 -17.52 -30.53 33.93
N VAL C 138 -17.34 -31.83 34.13
CA VAL C 138 -16.87 -32.32 35.42
C VAL C 138 -15.46 -32.96 35.35
N ALA C 139 -14.86 -33.00 34.16
CA ALA C 139 -13.57 -33.68 33.97
C ALA C 139 -13.04 -33.48 32.55
N GLU C 140 -11.74 -33.22 32.44
CA GLU C 140 -11.08 -33.03 31.16
C GLU C 140 -9.71 -33.75 31.09
N SER C 141 -9.50 -34.59 30.11
CA SER C 141 -8.17 -35.07 29.96
C SER C 141 -7.72 -34.78 28.55
N ILE C 142 -6.43 -34.94 28.30
CA ILE C 142 -5.85 -34.62 27.02
C ILE C 142 -4.77 -35.61 26.75
N LEU C 143 -4.37 -35.73 25.50
CA LEU C 143 -3.40 -36.73 25.18
C LEU C 143 -2.88 -36.45 23.80
N GLU C 144 -1.70 -37.00 23.53
CA GLU C 144 -1.13 -36.96 22.22
C GLU C 144 -1.13 -38.41 21.73
N GLU C 145 -1.31 -38.59 20.43
CA GLU C 145 -1.20 -39.90 19.85
C GLU C 145 -0.77 -39.64 18.45
N ALA C 146 0.45 -40.06 18.12
CA ALA C 146 0.89 -40.13 16.72
C ALA C 146 0.85 -38.75 16.08
N GLY C 147 1.37 -37.79 16.80
CA GLY C 147 1.45 -36.43 16.27
C GLY C 147 0.28 -35.59 16.68
N LYS C 148 -0.93 -36.15 16.59
CA LYS C 148 -2.14 -35.39 16.85
C LYS C 148 -2.47 -35.18 18.36
N PHE C 149 -3.10 -34.05 18.68
CA PHE C 149 -3.61 -33.73 20.05
C PHE C 149 -5.13 -33.95 20.18
N TYR C 150 -5.55 -34.50 21.32
CA TYR C 150 -6.93 -34.85 21.49
C TYR C 150 -7.38 -34.49 22.86
N GLU C 151 -8.34 -33.56 22.92
CA GLU C 151 -9.05 -33.24 24.16
C GLU C 151 -10.22 -34.20 24.38
N ILE C 152 -10.52 -34.46 25.63
CA ILE C 152 -11.70 -35.25 26.00
C ILE C 152 -12.49 -34.49 27.08
N LEU C 153 -13.79 -34.29 26.86
CA LEU C 153 -14.62 -33.55 27.82
C LEU C 153 -15.62 -34.51 28.46
N VAL C 154 -15.63 -34.54 29.80
CA VAL C 154 -16.68 -35.23 30.55
C VAL C 154 -17.74 -34.25 31.07
N VAL C 155 -19.02 -34.57 30.91
CA VAL C 155 -20.06 -33.58 31.12
C VAL C 155 -21.28 -34.20 31.78
N GLU C 156 -21.86 -33.48 32.74
CA GLU C 156 -23.15 -33.87 33.32
C GLU C 156 -24.16 -32.73 33.34
N ALA C 157 -25.38 -33.05 33.83
CA ALA C 157 -26.49 -32.07 34.02
C ALA C 157 -26.04 -30.97 34.99
N GLY C 158 -26.16 -29.71 34.60
CA GLY C 158 -25.64 -28.66 35.47
C GLY C 158 -25.42 -27.30 34.87
N GLN C 159 -25.07 -26.35 35.72
CA GLN C 159 -24.70 -25.03 35.28
C GLN C 159 -23.21 -24.88 35.46
N MET C 160 -22.66 -23.97 34.66
CA MET C 160 -21.28 -23.59 34.73
C MET C 160 -21.19 -22.23 34.05
N LYS C 161 -20.38 -21.34 34.63
CA LYS C 161 -20.12 -20.02 34.06
C LYS C 161 -18.61 -19.96 33.94
N LEU C 162 -18.12 -20.09 32.71
CA LEU C 162 -16.69 -20.27 32.44
C LEU C 162 -16.06 -18.95 32.04
N SER C 163 -14.77 -18.80 32.37
CA SER C 163 -13.99 -17.64 31.92
C SER C 163 -13.59 -17.84 30.47
N ALA C 164 -13.43 -16.75 29.73
CA ALA C 164 -12.98 -16.81 28.35
C ALA C 164 -11.60 -17.50 28.17
N SER C 165 -10.87 -17.71 29.27
CA SER C 165 -9.68 -18.54 29.19
C SER C 165 -10.07 -19.99 29.36
N ASP C 166 -11.06 -20.27 30.22
CA ASP C 166 -11.54 -21.66 30.39
C ASP C 166 -12.20 -22.24 29.13
N VAL C 167 -12.83 -21.37 28.36
CA VAL C 167 -13.42 -21.80 27.12
C VAL C 167 -12.32 -22.18 26.10
N ARG C 168 -11.37 -21.26 25.90
CA ARG C 168 -10.23 -21.47 25.00
C ARG C 168 -9.25 -22.59 25.44
N PHE C 169 -9.11 -22.88 26.74
CA PHE C 169 -8.10 -23.83 27.18
C PHE C 169 -8.64 -24.96 28.03
N GLY C 170 -9.80 -24.77 28.63
CA GLY C 170 -10.42 -25.82 29.43
C GLY C 170 -10.16 -25.77 30.94
N PRO C 171 -11.22 -25.54 31.73
CA PRO C 171 -11.32 -25.62 33.19
C PRO C 171 -10.39 -26.63 33.85
N PHE C 172 -10.51 -27.91 33.51
CA PHE C 172 -9.70 -28.93 34.19
C PHE C 172 -8.34 -29.16 33.53
N LEU C 173 -8.21 -28.82 32.25
CA LEU C 173 -6.96 -28.98 31.49
C LEU C 173 -5.93 -27.93 31.91
N SER C 174 -6.40 -26.69 32.02
CA SER C 174 -5.55 -25.54 32.28
C SER C 174 -5.41 -25.26 33.79
N LYS C 175 -5.68 -26.28 34.60
CA LYS C 175 -5.57 -26.24 36.05
C LYS C 175 -4.62 -27.33 36.49
N GLU C 176 -4.77 -28.56 36.00
CA GLU C 176 -3.66 -29.52 36.17
C GLU C 176 -2.59 -29.32 35.08
N VAL C 177 -2.62 -28.17 34.38
CA VAL C 177 -1.65 -27.79 33.32
C VAL C 177 -0.55 -28.83 33.04
N SER C 178 -0.86 -29.93 32.34
CA SER C 178 0.07 -31.09 32.15
C SER C 178 1.17 -30.91 31.04
N PRO C 179 2.08 -31.91 30.90
CA PRO C 179 3.09 -31.80 29.85
C PRO C 179 2.45 -31.71 28.47
N VAL C 180 1.46 -32.59 28.20
CA VAL C 180 0.78 -32.64 26.90
C VAL C 180 0.04 -31.33 26.63
N PHE C 181 -0.60 -30.81 27.68
CA PHE C 181 -1.20 -29.47 27.61
C PHE C 181 -0.20 -28.41 27.19
N VAL C 182 0.94 -28.40 27.89
CA VAL C 182 2.02 -27.46 27.62
C VAL C 182 2.57 -27.61 26.19
N GLN C 183 2.72 -28.83 25.73
CA GLN C 183 3.30 -29.01 24.42
C GLN C 183 2.36 -28.44 23.33
N LYS C 184 1.07 -28.79 23.41
CA LYS C 184 0.07 -28.36 22.44
C LYS C 184 0.11 -26.86 22.22
N TRP C 185 -0.09 -26.14 23.31
CA TRP C 185 -0.34 -24.70 23.26
C TRP C 185 0.94 -23.91 22.99
N GLN C 186 2.06 -24.41 23.51
CA GLN C 186 3.40 -24.00 23.13
C GLN C 186 3.57 -24.09 21.62
N LYS C 187 3.24 -25.25 21.06
CA LYS C 187 3.45 -25.47 19.63
C LYS C 187 2.54 -24.56 18.83
N GLU C 188 1.39 -24.28 19.44
CA GLU C 188 0.39 -23.39 18.87
C GLU C 188 0.83 -21.96 18.95
N ALA C 189 1.53 -21.62 20.04
CA ALA C 189 2.10 -20.28 20.25
C ALA C 189 3.11 -19.91 19.13
N GLU C 190 4.13 -20.76 18.92
CA GLU C 190 5.04 -20.56 17.77
C GLU C 190 4.31 -20.43 16.40
N LYS C 191 3.36 -21.33 16.10
CA LYS C 191 2.50 -21.25 14.88
C LYS C 191 2.01 -19.82 14.65
N LEU C 192 1.69 -19.13 15.74
CA LEU C 192 1.08 -17.80 15.69
C LEU C 192 2.12 -16.68 15.60
N GLU C 193 3.09 -16.70 16.53
CA GLU C 193 4.28 -15.85 16.51
C GLU C 193 4.89 -15.89 15.12
N PHE C 194 4.92 -17.09 14.54
CA PHE C 194 5.39 -17.26 13.18
C PHE C 194 4.61 -16.34 12.25
N ALA C 195 3.28 -16.40 12.37
CA ALA C 195 2.29 -15.67 11.54
C ALA C 195 2.48 -14.16 11.29
N LEU C 196 2.87 -13.40 12.30
CA LEU C 196 3.02 -11.92 12.15
C LEU C 196 3.43 -11.27 10.78
N GLU C 205 -2.23 -4.67 11.50
CA GLU C 205 -2.91 -3.99 12.59
C GLU C 205 -3.99 -4.88 13.27
N GLU C 206 -4.70 -5.68 12.45
CA GLU C 206 -5.51 -6.88 12.84
C GLU C 206 -4.51 -8.04 13.09
N ARG C 207 -3.22 -7.72 12.85
CA ARG C 207 -2.06 -8.36 13.48
C ARG C 207 -2.31 -8.23 15.01
N GLN C 208 -3.58 -8.37 15.37
CA GLN C 208 -4.10 -7.92 16.63
C GLN C 208 -4.65 -9.08 17.39
N VAL C 209 -5.54 -9.82 16.74
CA VAL C 209 -6.12 -11.03 17.30
C VAL C 209 -4.99 -11.94 17.84
N LEU C 210 -3.98 -12.18 17.00
CA LEU C 210 -2.85 -13.05 17.32
C LEU C 210 -2.13 -12.58 18.58
N VAL C 211 -1.70 -11.32 18.62
CA VAL C 211 -1.03 -10.82 19.82
C VAL C 211 -1.71 -11.34 21.08
N ASP C 212 -3.01 -11.05 21.23
CA ASP C 212 -3.77 -11.34 22.45
C ASP C 212 -3.97 -12.83 22.64
N LYS C 213 -4.23 -13.51 21.50
CA LYS C 213 -4.23 -14.96 21.40
C LYS C 213 -2.90 -15.53 21.96
N ILE C 214 -1.77 -15.07 21.36
CA ILE C 214 -0.39 -15.41 21.75
C ILE C 214 -0.16 -15.10 23.21
N GLN C 215 -0.58 -13.89 23.58
CA GLN C 215 -0.54 -13.41 24.95
C GLN C 215 -1.33 -14.29 25.90
N ALA C 216 -2.47 -14.78 25.41
CA ALA C 216 -3.35 -15.63 26.19
C ALA C 216 -2.64 -16.93 26.53
N ILE C 217 -1.97 -17.48 25.52
CA ILE C 217 -1.30 -18.77 25.66
C ILE C 217 -0.15 -18.65 26.62
N LYS C 218 0.61 -17.56 26.49
CA LYS C 218 1.68 -17.21 27.45
C LYS C 218 1.13 -17.11 28.88
N GLU C 219 0.00 -16.45 29.00
CA GLU C 219 -0.68 -16.27 30.27
C GLU C 219 -1.10 -17.57 30.99
N VAL C 220 -1.55 -18.57 30.26
CA VAL C 220 -2.08 -19.76 30.91
C VAL C 220 -0.99 -20.83 31.13
N LEU C 221 0.14 -20.63 30.46
CA LEU C 221 1.34 -21.46 30.65
C LEU C 221 2.26 -20.94 31.77
N HIS C 222 2.43 -19.60 31.79
CA HIS C 222 3.35 -18.86 32.67
C HIS C 222 3.82 -19.61 33.94
N MET D 1 -28.36 -27.88 10.10
CA MET D 1 -27.37 -27.20 9.19
C MET D 1 -27.36 -27.76 7.77
N ILE D 2 -27.90 -28.96 7.57
CA ILE D 2 -27.89 -29.63 6.25
C ILE D 2 -29.34 -30.06 5.89
N SER D 3 -29.85 -29.70 4.71
CA SER D 3 -31.20 -30.17 4.31
C SER D 3 -31.26 -31.68 4.29
N LYS D 4 -32.47 -32.20 4.31
CA LYS D 4 -32.66 -33.63 4.14
C LYS D 4 -32.15 -34.04 2.74
N ARG D 5 -32.52 -33.25 1.73
CA ARG D 5 -31.94 -33.37 0.41
C ARG D 5 -30.43 -33.44 0.47
N LEU D 6 -29.78 -32.42 1.01
CA LEU D 6 -28.34 -32.51 1.06
C LEU D 6 -27.80 -33.67 1.95
N GLU D 7 -28.51 -34.06 3.02
CA GLU D 7 -28.04 -35.18 3.84
C GLU D 7 -28.05 -36.44 2.97
N LEU D 8 -29.20 -36.73 2.37
CA LEU D 8 -29.28 -37.77 1.32
C LEU D 8 -28.11 -37.82 0.28
N VAL D 9 -27.68 -36.68 -0.24
CA VAL D 9 -26.60 -36.66 -1.20
C VAL D 9 -25.32 -37.07 -0.53
N ALA D 10 -25.09 -36.52 0.65
CA ALA D 10 -23.94 -36.87 1.46
C ALA D 10 -23.87 -38.38 1.81
N SER D 11 -25.00 -39.09 1.80
CA SER D 11 -25.05 -40.42 2.36
C SER D 11 -24.44 -41.45 1.47
N PHE D 12 -24.10 -41.03 0.26
CA PHE D 12 -23.46 -41.85 -0.78
C PHE D 12 -22.00 -41.43 -1.05
N VAL D 13 -21.52 -40.30 -0.54
CA VAL D 13 -20.07 -40.01 -0.56
C VAL D 13 -19.30 -41.05 0.30
N SER D 14 -18.73 -42.09 -0.31
CA SER D 14 -18.17 -43.22 0.47
C SER D 14 -16.85 -42.85 1.12
N GLN D 15 -16.57 -43.52 2.25
CA GLN D 15 -15.41 -43.28 3.13
C GLN D 15 -14.10 -43.07 2.38
N GLY D 16 -13.45 -41.95 2.62
CA GLY D 16 -12.17 -41.71 1.99
C GLY D 16 -12.28 -40.52 1.08
N ALA D 17 -12.83 -40.75 -0.10
CA ALA D 17 -13.15 -39.67 -0.99
C ALA D 17 -12.44 -38.33 -0.72
N ILE D 18 -11.45 -38.03 -1.53
CA ILE D 18 -11.10 -36.64 -1.70
C ILE D 18 -12.28 -36.16 -2.58
N LEU D 19 -13.16 -35.33 -2.01
CA LEU D 19 -14.40 -34.91 -2.69
C LEU D 19 -14.20 -33.64 -3.47
N LEU D 20 -15.03 -33.42 -4.50
CA LEU D 20 -15.21 -32.10 -5.11
C LEU D 20 -16.68 -31.79 -5.06
N ASP D 21 -17.03 -30.56 -4.78
CA ASP D 21 -18.43 -30.22 -4.81
C ASP D 21 -18.56 -29.02 -5.68
N VAL D 22 -19.25 -29.19 -6.81
CA VAL D 22 -19.34 -28.17 -7.86
C VAL D 22 -20.57 -27.32 -7.69
N GLY D 23 -20.39 -26.01 -7.52
CA GLY D 23 -21.55 -25.14 -7.29
C GLY D 23 -22.09 -25.54 -5.93
N SER D 24 -21.16 -25.56 -4.98
CA SER D 24 -21.32 -26.08 -3.61
C SER D 24 -22.04 -25.11 -2.67
N ASP D 25 -23.36 -25.24 -2.60
CA ASP D 25 -24.22 -24.47 -1.67
C ASP D 25 -23.64 -24.11 -0.26
N HIS D 26 -23.24 -22.86 -0.13
CA HIS D 26 -22.52 -22.35 1.05
C HIS D 26 -21.39 -23.22 1.60
N ALA D 27 -21.01 -24.29 0.89
CA ALA D 27 -19.96 -25.23 1.36
C ALA D 27 -20.40 -26.13 2.51
N TYR D 28 -21.70 -26.07 2.85
CA TYR D 28 -22.26 -26.85 3.95
C TYR D 28 -21.94 -28.32 3.80
N LEU D 29 -22.21 -28.86 2.59
CA LEU D 29 -21.94 -30.26 2.31
C LEU D 29 -20.47 -30.70 2.56
N PRO D 30 -19.48 -30.08 1.89
CA PRO D 30 -18.19 -30.64 2.29
C PRO D 30 -17.84 -30.35 3.77
N ILE D 31 -18.30 -29.21 4.32
CA ILE D 31 -18.07 -28.94 5.76
C ILE D 31 -18.61 -30.13 6.53
N GLU D 32 -19.86 -30.47 6.26
CA GLU D 32 -20.50 -31.54 7.02
C GLU D 32 -19.68 -32.83 6.87
N LEU D 33 -19.21 -33.11 5.65
CA LEU D 33 -18.51 -34.36 5.43
C LEU D 33 -17.14 -34.43 6.13
N VAL D 34 -16.48 -33.28 6.17
CA VAL D 34 -15.18 -33.22 6.82
C VAL D 34 -15.32 -33.44 8.33
N GLU D 35 -16.18 -32.62 8.93
CA GLU D 35 -16.55 -32.73 10.33
C GLU D 35 -16.86 -34.15 10.76
N ARG D 36 -17.54 -34.91 9.93
CA ARG D 36 -17.97 -36.19 10.45
C ARG D 36 -16.95 -37.26 10.24
N GLY D 37 -15.80 -36.84 9.72
CA GLY D 37 -14.67 -37.71 9.37
C GLY D 37 -14.94 -38.72 8.27
N GLN D 38 -15.84 -38.37 7.34
CA GLN D 38 -16.27 -39.26 6.26
C GLN D 38 -15.32 -39.11 5.06
N ILE D 39 -14.63 -37.98 5.02
CA ILE D 39 -13.75 -37.73 3.89
C ILE D 39 -12.37 -37.16 4.25
N LYS D 40 -11.38 -37.67 3.52
CA LYS D 40 -9.97 -37.29 3.59
C LYS D 40 -9.77 -35.83 3.13
N SER D 41 -10.84 -35.10 2.78
CA SER D 41 -10.80 -33.65 2.39
C SER D 41 -11.68 -33.29 1.18
N ALA D 42 -11.72 -32.02 0.79
CA ALA D 42 -12.66 -31.61 -0.24
C ALA D 42 -12.30 -30.31 -0.94
N ILE D 43 -12.86 -30.14 -2.14
CA ILE D 43 -12.67 -28.92 -2.89
C ILE D 43 -14.02 -28.40 -3.29
N ALA D 44 -14.27 -27.13 -3.04
CA ALA D 44 -15.56 -26.56 -3.40
C ALA D 44 -15.45 -25.76 -4.68
N GLY D 45 -16.28 -26.13 -5.64
CA GLY D 45 -16.35 -25.47 -6.93
C GLY D 45 -17.18 -24.22 -6.76
N GLU D 46 -16.50 -23.09 -6.81
CA GLU D 46 -17.20 -21.84 -6.75
C GLU D 46 -16.91 -20.95 -7.99
N VAL D 47 -18.01 -20.56 -8.63
CA VAL D 47 -18.04 -19.83 -9.90
C VAL D 47 -18.11 -18.27 -9.75
N VAL D 48 -19.25 -17.72 -9.31
CA VAL D 48 -19.50 -16.26 -9.37
C VAL D 48 -18.90 -15.42 -8.21
N GLU D 49 -19.55 -14.29 -7.88
CA GLU D 49 -19.11 -13.38 -6.81
C GLU D 49 -19.67 -13.81 -5.45
N GLY D 50 -20.91 -13.39 -5.21
CA GLY D 50 -21.68 -13.63 -3.98
C GLY D 50 -21.35 -14.92 -3.27
N PRO D 51 -22.16 -15.98 -3.50
CA PRO D 51 -21.89 -17.24 -2.80
C PRO D 51 -20.50 -17.93 -3.01
N TYR D 52 -19.60 -17.35 -3.81
CA TYR D 52 -18.19 -17.78 -3.73
C TYR D 52 -17.68 -17.40 -2.35
N GLN D 53 -17.98 -16.14 -1.99
CA GLN D 53 -17.62 -15.50 -0.72
C GLN D 53 -18.08 -16.39 0.43
N SER D 54 -19.40 -16.43 0.59
CA SER D 54 -20.08 -17.26 1.56
C SER D 54 -19.27 -18.53 1.86
N ALA D 55 -19.10 -19.41 0.87
CA ALA D 55 -18.36 -20.65 1.02
C ALA D 55 -17.17 -20.50 1.99
N VAL D 56 -16.17 -19.73 1.58
CA VAL D 56 -14.95 -19.56 2.40
C VAL D 56 -15.24 -18.98 3.78
N LYS D 57 -16.38 -18.28 3.95
CA LYS D 57 -16.88 -17.92 5.29
C LYS D 57 -16.91 -19.14 6.21
N ASN D 58 -17.99 -19.91 6.06
CA ASN D 58 -18.23 -21.17 6.77
C ASN D 58 -17.00 -22.07 6.82
N VAL D 59 -16.23 -22.15 5.74
CA VAL D 59 -15.02 -22.98 5.73
C VAL D 59 -14.15 -22.64 6.93
N GLU D 60 -13.98 -21.33 7.16
CA GLU D 60 -13.26 -20.83 8.33
C GLU D 60 -14.16 -20.73 9.53
N ALA D 61 -15.36 -20.15 9.39
CA ALA D 61 -16.32 -20.19 10.51
C ALA D 61 -16.45 -21.59 11.14
N HIS D 62 -15.96 -22.63 10.47
CA HIS D 62 -15.80 -23.98 11.07
C HIS D 62 -14.33 -24.40 11.19
N GLY D 63 -13.44 -23.48 10.85
CA GLY D 63 -11.99 -23.66 10.92
C GLY D 63 -11.41 -24.76 10.04
N LEU D 64 -11.74 -24.71 8.74
CA LEU D 64 -11.37 -25.83 7.87
C LEU D 64 -10.49 -25.50 6.63
N LYS D 65 -9.55 -24.57 6.79
CA LYS D 65 -8.48 -24.35 5.82
C LYS D 65 -7.83 -25.62 5.33
N GLU D 66 -6.92 -26.23 6.07
CA GLU D 66 -6.16 -27.31 5.42
C GLU D 66 -6.88 -28.67 5.30
N LYS D 67 -8.20 -28.61 5.07
CA LYS D 67 -9.03 -29.79 4.75
C LYS D 67 -10.07 -29.52 3.62
N ILE D 68 -10.51 -28.27 3.48
CA ILE D 68 -11.48 -27.91 2.47
C ILE D 68 -10.96 -26.72 1.70
N GLN D 69 -10.50 -26.92 0.45
CA GLN D 69 -10.14 -25.78 -0.42
C GLN D 69 -11.36 -25.26 -1.19
N VAL D 70 -11.64 -23.97 -1.13
CA VAL D 70 -12.38 -23.36 -2.23
C VAL D 70 -11.37 -23.28 -3.41
N ARG D 71 -11.90 -23.38 -4.63
CA ARG D 71 -11.25 -22.83 -5.82
C ARG D 71 -12.30 -22.01 -6.57
N LEU D 72 -11.94 -20.83 -7.05
CA LEU D 72 -12.87 -20.16 -7.96
C LEU D 72 -12.53 -20.58 -9.40
N ALA D 73 -13.52 -21.23 -10.02
CA ALA D 73 -13.45 -21.79 -11.38
C ALA D 73 -14.89 -21.98 -11.88
N ASN D 74 -15.04 -22.57 -13.06
CA ASN D 74 -16.33 -22.58 -13.75
C ASN D 74 -16.66 -24.00 -14.18
N GLY D 75 -17.90 -24.41 -13.88
CA GLY D 75 -18.27 -25.82 -13.95
C GLY D 75 -17.19 -26.61 -13.24
N LEU D 76 -16.54 -27.52 -13.94
CA LEU D 76 -15.46 -28.30 -13.35
C LEU D 76 -14.09 -27.97 -13.86
N ALA D 77 -13.90 -26.70 -14.21
CA ALA D 77 -12.54 -26.14 -14.30
C ALA D 77 -11.89 -26.42 -12.92
N ALA D 78 -12.46 -25.76 -11.90
CA ALA D 78 -12.36 -26.11 -10.46
C ALA D 78 -11.52 -27.32 -9.99
N PHE D 79 -11.20 -28.29 -10.85
CA PHE D 79 -10.28 -29.34 -10.43
C PHE D 79 -9.37 -29.94 -11.50
N GLU D 80 -8.21 -30.42 -11.03
CA GLU D 80 -7.15 -30.99 -11.89
C GLU D 80 -6.91 -32.45 -11.61
N GLU D 81 -6.21 -33.08 -12.55
CA GLU D 81 -5.89 -34.49 -12.48
C GLU D 81 -5.31 -34.85 -11.14
N THR D 82 -4.55 -33.87 -10.64
CA THR D 82 -3.61 -34.04 -9.53
C THR D 82 -4.27 -34.15 -8.12
N ASP D 83 -5.29 -33.30 -7.87
CA ASP D 83 -6.04 -33.23 -6.62
C ASP D 83 -6.49 -34.58 -6.08
N GLN D 84 -6.53 -35.58 -6.96
CA GLN D 84 -6.69 -36.96 -6.53
C GLN D 84 -8.12 -37.21 -6.05
N VAL D 85 -9.05 -36.43 -6.63
CA VAL D 85 -10.48 -36.38 -6.29
C VAL D 85 -11.24 -37.63 -6.63
N SER D 86 -11.53 -38.48 -5.64
CA SER D 86 -12.14 -39.79 -5.94
C SER D 86 -13.70 -39.79 -6.12
N VAL D 87 -14.36 -38.62 -5.98
CA VAL D 87 -15.84 -38.53 -5.87
C VAL D 87 -16.36 -37.11 -6.14
N ILE D 88 -17.27 -36.97 -7.10
CA ILE D 88 -17.81 -35.64 -7.40
C ILE D 88 -19.33 -35.56 -7.22
N THR D 89 -19.78 -34.43 -6.69
CA THR D 89 -21.20 -34.14 -6.50
C THR D 89 -21.58 -32.89 -7.29
N ILE D 90 -22.74 -32.94 -7.93
CA ILE D 90 -23.27 -31.76 -8.58
C ILE D 90 -24.71 -31.74 -8.18
N ALA D 91 -25.09 -30.76 -7.34
CA ALA D 91 -26.50 -30.67 -6.94
C ALA D 91 -27.27 -29.37 -7.32
N GLY D 92 -28.58 -29.41 -7.07
CA GLY D 92 -29.47 -28.30 -7.42
C GLY D 92 -29.12 -27.49 -8.66
N MET D 93 -28.81 -28.19 -9.75
CA MET D 93 -28.67 -27.66 -11.10
C MET D 93 -29.55 -28.42 -12.06
N GLY D 94 -29.86 -27.79 -13.20
CA GLY D 94 -30.70 -28.39 -14.20
C GLY D 94 -30.08 -29.63 -14.79
N GLY D 95 -30.95 -30.51 -15.28
CA GLY D 95 -30.53 -31.80 -15.82
C GLY D 95 -29.36 -31.71 -16.75
N ARG D 96 -29.53 -30.93 -17.82
CA ARG D 96 -28.61 -30.96 -18.91
C ARG D 96 -27.46 -30.03 -18.70
N LEU D 97 -27.56 -29.14 -17.71
CA LEU D 97 -26.37 -28.39 -17.32
C LEU D 97 -25.39 -29.36 -16.67
N ILE D 98 -25.88 -30.23 -15.79
CA ILE D 98 -25.04 -31.30 -15.17
C ILE D 98 -24.40 -32.13 -16.25
N ALA D 99 -25.17 -32.36 -17.31
CA ALA D 99 -24.67 -33.01 -18.52
C ALA D 99 -23.54 -32.19 -19.17
N ARG D 100 -23.87 -30.97 -19.59
CA ARG D 100 -22.88 -30.12 -20.21
C ARG D 100 -21.62 -29.99 -19.34
N ILE D 101 -21.80 -29.81 -18.03
CA ILE D 101 -20.67 -29.64 -17.10
C ILE D 101 -19.79 -30.89 -17.13
N LEU D 102 -20.41 -32.04 -16.95
CA LEU D 102 -19.71 -33.31 -16.99
C LEU D 102 -19.01 -33.47 -18.32
N GLU D 103 -19.68 -32.98 -19.38
CA GLU D 103 -19.16 -33.12 -20.73
C GLU D 103 -17.94 -32.25 -20.99
N GLU D 104 -18.10 -30.94 -20.80
CA GLU D 104 -17.00 -30.02 -21.03
C GLU D 104 -15.79 -30.21 -20.13
N GLY D 105 -15.75 -31.34 -19.42
CA GLY D 105 -14.60 -31.74 -18.64
C GLY D 105 -14.35 -33.24 -18.66
N LEU D 106 -15.03 -33.95 -19.54
CA LEU D 106 -15.05 -35.41 -19.50
C LEU D 106 -13.72 -36.15 -19.33
N GLY D 107 -12.64 -35.64 -19.95
CA GLY D 107 -11.29 -36.25 -19.83
C GLY D 107 -10.79 -36.56 -18.42
N LYS D 108 -10.88 -35.54 -17.54
CA LYS D 108 -10.61 -35.65 -16.10
C LYS D 108 -11.34 -36.83 -15.44
N LEU D 109 -12.67 -36.78 -15.42
CA LEU D 109 -13.51 -37.77 -14.73
C LEU D 109 -13.11 -39.24 -14.86
N ALA D 110 -12.06 -39.54 -15.63
CA ALA D 110 -11.71 -40.95 -15.89
C ALA D 110 -11.15 -41.56 -14.64
N ASN D 111 -10.58 -40.73 -13.78
CA ASN D 111 -9.98 -41.24 -12.53
C ASN D 111 -10.90 -41.29 -11.30
N VAL D 112 -11.84 -40.33 -11.25
CA VAL D 112 -12.92 -40.27 -10.27
C VAL D 112 -13.72 -41.56 -10.25
N GLU D 113 -13.93 -42.17 -9.08
CA GLU D 113 -14.76 -43.37 -9.03
C GLU D 113 -16.27 -43.11 -8.99
N ARG D 114 -16.71 -41.92 -8.57
CA ARG D 114 -18.15 -41.74 -8.27
C ARG D 114 -18.75 -40.37 -8.50
N LEU D 115 -19.91 -40.36 -9.15
CA LEU D 115 -20.74 -39.17 -9.25
C LEU D 115 -22.05 -39.31 -8.44
N ILE D 116 -22.24 -38.38 -7.50
CA ILE D 116 -23.56 -38.27 -6.91
C ILE D 116 -24.12 -36.98 -7.51
N LEU D 117 -25.27 -37.10 -8.17
CA LEU D 117 -25.77 -36.00 -8.99
C LEU D 117 -27.22 -35.78 -8.65
N GLN D 118 -27.58 -34.54 -8.32
CA GLN D 118 -28.97 -34.28 -7.90
C GLN D 118 -29.50 -33.13 -8.75
N PRO D 119 -30.25 -33.47 -9.81
CA PRO D 119 -30.67 -32.55 -10.85
C PRO D 119 -32.04 -32.00 -10.57
N ASN D 120 -32.31 -30.80 -11.07
CA ASN D 120 -33.56 -30.13 -10.74
C ASN D 120 -34.69 -30.61 -11.61
N ASN D 121 -34.38 -30.78 -12.90
CA ASN D 121 -35.30 -31.33 -13.91
C ASN D 121 -34.43 -31.97 -14.96
N ARG D 122 -35.08 -32.34 -16.07
CA ARG D 122 -34.41 -32.98 -17.22
C ARG D 122 -33.60 -34.17 -16.75
N GLU D 123 -34.23 -35.06 -15.99
CA GLU D 123 -33.47 -36.17 -15.42
C GLU D 123 -33.16 -37.17 -16.52
N ASP D 124 -34.16 -37.45 -17.35
CA ASP D 124 -34.06 -38.32 -18.50
C ASP D 124 -32.87 -37.96 -19.43
N ASP D 125 -32.76 -36.69 -19.79
CA ASP D 125 -31.68 -36.28 -20.67
C ASP D 125 -30.35 -36.57 -20.06
N LEU D 126 -30.25 -36.47 -18.74
CA LEU D 126 -29.01 -36.74 -18.05
C LEU D 126 -28.81 -38.25 -17.90
N ARG D 127 -29.89 -39.00 -17.76
CA ARG D 127 -29.75 -40.43 -17.87
C ARG D 127 -29.28 -40.84 -19.28
N ILE D 128 -29.82 -40.17 -20.31
CA ILE D 128 -29.35 -40.42 -21.66
C ILE D 128 -27.85 -40.09 -21.81
N TRP D 129 -27.47 -38.87 -21.50
CA TRP D 129 -26.08 -38.49 -21.67
C TRP D 129 -25.16 -39.39 -20.90
N LEU D 130 -25.62 -39.89 -19.75
CA LEU D 130 -24.78 -40.74 -18.93
C LEU D 130 -24.50 -41.97 -19.73
N GLN D 131 -25.56 -42.70 -20.09
CA GLN D 131 -25.43 -43.93 -20.90
C GLN D 131 -24.49 -43.82 -22.12
N ASP D 132 -24.71 -42.80 -22.95
CA ASP D 132 -23.87 -42.59 -24.12
C ASP D 132 -22.42 -42.35 -23.74
N HIS D 133 -22.04 -42.29 -22.47
CA HIS D 133 -20.63 -42.07 -22.20
C HIS D 133 -20.04 -43.00 -21.16
N GLY D 134 -20.50 -44.25 -21.17
CA GLY D 134 -19.80 -45.31 -20.44
C GLY D 134 -19.93 -45.19 -18.92
N PHE D 135 -20.98 -44.48 -18.52
CA PHE D 135 -21.42 -44.39 -17.14
C PHE D 135 -22.57 -45.31 -16.88
N GLN D 136 -22.69 -45.74 -15.64
CA GLN D 136 -23.86 -46.53 -15.16
C GLN D 136 -24.43 -46.04 -13.79
N ILE D 137 -25.75 -46.04 -13.69
CA ILE D 137 -26.42 -45.67 -12.46
C ILE D 137 -26.34 -46.86 -11.47
N VAL D 138 -25.75 -46.65 -10.28
CA VAL D 138 -25.65 -47.73 -9.26
C VAL D 138 -26.66 -47.65 -8.13
N ALA D 139 -27.08 -46.45 -7.73
CA ALA D 139 -28.29 -46.27 -6.85
C ALA D 139 -29.10 -45.02 -7.22
N GLU D 140 -30.38 -45.02 -6.85
CA GLU D 140 -31.15 -43.78 -6.93
C GLU D 140 -31.95 -43.62 -5.68
N SER D 141 -32.08 -42.39 -5.24
CA SER D 141 -32.99 -42.12 -4.17
C SER D 141 -33.76 -40.90 -4.51
N ILE D 142 -34.92 -40.76 -3.91
CA ILE D 142 -35.76 -39.62 -4.15
C ILE D 142 -36.46 -39.26 -2.87
N LEU D 143 -36.52 -37.98 -2.60
CA LEU D 143 -37.19 -37.45 -1.39
C LEU D 143 -38.01 -36.21 -1.72
N GLU D 144 -39.12 -35.99 -1.01
CA GLU D 144 -39.77 -34.66 -0.99
C GLU D 144 -39.17 -33.76 0.09
N GLU D 145 -38.84 -32.52 -0.25
CA GLU D 145 -38.49 -31.59 0.81
C GLU D 145 -39.01 -30.17 0.55
N ALA D 146 -39.77 -29.70 1.55
CA ALA D 146 -40.39 -28.38 1.59
C ALA D 146 -41.23 -28.25 0.36
N GLY D 147 -42.01 -29.30 0.09
CA GLY D 147 -43.02 -29.24 -0.97
C GLY D 147 -42.59 -29.50 -2.40
N LYS D 148 -41.27 -29.50 -2.61
CA LYS D 148 -40.63 -29.81 -3.89
C LYS D 148 -40.05 -31.26 -3.89
N PHE D 149 -40.03 -31.94 -5.04
CA PHE D 149 -39.47 -33.29 -5.15
C PHE D 149 -38.07 -33.29 -5.68
N TYR D 150 -37.22 -34.21 -5.25
CA TYR D 150 -35.86 -34.26 -5.82
C TYR D 150 -35.37 -35.71 -6.03
N GLU D 151 -34.61 -35.92 -7.11
CA GLU D 151 -34.06 -37.22 -7.41
C GLU D 151 -32.59 -37.15 -7.25
N ILE D 152 -32.00 -38.19 -6.70
CA ILE D 152 -30.53 -38.28 -6.61
C ILE D 152 -30.09 -39.50 -7.36
N LEU D 153 -29.08 -39.32 -8.20
CA LEU D 153 -28.51 -40.37 -9.05
C LEU D 153 -27.08 -40.65 -8.65
N VAL D 154 -26.80 -41.91 -8.34
CA VAL D 154 -25.43 -42.34 -8.08
C VAL D 154 -24.84 -43.13 -9.27
N VAL D 155 -23.65 -42.68 -9.70
CA VAL D 155 -23.11 -42.97 -11.02
C VAL D 155 -21.67 -43.38 -10.94
N GLU D 156 -21.39 -44.56 -11.50
CA GLU D 156 -20.00 -45.00 -11.71
C GLU D 156 -19.67 -45.41 -13.18
N ALA D 157 -18.42 -45.25 -13.62
CA ALA D 157 -17.94 -45.83 -14.90
C ALA D 157 -18.48 -47.25 -15.14
N GLY D 158 -18.94 -47.50 -16.38
CA GLY D 158 -19.62 -48.76 -16.74
C GLY D 158 -20.69 -48.66 -17.83
N GLN D 159 -21.30 -49.79 -18.16
CA GLN D 159 -22.24 -49.90 -19.27
C GLN D 159 -23.62 -50.13 -18.68
N MET D 160 -24.61 -49.40 -19.19
CA MET D 160 -26.00 -49.69 -18.86
C MET D 160 -26.89 -49.79 -20.10
N LYS D 161 -27.94 -50.59 -20.01
CA LYS D 161 -28.89 -50.60 -21.09
C LYS D 161 -30.16 -50.11 -20.49
N LEU D 162 -30.36 -48.80 -20.56
CA LEU D 162 -31.54 -48.23 -19.99
C LEU D 162 -32.72 -48.44 -20.89
N SER D 163 -33.82 -48.94 -20.37
CA SER D 163 -35.05 -48.99 -21.13
C SER D 163 -35.64 -47.59 -21.23
N ALA D 164 -36.66 -47.39 -22.08
CA ALA D 164 -37.24 -46.02 -22.24
C ALA D 164 -37.78 -45.53 -20.89
N SER D 165 -38.51 -46.42 -20.19
CA SER D 165 -39.03 -46.18 -18.85
C SER D 165 -37.96 -45.82 -17.89
N ASP D 166 -36.87 -46.58 -17.91
CA ASP D 166 -35.73 -46.35 -17.04
C ASP D 166 -35.18 -44.95 -17.18
N VAL D 167 -35.14 -44.46 -18.42
CA VAL D 167 -34.67 -43.10 -18.68
C VAL D 167 -35.59 -42.06 -18.08
N ARG D 168 -36.89 -42.21 -18.28
CA ARG D 168 -37.81 -41.25 -17.70
C ARG D 168 -37.99 -41.40 -16.18
N PHE D 169 -38.20 -42.61 -15.71
CA PHE D 169 -38.54 -42.81 -14.34
C PHE D 169 -37.43 -43.22 -13.39
N GLY D 170 -36.22 -43.43 -13.90
CA GLY D 170 -35.12 -44.07 -13.13
C GLY D 170 -35.15 -45.61 -13.03
N PRO D 171 -34.05 -46.26 -13.44
CA PRO D 171 -33.95 -47.71 -13.36
C PRO D 171 -34.21 -48.21 -11.93
N PHE D 172 -33.62 -47.58 -10.91
CA PHE D 172 -33.93 -47.91 -9.49
C PHE D 172 -35.28 -47.32 -8.96
N LEU D 173 -35.43 -46.00 -9.05
CA LEU D 173 -36.66 -45.37 -8.60
C LEU D 173 -37.91 -46.14 -9.05
N SER D 174 -37.98 -46.56 -10.32
CA SER D 174 -39.18 -47.26 -10.86
C SER D 174 -39.33 -48.70 -10.33
N LYS D 175 -38.21 -49.28 -9.91
CA LYS D 175 -38.20 -50.57 -9.25
C LYS D 175 -38.69 -50.46 -7.80
N GLU D 176 -38.11 -49.54 -6.98
CA GLU D 176 -38.56 -49.39 -5.57
C GLU D 176 -39.96 -48.86 -5.52
N VAL D 177 -40.25 -47.79 -6.26
CA VAL D 177 -41.58 -47.16 -6.24
C VAL D 177 -41.90 -46.79 -4.80
N SER D 178 -41.02 -45.97 -4.22
CA SER D 178 -41.27 -45.40 -2.90
C SER D 178 -42.56 -44.59 -2.93
N PRO D 179 -43.09 -44.26 -1.72
CA PRO D 179 -44.32 -43.47 -1.76
C PRO D 179 -44.04 -42.05 -2.30
N VAL D 180 -42.93 -41.42 -1.89
CA VAL D 180 -42.48 -40.19 -2.58
C VAL D 180 -42.44 -40.34 -4.13
N PHE D 181 -42.09 -41.53 -4.63
CA PHE D 181 -42.07 -41.74 -6.10
C PHE D 181 -43.48 -41.57 -6.69
N VAL D 182 -44.43 -42.33 -6.18
CA VAL D 182 -45.84 -42.18 -6.53
C VAL D 182 -46.29 -40.72 -6.45
N GLN D 183 -45.96 -40.04 -5.37
CA GLN D 183 -46.52 -38.73 -5.18
C GLN D 183 -46.06 -37.80 -6.28
N LYS D 184 -44.86 -38.06 -6.78
CA LYS D 184 -44.24 -37.13 -7.71
C LYS D 184 -44.81 -37.31 -9.10
N TRP D 185 -45.05 -38.54 -9.49
CA TRP D 185 -45.46 -38.78 -10.85
C TRP D 185 -46.92 -38.51 -10.95
N GLN D 186 -47.59 -38.60 -9.80
CA GLN D 186 -48.96 -38.18 -9.66
C GLN D 186 -49.11 -36.66 -9.87
N LYS D 187 -48.19 -35.87 -9.32
CA LYS D 187 -48.33 -34.42 -9.44
C LYS D 187 -48.01 -34.09 -10.87
N GLU D 188 -47.18 -34.94 -11.43
CA GLU D 188 -46.69 -34.76 -12.77
C GLU D 188 -47.82 -35.22 -13.73
N ALA D 189 -48.45 -36.34 -13.40
CA ALA D 189 -49.61 -36.79 -14.16
C ALA D 189 -50.58 -35.63 -14.30
N GLU D 190 -50.97 -35.06 -13.17
CA GLU D 190 -52.07 -34.13 -13.20
C GLU D 190 -51.67 -32.73 -13.66
N LYS D 191 -50.41 -32.54 -14.05
CA LYS D 191 -50.02 -31.29 -14.68
C LYS D 191 -50.02 -31.45 -16.17
N LEU D 192 -49.78 -32.69 -16.57
CA LEU D 192 -49.90 -33.06 -17.96
C LEU D 192 -51.35 -32.96 -18.40
N GLU D 193 -52.23 -33.59 -17.60
CA GLU D 193 -53.68 -33.55 -17.83
C GLU D 193 -54.21 -32.14 -17.96
N PHE D 194 -53.84 -31.27 -17.04
CA PHE D 194 -54.26 -29.91 -17.15
C PHE D 194 -53.90 -29.38 -18.55
N ALA D 195 -52.66 -29.50 -18.98
CA ALA D 195 -52.29 -29.03 -20.31
C ALA D 195 -53.16 -29.68 -21.40
N LEU D 196 -53.34 -31.00 -21.35
CA LEU D 196 -54.24 -31.69 -22.27
C LEU D 196 -55.54 -30.95 -22.66
N GLU D 205 -54.05 -34.79 -31.01
CA GLU D 205 -53.36 -34.43 -32.25
C GLU D 205 -51.80 -34.46 -32.04
N GLU D 206 -51.24 -33.48 -31.30
CA GLU D 206 -49.98 -33.61 -30.54
C GLU D 206 -50.35 -33.33 -29.04
N ARG D 207 -51.67 -33.24 -28.81
CA ARG D 207 -52.31 -33.72 -27.60
C ARG D 207 -51.79 -35.17 -27.45
N GLN D 208 -51.03 -35.62 -28.44
CA GLN D 208 -50.69 -37.01 -28.55
C GLN D 208 -49.57 -37.35 -27.60
N VAL D 209 -48.52 -36.51 -27.64
CA VAL D 209 -47.30 -36.75 -26.87
C VAL D 209 -47.68 -36.76 -25.38
N LEU D 210 -48.60 -35.86 -25.01
CA LEU D 210 -49.11 -35.80 -23.65
C LEU D 210 -49.93 -37.02 -23.26
N VAL D 211 -50.73 -37.58 -24.16
CA VAL D 211 -51.49 -38.81 -23.77
C VAL D 211 -50.55 -40.01 -23.50
N ASP D 212 -49.43 -40.02 -24.21
CA ASP D 212 -48.40 -40.98 -23.93
C ASP D 212 -47.74 -40.75 -22.57
N LYS D 213 -47.13 -39.58 -22.38
CA LYS D 213 -46.56 -39.21 -21.10
C LYS D 213 -47.53 -39.51 -19.97
N ILE D 214 -48.81 -39.27 -20.18
CA ILE D 214 -49.73 -39.62 -19.13
C ILE D 214 -49.72 -41.15 -18.98
N GLN D 215 -49.80 -41.84 -20.12
CA GLN D 215 -49.85 -43.29 -20.17
C GLN D 215 -48.61 -43.87 -19.51
N ALA D 216 -47.44 -43.35 -19.90
CA ALA D 216 -46.15 -43.71 -19.30
C ALA D 216 -46.27 -43.76 -17.77
N ILE D 217 -46.70 -42.65 -17.20
CA ILE D 217 -46.89 -42.53 -15.78
C ILE D 217 -47.86 -43.63 -15.36
N LYS D 218 -49.06 -43.67 -15.94
CA LYS D 218 -50.03 -44.67 -15.47
C LYS D 218 -49.41 -46.07 -15.45
N GLU D 219 -48.70 -46.40 -16.52
CA GLU D 219 -47.99 -47.66 -16.62
C GLU D 219 -47.05 -47.89 -15.42
N VAL D 220 -46.12 -46.97 -15.16
CA VAL D 220 -45.06 -47.21 -14.18
C VAL D 220 -45.59 -47.29 -12.77
N LEU D 221 -46.82 -46.82 -12.56
CA LEU D 221 -47.43 -46.81 -11.21
C LEU D 221 -48.41 -47.92 -10.93
N HIS D 222 -49.21 -48.36 -11.91
CA HIS D 222 -50.34 -49.28 -11.64
C HIS D 222 -50.05 -50.26 -10.50
N MET E 1 0.87 2.54 -8.69
CA MET E 1 0.27 1.21 -8.35
C MET E 1 1.28 0.22 -7.76
N ILE E 2 2.58 0.51 -7.91
CA ILE E 2 3.71 -0.28 -7.37
C ILE E 2 4.81 0.68 -6.85
N SER E 3 5.22 0.54 -5.58
CA SER E 3 6.35 1.34 -5.04
C SER E 3 7.62 1.10 -5.81
N LYS E 4 8.55 2.04 -5.68
CA LYS E 4 9.88 1.84 -6.20
C LYS E 4 10.55 0.62 -5.55
N ARG E 5 10.38 0.45 -4.23
CA ARG E 5 10.74 -0.76 -3.52
C ARG E 5 10.27 -2.01 -4.25
N LEU E 6 8.98 -2.16 -4.43
CA LEU E 6 8.52 -3.39 -5.04
C LEU E 6 8.89 -3.47 -6.53
N GLU E 7 9.03 -2.30 -7.15
CA GLU E 7 9.46 -2.10 -8.52
C GLU E 7 10.79 -2.84 -8.65
N LEU E 8 11.78 -2.37 -7.88
CA LEU E 8 13.07 -3.04 -7.70
C LEU E 8 13.05 -4.55 -7.42
N VAL E 9 12.12 -5.03 -6.59
CA VAL E 9 12.05 -6.46 -6.26
C VAL E 9 11.62 -7.25 -7.49
N ALA E 10 10.58 -6.76 -8.16
CA ALA E 10 10.18 -7.26 -9.48
C ALA E 10 11.34 -7.35 -10.51
N SER E 11 12.33 -6.46 -10.40
CA SER E 11 13.27 -6.31 -11.48
C SER E 11 14.13 -7.51 -11.65
N PHE E 12 14.11 -8.39 -10.64
CA PHE E 12 14.90 -9.64 -10.57
C PHE E 12 14.05 -10.91 -10.74
N VAL E 13 12.73 -10.82 -10.79
CA VAL E 13 11.95 -12.01 -11.15
C VAL E 13 12.30 -12.44 -12.59
N SER E 14 12.83 -13.65 -12.74
CA SER E 14 13.38 -14.13 -14.00
C SER E 14 12.25 -14.48 -14.92
N GLN E 15 12.39 -14.03 -16.17
CA GLN E 15 11.44 -14.30 -17.27
C GLN E 15 10.94 -15.76 -17.27
N GLY E 16 9.65 -15.94 -17.16
CA GLY E 16 9.11 -17.28 -17.05
C GLY E 16 8.57 -17.61 -15.67
N ALA E 17 9.41 -17.54 -14.66
CA ALA E 17 9.06 -18.01 -13.33
C ALA E 17 7.57 -18.19 -13.04
N ILE E 18 7.19 -19.36 -12.55
CA ILE E 18 6.00 -19.41 -11.76
C ILE E 18 6.46 -18.80 -10.43
N LEU E 19 5.94 -17.64 -10.08
CA LEU E 19 6.36 -16.97 -8.85
C LEU E 19 5.56 -17.46 -7.66
N LEU E 20 6.17 -17.47 -6.47
CA LEU E 20 5.40 -17.45 -5.23
C LEU E 20 5.72 -16.15 -4.52
N ASP E 21 4.71 -15.49 -3.99
CA ASP E 21 4.96 -14.31 -3.22
C ASP E 21 4.31 -14.58 -1.90
N VAL E 22 5.05 -14.35 -0.83
CA VAL E 22 4.71 -14.78 0.52
C VAL E 22 4.48 -13.55 1.36
N GLY E 23 3.30 -13.42 1.96
CA GLY E 23 2.96 -12.18 2.70
C GLY E 23 2.92 -11.06 1.66
N SER E 24 2.17 -11.33 0.59
CA SER E 24 2.18 -10.57 -0.66
C SER E 24 1.28 -9.33 -0.63
N ASP E 25 1.82 -8.23 -0.13
CA ASP E 25 1.19 -6.91 -0.11
C ASP E 25 0.14 -6.54 -1.21
N HIS E 26 -1.14 -6.67 -0.86
CA HIS E 26 -2.27 -6.58 -1.82
C HIS E 26 -2.17 -7.41 -3.10
N ALA E 27 -1.08 -8.13 -3.32
CA ALA E 27 -0.89 -8.90 -4.58
C ALA E 27 -0.52 -8.03 -5.77
N TYR E 28 -0.21 -6.75 -5.48
CA TYR E 28 0.22 -5.80 -6.50
C TYR E 28 1.39 -6.35 -7.27
N LEU E 29 2.41 -6.82 -6.54
CA LEU E 29 3.59 -7.34 -7.19
C LEU E 29 3.26 -8.50 -8.14
N PRO E 30 2.66 -9.59 -7.65
CA PRO E 30 2.44 -10.59 -8.67
C PRO E 30 1.53 -10.06 -9.78
N ILE E 31 0.58 -9.15 -9.46
CA ILE E 31 -0.31 -8.61 -10.52
C ILE E 31 0.56 -7.96 -11.55
N GLU E 32 1.29 -6.93 -11.11
CA GLU E 32 2.17 -6.22 -12.02
C GLU E 32 2.96 -7.24 -12.86
N LEU E 33 3.57 -8.24 -12.23
CA LEU E 33 4.36 -9.21 -12.99
C LEU E 33 3.59 -9.97 -14.07
N VAL E 34 2.37 -10.38 -13.75
CA VAL E 34 1.58 -11.08 -14.77
C VAL E 34 1.15 -10.14 -15.91
N GLU E 35 0.57 -8.99 -15.54
CA GLU E 35 0.23 -7.92 -16.49
C GLU E 35 1.36 -7.58 -17.45
N ARG E 36 2.58 -7.57 -16.99
CA ARG E 36 3.59 -7.23 -17.95
C ARG E 36 4.03 -8.48 -18.65
N GLY E 37 3.22 -9.54 -18.50
CA GLY E 37 3.65 -10.92 -18.83
C GLY E 37 5.16 -11.18 -18.70
N GLN E 38 5.66 -11.14 -17.47
CA GLN E 38 7.07 -11.40 -17.17
C GLN E 38 7.12 -12.78 -16.56
N ILE E 39 5.94 -13.28 -16.20
CA ILE E 39 5.84 -14.54 -15.51
C ILE E 39 4.65 -15.38 -16.01
N LYS E 40 4.95 -16.66 -16.23
CA LYS E 40 3.98 -17.72 -16.50
C LYS E 40 2.79 -17.70 -15.53
N SER E 41 2.98 -17.43 -14.23
CA SER E 41 1.86 -17.34 -13.23
C SER E 41 2.36 -17.12 -11.80
N ALA E 42 1.48 -17.15 -10.81
CA ALA E 42 1.87 -16.74 -9.48
C ALA E 42 0.93 -17.15 -8.35
N ILE E 43 1.47 -17.29 -7.16
CA ILE E 43 0.69 -17.64 -6.01
C ILE E 43 0.97 -16.64 -4.90
N ALA E 44 -0.08 -16.01 -4.41
CA ALA E 44 0.08 -15.06 -3.33
C ALA E 44 -0.30 -15.67 -1.99
N GLY E 45 0.72 -16.14 -1.29
CA GLY E 45 0.58 -16.67 0.04
C GLY E 45 0.06 -15.63 0.99
N GLU E 46 -1.05 -15.96 1.65
CA GLU E 46 -1.66 -15.06 2.59
C GLU E 46 -1.94 -15.66 3.99
N VAL E 47 -1.58 -14.91 5.03
CA VAL E 47 -1.66 -15.35 6.42
C VAL E 47 -3.06 -15.08 7.05
N VAL E 48 -3.24 -13.91 7.69
CA VAL E 48 -4.47 -13.57 8.46
C VAL E 48 -5.72 -13.28 7.58
N GLU E 49 -6.74 -12.65 8.18
CA GLU E 49 -8.04 -12.37 7.53
C GLU E 49 -7.98 -11.23 6.54
N GLY E 50 -7.87 -10.00 7.06
CA GLY E 50 -7.86 -8.75 6.29
C GLY E 50 -7.20 -8.83 4.92
N PRO E 51 -5.86 -8.79 4.90
CA PRO E 51 -5.20 -9.11 3.63
C PRO E 51 -5.30 -10.60 3.23
N TYR E 52 -6.52 -11.12 3.18
CA TYR E 52 -6.85 -12.23 2.29
C TYR E 52 -7.81 -11.71 1.21
N GLN E 53 -8.79 -10.91 1.66
CA GLN E 53 -9.77 -10.22 0.80
C GLN E 53 -8.98 -9.38 -0.18
N SER E 54 -8.27 -8.39 0.39
CA SER E 54 -7.42 -7.48 -0.34
C SER E 54 -6.66 -8.14 -1.51
N ALA E 55 -6.17 -9.38 -1.32
CA ALA E 55 -5.55 -10.12 -2.41
C ALA E 55 -6.55 -10.34 -3.55
N VAL E 56 -7.38 -11.38 -3.46
CA VAL E 56 -8.41 -11.65 -4.47
C VAL E 56 -9.24 -10.43 -4.90
N LYS E 57 -9.34 -9.41 -4.04
CA LYS E 57 -9.81 -8.08 -4.46
C LYS E 57 -9.20 -7.67 -5.80
N ASN E 58 -7.96 -7.20 -5.75
CA ASN E 58 -7.18 -6.82 -6.92
C ASN E 58 -6.97 -7.95 -7.94
N VAL E 59 -6.74 -9.17 -7.46
CA VAL E 59 -6.49 -10.30 -8.39
C VAL E 59 -7.56 -10.29 -9.47
N GLU E 60 -8.78 -9.97 -9.03
CA GLU E 60 -9.95 -9.96 -9.89
C GLU E 60 -10.21 -8.56 -10.43
N ALA E 61 -10.22 -7.55 -9.58
CA ALA E 61 -10.30 -6.18 -10.09
C ALA E 61 -9.33 -5.92 -11.28
N HIS E 62 -8.33 -6.79 -11.48
CA HIS E 62 -7.48 -6.74 -12.68
C HIS E 62 -7.77 -7.97 -13.56
N GLY E 63 -8.70 -8.80 -13.07
CA GLY E 63 -9.18 -9.98 -13.78
C GLY E 63 -8.17 -11.07 -14.01
N LEU E 64 -7.56 -11.57 -12.94
CA LEU E 64 -6.50 -12.57 -13.09
C LEU E 64 -6.73 -13.91 -12.32
N LYS E 65 -7.97 -14.10 -11.83
CA LYS E 65 -8.50 -15.41 -11.45
C LYS E 65 -7.72 -16.63 -11.92
N GLU E 66 -7.48 -16.78 -13.20
CA GLU E 66 -6.81 -18.01 -13.63
C GLU E 66 -5.33 -17.87 -13.96
N LYS E 67 -4.66 -16.98 -13.25
CA LYS E 67 -3.21 -16.79 -13.41
C LYS E 67 -2.48 -16.50 -12.09
N ILE E 68 -3.18 -15.89 -11.15
CA ILE E 68 -2.61 -15.59 -9.87
C ILE E 68 -3.56 -16.17 -8.85
N GLN E 69 -3.27 -17.39 -8.37
CA GLN E 69 -4.03 -17.95 -7.23
C GLN E 69 -3.63 -17.26 -5.95
N VAL E 70 -4.60 -16.90 -5.13
CA VAL E 70 -4.28 -16.79 -3.72
C VAL E 70 -4.23 -18.24 -3.12
N ARG E 71 -3.51 -18.36 -2.00
CA ARG E 71 -3.69 -19.43 -1.02
C ARG E 71 -3.57 -18.79 0.39
N LEU E 72 -4.44 -19.18 1.30
CA LEU E 72 -4.30 -18.69 2.68
C LEU E 72 -3.41 -19.69 3.44
N ALA E 73 -2.39 -19.12 4.11
CA ALA E 73 -1.34 -19.90 4.81
C ALA E 73 -0.44 -19.07 5.78
N ASN E 74 0.62 -19.74 6.24
CA ASN E 74 1.51 -19.23 7.27
C ASN E 74 2.94 -19.48 6.80
N GLY E 75 3.54 -18.52 6.07
CA GLY E 75 4.82 -18.75 5.39
C GLY E 75 4.75 -19.80 4.27
N LEU E 76 5.84 -20.50 3.98
CA LEU E 76 5.90 -21.42 2.84
C LEU E 76 4.87 -22.56 2.88
N ALA E 77 3.98 -22.49 3.86
CA ALA E 77 2.79 -23.36 3.91
C ALA E 77 2.03 -23.21 2.57
N ALA E 78 1.41 -22.03 2.39
CA ALA E 78 1.08 -21.40 1.08
C ALA E 78 1.43 -22.13 -0.23
N PHE E 79 2.55 -22.84 -0.29
CA PHE E 79 2.82 -23.58 -1.49
C PHE E 79 3.27 -25.00 -1.25
N GLU E 80 3.10 -25.80 -2.30
CA GLU E 80 3.41 -27.22 -2.31
C GLU E 80 4.37 -27.56 -3.43
N GLU E 81 4.80 -28.83 -3.43
CA GLU E 81 5.93 -29.26 -4.23
C GLU E 81 5.63 -29.03 -5.68
N THR E 82 4.33 -29.03 -5.97
CA THR E 82 3.85 -29.31 -7.31
C THR E 82 3.59 -28.09 -8.22
N ASP E 83 3.03 -27.02 -7.63
CA ASP E 83 2.73 -25.77 -8.31
C ASP E 83 3.91 -25.34 -9.16
N GLN E 84 5.06 -25.92 -8.90
CA GLN E 84 6.17 -25.82 -9.83
C GLN E 84 6.80 -24.44 -9.84
N VAL E 85 6.71 -23.77 -8.67
CA VAL E 85 7.35 -22.47 -8.37
C VAL E 85 8.80 -22.40 -8.76
N SER E 86 9.17 -21.39 -9.56
CA SER E 86 10.53 -21.21 -10.04
C SER E 86 11.30 -20.20 -9.15
N VAL E 87 10.58 -19.44 -8.32
CA VAL E 87 11.09 -18.18 -7.78
C VAL E 87 10.23 -17.71 -6.62
N ILE E 88 10.85 -17.41 -5.48
CA ILE E 88 10.10 -16.90 -4.32
C ILE E 88 10.57 -15.51 -3.87
N THR E 89 9.61 -14.67 -3.50
CA THR E 89 9.92 -13.36 -2.99
C THR E 89 9.32 -13.25 -1.59
N ILE E 90 10.04 -12.57 -0.71
CA ILE E 90 9.57 -12.34 0.63
C ILE E 90 10.00 -10.94 0.95
N ALA E 91 9.04 -10.02 1.00
CA ALA E 91 9.36 -8.62 1.29
C ALA E 91 8.73 -8.05 2.59
N GLY E 92 9.11 -6.83 2.95
CA GLY E 92 8.69 -6.21 4.20
C GLY E 92 8.44 -7.20 5.31
N MET E 93 9.51 -7.86 5.75
CA MET E 93 9.52 -8.76 6.91
C MET E 93 10.88 -8.67 7.57
N GLY E 94 10.92 -9.00 8.85
CA GLY E 94 12.16 -8.91 9.58
C GLY E 94 13.13 -9.98 9.16
N GLY E 95 14.41 -9.62 9.24
CA GLY E 95 15.50 -10.49 8.85
C GLY E 95 15.23 -11.94 9.13
N ARG E 96 15.11 -12.27 10.41
CA ARG E 96 15.11 -13.68 10.80
C ARG E 96 13.75 -14.30 10.75
N LEU E 97 12.71 -13.49 10.53
CA LEU E 97 11.43 -14.11 10.20
C LEU E 97 11.55 -14.73 8.84
N ILE E 98 12.15 -13.99 7.89
CA ILE E 98 12.44 -14.50 6.54
C ILE E 98 13.30 -15.74 6.64
N ALA E 99 14.30 -15.69 7.52
CA ALA E 99 15.09 -16.88 7.91
C ALA E 99 14.20 -18.00 8.44
N ARG E 100 13.46 -17.72 9.52
CA ARG E 100 12.67 -18.77 10.14
C ARG E 100 11.65 -19.34 9.17
N ILE E 101 11.22 -18.52 8.20
CA ILE E 101 10.23 -18.97 7.24
C ILE E 101 10.88 -19.94 6.26
N LEU E 102 12.01 -19.54 5.71
CA LEU E 102 12.68 -20.37 4.74
C LEU E 102 13.06 -21.66 5.41
N GLU E 103 13.38 -21.55 6.71
CA GLU E 103 13.79 -22.68 7.54
C GLU E 103 12.69 -23.71 7.64
N GLU E 104 11.60 -23.31 8.28
CA GLU E 104 10.54 -24.25 8.64
C GLU E 104 9.75 -24.75 7.43
N GLY E 105 10.30 -24.47 6.24
CA GLY E 105 9.83 -25.03 4.98
C GLY E 105 10.97 -25.48 4.09
N LEU E 106 12.20 -25.48 4.59
CA LEU E 106 13.40 -25.68 3.75
C LEU E 106 13.41 -26.84 2.77
N GLY E 107 12.75 -27.95 3.11
CA GLY E 107 12.68 -29.14 2.23
C GLY E 107 12.11 -28.86 0.85
N LYS E 108 10.96 -28.18 0.84
CA LYS E 108 10.27 -27.78 -0.41
C LYS E 108 10.95 -26.62 -1.17
N LEU E 109 12.15 -26.21 -0.78
CA LEU E 109 12.88 -25.20 -1.57
C LEU E 109 13.80 -25.91 -2.49
N ALA E 110 13.66 -27.24 -2.52
CA ALA E 110 14.61 -28.10 -3.22
C ALA E 110 14.75 -27.59 -4.65
N ASN E 111 13.59 -27.38 -5.28
CA ASN E 111 13.54 -27.13 -6.70
C ASN E 111 13.55 -25.67 -7.21
N VAL E 112 13.03 -24.75 -6.38
CA VAL E 112 13.08 -23.31 -6.64
C VAL E 112 14.45 -22.82 -7.07
N GLU E 113 14.53 -22.01 -8.12
CA GLU E 113 15.82 -21.51 -8.54
C GLU E 113 16.25 -20.16 -7.93
N ARG E 114 15.34 -19.44 -7.25
CA ARG E 114 15.67 -18.05 -6.86
C ARG E 114 14.77 -17.43 -5.79
N LEU E 115 15.41 -16.86 -4.78
CA LEU E 115 14.71 -16.10 -3.76
C LEU E 115 15.08 -14.65 -3.90
N ILE E 116 14.08 -13.78 -4.07
CA ILE E 116 14.37 -12.36 -3.92
C ILE E 116 13.76 -12.01 -2.60
N LEU E 117 14.58 -11.47 -1.71
CA LEU E 117 14.21 -11.27 -0.33
C LEU E 117 14.47 -9.84 0.00
N GLN E 118 13.51 -9.18 0.65
CA GLN E 118 13.76 -7.78 1.06
C GLN E 118 13.32 -7.60 2.50
N PRO E 119 14.30 -7.61 3.43
CA PRO E 119 14.05 -7.65 4.85
C PRO E 119 14.10 -6.29 5.48
N ASN E 120 13.35 -6.13 6.56
CA ASN E 120 13.25 -4.81 7.20
C ASN E 120 14.44 -4.55 8.09
N ASN E 121 14.98 -5.58 8.70
CA ASN E 121 16.08 -5.46 9.65
C ASN E 121 16.75 -6.80 9.70
N ARG E 122 17.73 -6.91 10.59
CA ARG E 122 18.51 -8.15 10.83
C ARG E 122 19.00 -8.75 9.51
N GLU E 123 19.69 -7.95 8.69
CA GLU E 123 20.07 -8.45 7.38
C GLU E 123 21.21 -9.43 7.53
N ASP E 124 22.15 -9.10 8.41
CA ASP E 124 23.26 -9.98 8.77
C ASP E 124 22.80 -11.38 9.21
N ASP E 125 21.79 -11.45 10.05
CA ASP E 125 21.33 -12.75 10.50
C ASP E 125 20.77 -13.57 9.36
N LEU E 126 20.22 -12.89 8.35
CA LEU E 126 19.64 -13.59 7.23
C LEU E 126 20.75 -13.97 6.28
N ARG E 127 21.78 -13.13 6.19
CA ARG E 127 22.93 -13.52 5.39
C ARG E 127 23.62 -14.72 6.00
N ILE E 128 23.75 -14.70 7.34
CA ILE E 128 24.30 -15.81 8.10
C ILE E 128 23.48 -17.09 7.87
N TRP E 129 22.18 -17.02 8.17
CA TRP E 129 21.35 -18.18 7.94
C TRP E 129 21.49 -18.75 6.55
N LEU E 130 21.72 -17.88 5.58
CA LEU E 130 21.76 -18.30 4.20
C LEU E 130 23.00 -19.12 4.04
N GLN E 131 24.17 -18.49 4.21
CA GLN E 131 25.47 -19.21 4.15
C GLN E 131 25.38 -20.60 4.77
N ASP E 132 24.91 -20.68 6.02
CA ASP E 132 24.79 -22.00 6.68
C ASP E 132 23.96 -22.98 5.88
N HIS E 133 22.90 -22.57 5.18
CA HIS E 133 22.12 -23.59 4.47
C HIS E 133 22.32 -23.64 2.96
N GLY E 134 23.56 -23.37 2.53
CA GLY E 134 23.99 -23.73 1.17
C GLY E 134 23.45 -22.82 0.08
N PHE E 135 23.16 -21.58 0.46
CA PHE E 135 22.72 -20.53 -0.47
C PHE E 135 23.83 -19.57 -0.78
N GLN E 136 23.76 -18.95 -1.95
CA GLN E 136 24.62 -17.81 -2.30
C GLN E 136 23.87 -16.53 -2.77
N ILE E 137 24.36 -15.38 -2.32
CA ILE E 137 23.86 -14.11 -2.80
C ILE E 137 24.48 -13.81 -4.18
N VAL E 138 23.64 -13.63 -5.21
CA VAL E 138 24.14 -13.30 -6.58
C VAL E 138 24.08 -11.82 -6.98
N ALA E 139 23.10 -11.08 -6.44
CA ALA E 139 23.06 -9.58 -6.52
C ALA E 139 22.43 -8.95 -5.27
N GLU E 140 22.70 -7.68 -5.07
CA GLU E 140 22.07 -6.97 -4.00
C GLU E 140 21.84 -5.59 -4.49
N SER E 141 20.74 -4.99 -4.10
CA SER E 141 20.47 -3.63 -4.47
C SER E 141 19.88 -2.93 -3.30
N ILE E 142 19.94 -1.61 -3.32
CA ILE E 142 19.42 -0.83 -2.21
C ILE E 142 18.90 0.50 -2.67
N LEU E 143 17.81 0.94 -2.04
CA LEU E 143 17.15 2.22 -2.38
C LEU E 143 16.57 2.90 -1.12
N GLU E 144 16.48 4.22 -1.13
CA GLU E 144 15.66 4.93 -0.17
C GLU E 144 14.26 5.15 -0.72
N GLU E 145 13.24 4.85 0.09
CA GLU E 145 11.89 5.20 -0.28
C GLU E 145 11.08 5.70 0.91
N ALA E 146 10.57 6.93 0.72
CA ALA E 146 9.78 7.68 1.69
C ALA E 146 10.58 7.71 2.97
N GLY E 147 11.84 8.10 2.85
CA GLY E 147 12.67 8.30 4.03
C GLY E 147 13.18 7.09 4.80
N LYS E 148 12.90 5.88 4.31
CA LYS E 148 13.38 4.63 4.97
C LYS E 148 14.23 3.80 4.00
N PHE E 149 15.35 3.27 4.46
CA PHE E 149 16.20 2.49 3.58
C PHE E 149 15.73 1.06 3.41
N TYR E 150 16.08 0.41 2.31
CA TYR E 150 15.74 -1.01 2.17
C TYR E 150 16.79 -1.73 1.32
N GLU E 151 17.09 -2.97 1.67
CA GLU E 151 18.03 -3.76 0.94
C GLU E 151 17.30 -4.87 0.30
N ILE E 152 17.69 -5.23 -0.93
CA ILE E 152 17.09 -6.40 -1.57
C ILE E 152 18.21 -7.34 -1.83
N LEU E 153 18.00 -8.61 -1.47
CA LEU E 153 18.97 -9.69 -1.63
C LEU E 153 18.44 -10.72 -2.59
N VAL E 154 19.25 -10.96 -3.63
CA VAL E 154 18.99 -12.04 -4.61
C VAL E 154 19.84 -13.32 -4.39
N VAL E 155 19.14 -14.44 -4.22
CA VAL E 155 19.67 -15.64 -3.63
C VAL E 155 19.40 -16.86 -4.50
N GLU E 156 20.48 -17.58 -4.83
CA GLU E 156 20.38 -18.90 -5.48
C GLU E 156 21.12 -20.01 -4.69
N ALA E 157 20.82 -21.30 -4.93
CA ALA E 157 21.66 -22.42 -4.42
C ALA E 157 23.15 -22.27 -4.73
N GLY E 158 23.98 -22.59 -3.73
CA GLY E 158 25.45 -22.50 -3.86
C GLY E 158 26.20 -22.18 -2.57
N GLN E 159 27.49 -21.91 -2.72
CA GLN E 159 28.37 -21.65 -1.59
C GLN E 159 28.88 -20.22 -1.61
N MET E 160 28.85 -19.59 -0.45
CA MET E 160 29.58 -18.34 -0.28
C MET E 160 30.49 -18.44 0.93
N LYS E 161 31.60 -17.72 0.88
CA LYS E 161 32.38 -17.50 2.06
C LYS E 161 32.10 -16.06 2.24
N LEU E 162 31.35 -15.72 3.28
CA LEU E 162 31.09 -14.32 3.58
C LEU E 162 32.06 -13.85 4.61
N SER E 163 32.70 -12.70 4.40
CA SER E 163 33.48 -12.06 5.45
C SER E 163 32.55 -11.41 6.48
N ALA E 164 33.06 -11.02 7.65
CA ALA E 164 32.20 -10.41 8.70
C ALA E 164 31.57 -9.16 8.09
N SER E 165 32.36 -8.41 7.33
CA SER E 165 31.89 -7.17 6.76
C SER E 165 30.83 -7.48 5.72
N ASP E 166 31.11 -8.40 4.81
CA ASP E 166 30.06 -8.88 3.90
C ASP E 166 28.72 -9.15 4.56
N VAL E 167 28.74 -9.70 5.78
CA VAL E 167 27.54 -10.02 6.55
C VAL E 167 26.79 -8.77 7.01
N ARG E 168 27.49 -7.81 7.63
CA ARG E 168 26.81 -6.59 8.03
C ARG E 168 26.41 -5.77 6.81
N PHE E 169 27.32 -5.61 5.87
CA PHE E 169 27.13 -4.66 4.82
C PHE E 169 26.70 -5.15 3.47
N GLY E 170 26.53 -6.46 3.28
CA GLY E 170 26.35 -7.03 1.93
C GLY E 170 27.64 -7.17 1.10
N PRO E 171 27.93 -8.40 0.61
CA PRO E 171 29.06 -8.64 -0.29
C PRO E 171 28.99 -7.68 -1.47
N PHE E 172 27.87 -7.67 -2.21
CA PHE E 172 27.64 -6.66 -3.26
C PHE E 172 27.50 -5.18 -2.80
N LEU E 173 26.50 -4.89 -1.99
CA LEU E 173 26.30 -3.51 -1.51
C LEU E 173 27.61 -2.81 -1.12
N SER E 174 28.44 -3.47 -0.30
CA SER E 174 29.76 -2.90 0.12
C SER E 174 30.81 -2.71 -1.00
N LYS E 175 30.72 -3.52 -2.04
CA LYS E 175 31.53 -3.37 -3.25
C LYS E 175 31.06 -2.13 -4.03
N GLU E 176 29.76 -2.00 -4.33
CA GLU E 176 29.32 -0.87 -5.17
C GLU E 176 29.36 0.43 -4.39
N VAL E 177 28.80 0.43 -3.18
CA VAL E 177 28.82 1.64 -2.34
C VAL E 177 28.02 2.70 -3.03
N SER E 178 26.75 2.41 -3.28
CA SER E 178 25.87 3.41 -3.87
C SER E 178 25.76 4.62 -2.95
N PRO E 179 25.36 5.79 -3.53
CA PRO E 179 25.11 6.94 -2.67
C PRO E 179 24.06 6.59 -1.60
N VAL E 180 22.93 5.97 -1.96
CA VAL E 180 22.00 5.45 -0.94
C VAL E 180 22.74 4.64 0.16
N PHE E 181 23.70 3.80 -0.25
CA PHE E 181 24.42 2.93 0.72
C PHE E 181 25.16 3.76 1.79
N VAL E 182 25.94 4.74 1.36
CA VAL E 182 26.53 5.72 2.26
C VAL E 182 25.46 6.31 3.18
N GLN E 183 24.41 6.83 2.59
CA GLN E 183 23.41 7.53 3.37
C GLN E 183 22.86 6.66 4.46
N LYS E 184 22.66 5.38 4.16
CA LYS E 184 22.07 4.48 5.14
C LYS E 184 23.00 4.27 6.30
N TRP E 185 24.29 4.10 6.01
CA TRP E 185 25.14 3.61 7.08
C TRP E 185 25.61 4.76 7.87
N GLN E 186 25.43 5.95 7.30
CA GLN E 186 25.73 7.17 7.98
C GLN E 186 24.63 7.39 9.02
N LYS E 187 23.38 7.08 8.65
CA LYS E 187 22.26 7.26 9.57
C LYS E 187 22.45 6.28 10.68
N GLU E 188 22.97 5.13 10.27
CA GLU E 188 23.23 4.04 11.15
C GLU E 188 24.41 4.39 12.07
N ALA E 189 25.44 5.02 11.51
CA ALA E 189 26.56 5.50 12.31
C ALA E 189 26.02 6.39 13.42
N GLU E 190 25.32 7.45 13.04
CA GLU E 190 24.98 8.46 14.02
C GLU E 190 24.00 7.94 15.06
N LYS E 191 23.11 7.03 14.67
CA LYS E 191 22.22 6.33 15.62
C LYS E 191 23.05 5.62 16.69
N LEU E 192 24.12 4.95 16.27
CA LEU E 192 25.01 4.24 17.22
C LEU E 192 25.67 5.21 18.18
N GLU E 193 26.30 6.21 17.56
CA GLU E 193 26.96 7.32 18.22
C GLU E 193 26.11 7.98 19.33
N PHE E 194 24.87 8.31 19.01
CA PHE E 194 23.98 8.81 20.00
C PHE E 194 23.94 7.85 21.20
N ALA E 195 23.73 6.56 20.97
CA ALA E 195 23.68 5.61 22.08
C ALA E 195 24.96 5.59 22.90
N LEU E 196 26.12 5.79 22.26
CA LEU E 196 27.37 5.90 22.99
C LEU E 196 27.48 7.07 24.04
N GLU E 205 33.08 0.73 28.43
CA GLU E 205 33.11 -0.44 29.28
C GLU E 205 32.71 -1.69 28.43
N GLU E 206 31.56 -1.59 27.78
CA GLU E 206 31.21 -2.40 26.60
C GLU E 206 30.52 -1.39 25.60
N ARG E 207 30.56 -0.10 25.98
CA ARG E 207 30.63 1.00 25.02
C ARG E 207 31.55 0.53 23.84
N GLN E 208 31.89 -0.76 23.83
CA GLN E 208 32.89 -1.28 22.91
C GLN E 208 32.22 -1.92 21.71
N VAL E 209 31.25 -2.80 21.98
CA VAL E 209 30.48 -3.42 20.92
C VAL E 209 29.99 -2.28 20.03
N LEU E 210 29.46 -1.23 20.65
CA LEU E 210 29.12 0.00 19.93
C LEU E 210 30.28 0.69 19.23
N VAL E 211 31.42 0.89 19.91
CA VAL E 211 32.60 1.54 19.24
C VAL E 211 33.09 0.77 18.00
N ASP E 212 33.05 -0.55 18.10
CA ASP E 212 33.44 -1.37 16.98
C ASP E 212 32.47 -1.20 15.80
N LYS E 213 31.16 -1.32 16.06
CA LYS E 213 30.16 -1.07 15.04
C LYS E 213 30.33 0.29 14.38
N ILE E 214 30.57 1.33 15.16
CA ILE E 214 30.82 2.60 14.55
C ILE E 214 32.04 2.45 13.65
N GLN E 215 33.04 1.70 14.13
CA GLN E 215 34.29 1.52 13.39
C GLN E 215 34.03 0.74 12.11
N ALA E 216 33.32 -0.37 12.24
CA ALA E 216 32.95 -1.20 11.11
C ALA E 216 32.41 -0.32 9.97
N ILE E 217 31.51 0.59 10.34
CA ILE E 217 30.98 1.56 9.41
C ILE E 217 32.15 2.41 8.94
N LYS E 218 32.84 3.13 9.83
CA LYS E 218 33.91 4.01 9.34
C LYS E 218 34.76 3.36 8.21
N GLU E 219 35.24 2.14 8.46
CA GLU E 219 36.07 1.52 7.45
C GLU E 219 35.32 1.19 6.14
N VAL E 220 34.14 0.57 6.21
CA VAL E 220 33.42 0.21 4.98
C VAL E 220 33.14 1.40 4.11
N LEU E 221 33.13 2.59 4.70
CA LEU E 221 32.71 3.80 3.98
C LEU E 221 33.84 4.65 3.44
N HIS E 222 35.02 4.60 4.06
CA HIS E 222 36.13 5.45 3.60
C HIS E 222 36.47 5.16 2.15
N MET F 1 -55.18 -43.61 13.42
CA MET F 1 -56.60 -43.95 13.06
C MET F 1 -57.40 -42.79 12.44
N ILE F 2 -56.81 -41.59 12.39
CA ILE F 2 -57.40 -40.39 11.76
C ILE F 2 -56.30 -39.62 10.99
N SER F 3 -56.52 -39.29 9.70
CA SER F 3 -55.49 -38.54 8.96
C SER F 3 -55.23 -37.20 9.61
N LYS F 4 -54.12 -36.58 9.27
CA LYS F 4 -53.89 -35.21 9.66
C LYS F 4 -54.96 -34.26 9.07
N ARG F 5 -55.27 -34.45 7.78
CA ARG F 5 -56.42 -33.82 7.15
C ARG F 5 -57.64 -33.85 8.06
N LEU F 6 -58.14 -35.04 8.36
CA LEU F 6 -59.35 -35.12 9.13
C LEU F 6 -59.19 -34.64 10.58
N GLU F 7 -57.98 -34.84 11.12
CA GLU F 7 -57.53 -34.30 12.42
C GLU F 7 -57.94 -32.82 12.46
N LEU F 8 -57.36 -32.05 11.53
CA LEU F 8 -57.67 -30.63 11.29
C LEU F 8 -59.16 -30.26 11.13
N VAL F 9 -59.92 -31.05 10.37
CA VAL F 9 -61.36 -30.77 10.19
C VAL F 9 -62.09 -30.82 11.51
N ALA F 10 -61.80 -31.87 12.27
CA ALA F 10 -62.27 -32.06 13.63
C ALA F 10 -61.95 -30.91 14.61
N SER F 11 -60.89 -30.15 14.37
CA SER F 11 -60.44 -29.22 15.39
C SER F 11 -61.34 -28.03 15.46
N PHE F 12 -62.21 -27.92 14.46
CA PHE F 12 -63.20 -26.85 14.34
C PHE F 12 -64.63 -27.26 14.70
N VAL F 13 -64.92 -28.55 14.80
CA VAL F 13 -66.21 -28.98 15.36
C VAL F 13 -66.34 -28.49 16.81
N SER F 14 -67.19 -27.49 17.00
CA SER F 14 -67.38 -26.80 18.28
C SER F 14 -67.95 -27.71 19.35
N GLN F 15 -67.42 -27.54 20.57
CA GLN F 15 -67.81 -28.32 21.77
C GLN F 15 -69.34 -28.33 21.93
N GLY F 16 -69.95 -29.49 21.93
CA GLY F 16 -71.39 -29.55 21.94
C GLY F 16 -71.88 -30.27 20.70
N ALA F 17 -72.10 -29.53 19.64
CA ALA F 17 -72.41 -30.10 18.35
C ALA F 17 -73.10 -31.44 18.37
N ILE F 18 -74.39 -31.45 18.11
CA ILE F 18 -74.93 -32.61 17.45
C ILE F 18 -74.35 -32.35 16.03
N LEU F 19 -73.63 -33.32 15.47
CA LEU F 19 -72.90 -33.13 14.20
C LEU F 19 -73.54 -33.93 13.08
N LEU F 20 -73.44 -33.43 11.83
CA LEU F 20 -73.73 -34.26 10.67
C LEU F 20 -72.46 -34.47 9.88
N ASP F 21 -72.25 -35.66 9.33
CA ASP F 21 -71.12 -35.84 8.47
C ASP F 21 -71.49 -36.47 7.14
N VAL F 22 -71.61 -35.60 6.13
CA VAL F 22 -72.05 -35.97 4.78
C VAL F 22 -70.94 -36.66 4.03
N GLY F 23 -71.21 -37.87 3.57
CA GLY F 23 -70.20 -38.64 2.82
C GLY F 23 -69.01 -38.87 3.74
N SER F 24 -69.30 -39.50 4.89
CA SER F 24 -68.40 -39.64 6.04
C SER F 24 -67.43 -40.83 6.01
N ASP F 25 -66.29 -40.66 5.35
CA ASP F 25 -65.16 -41.63 5.35
C ASP F 25 -65.04 -42.72 6.49
N HIS F 26 -65.71 -43.83 6.29
CA HIS F 26 -65.85 -44.89 7.32
C HIS F 26 -66.35 -44.45 8.68
N ALA F 27 -66.79 -43.22 8.87
CA ALA F 27 -67.34 -42.80 10.17
C ALA F 27 -66.27 -42.48 11.21
N TYR F 28 -65.00 -42.53 10.77
CA TYR F 28 -63.84 -42.25 11.61
C TYR F 28 -63.99 -40.94 12.35
N LEU F 29 -64.22 -39.87 11.59
CA LEU F 29 -64.37 -38.56 12.17
C LEU F 29 -65.49 -38.49 13.23
N PRO F 30 -66.73 -38.87 12.89
CA PRO F 30 -67.61 -38.77 14.04
C PRO F 30 -67.22 -39.75 15.15
N ILE F 31 -66.65 -40.93 14.82
CA ILE F 31 -66.20 -41.85 15.90
C ILE F 31 -65.21 -41.10 16.78
N GLU F 32 -64.14 -40.62 16.16
CA GLU F 32 -63.15 -39.86 16.93
C GLU F 32 -63.86 -38.78 17.74
N LEU F 33 -64.71 -37.98 17.10
CA LEU F 33 -65.30 -36.89 17.82
C LEU F 33 -66.08 -37.33 19.06
N VAL F 34 -66.82 -38.43 18.94
CA VAL F 34 -67.62 -38.89 20.09
C VAL F 34 -66.71 -39.35 21.24
N GLU F 35 -65.78 -40.25 20.89
CA GLU F 35 -64.80 -40.80 21.82
C GLU F 35 -64.07 -39.72 22.59
N ARG F 36 -63.85 -38.55 22.02
CA ARG F 36 -63.13 -37.60 22.81
C ARG F 36 -64.06 -36.74 23.60
N GLY F 37 -65.34 -37.10 23.50
CA GLY F 37 -66.45 -36.34 24.10
C GLY F 37 -66.43 -34.88 23.75
N GLN F 38 -66.40 -34.59 22.46
CA GLN F 38 -66.31 -33.22 21.95
C GLN F 38 -67.69 -32.89 21.41
N ILE F 39 -68.48 -33.94 21.23
CA ILE F 39 -69.81 -33.81 20.68
C ILE F 39 -70.87 -34.68 21.40
N LYS F 40 -71.92 -34.00 21.84
CA LYS F 40 -73.18 -34.60 22.26
C LYS F 40 -73.68 -35.74 21.38
N SER F 41 -73.19 -35.93 20.13
CA SER F 41 -73.58 -37.05 19.20
C SER F 41 -73.47 -36.68 17.72
N ALA F 42 -73.74 -37.62 16.80
CA ALA F 42 -73.46 -37.38 15.39
C ALA F 42 -74.25 -38.27 14.44
N ILE F 43 -74.30 -37.84 13.18
CA ILE F 43 -75.04 -38.57 12.17
C ILE F 43 -74.18 -38.66 10.96
N ALA F 44 -73.96 -39.87 10.48
CA ALA F 44 -73.09 -40.06 9.34
C ALA F 44 -73.92 -40.24 8.10
N GLY F 45 -73.91 -39.22 7.27
CA GLY F 45 -74.61 -39.26 6.00
C GLY F 45 -73.90 -40.22 5.08
N GLU F 46 -74.55 -41.36 4.83
CA GLU F 46 -74.02 -42.27 3.85
C GLU F 46 -74.91 -42.41 2.61
N VAL F 47 -74.25 -42.33 1.45
CA VAL F 47 -74.88 -42.32 0.13
C VAL F 47 -75.14 -43.76 -0.39
N VAL F 48 -74.22 -44.31 -1.21
CA VAL F 48 -74.42 -45.60 -1.90
C VAL F 48 -74.42 -46.85 -0.98
N GLU F 49 -73.67 -47.90 -1.36
CA GLU F 49 -73.74 -49.23 -0.71
C GLU F 49 -72.50 -49.62 0.10
N GLY F 50 -71.42 -49.97 -0.61
CA GLY F 50 -70.15 -50.41 0.00
C GLY F 50 -69.74 -49.68 1.27
N PRO F 51 -69.12 -48.50 1.13
CA PRO F 51 -68.97 -47.67 2.34
C PRO F 51 -70.28 -47.04 2.90
N TYR F 52 -71.41 -47.73 2.78
CA TYR F 52 -72.54 -47.46 3.68
C TYR F 52 -72.34 -48.27 4.94
N GLN F 53 -71.96 -49.53 4.71
CA GLN F 53 -71.89 -50.59 5.72
C GLN F 53 -70.61 -50.39 6.51
N SER F 54 -69.49 -50.44 5.76
CA SER F 54 -68.18 -50.09 6.27
C SER F 54 -68.23 -48.99 7.35
N ALA F 55 -69.19 -48.07 7.24
CA ALA F 55 -69.41 -47.05 8.26
C ALA F 55 -69.94 -47.72 9.53
N VAL F 56 -71.17 -48.22 9.49
CA VAL F 56 -71.76 -48.85 10.69
C VAL F 56 -70.92 -50.02 11.22
N LYS F 57 -70.06 -50.59 10.36
CA LYS F 57 -68.95 -51.45 10.83
C LYS F 57 -68.24 -50.84 12.05
N ASN F 58 -67.26 -49.98 11.76
CA ASN F 58 -66.56 -49.20 12.77
C ASN F 58 -67.46 -48.56 13.84
N VAL F 59 -68.65 -48.07 13.47
CA VAL F 59 -69.54 -47.43 14.46
C VAL F 59 -69.75 -48.35 15.67
N GLU F 60 -69.81 -49.65 15.37
CA GLU F 60 -69.98 -50.63 16.43
C GLU F 60 -68.67 -51.22 16.83
N ALA F 61 -67.83 -51.60 15.88
CA ALA F 61 -66.45 -51.97 16.23
C ALA F 61 -65.86 -51.00 17.25
N HIS F 62 -66.51 -49.85 17.48
CA HIS F 62 -66.19 -48.93 18.59
C HIS F 62 -67.32 -48.82 19.61
N GLY F 63 -68.40 -49.57 19.40
CA GLY F 63 -69.53 -49.64 20.31
C GLY F 63 -70.32 -48.36 20.50
N LEU F 64 -70.83 -47.79 19.40
CA LEU F 64 -71.44 -46.46 19.45
C LEU F 64 -72.90 -46.31 18.89
N LYS F 65 -73.58 -47.44 18.70
CA LYS F 65 -75.02 -47.45 18.49
C LYS F 65 -75.76 -46.26 19.05
N GLU F 66 -75.86 -46.10 20.35
CA GLU F 66 -76.75 -45.00 20.82
C GLU F 66 -76.21 -43.55 20.79
N LYS F 67 -75.17 -43.29 20.00
CA LYS F 67 -74.64 -41.90 19.82
C LYS F 67 -74.23 -41.50 18.37
N ILE F 68 -74.11 -42.47 17.48
CA ILE F 68 -73.81 -42.18 16.09
C ILE F 68 -74.78 -42.95 15.21
N GLN F 69 -75.92 -42.30 14.91
CA GLN F 69 -76.85 -42.86 13.90
C GLN F 69 -76.29 -42.65 12.51
N VAL F 70 -76.00 -43.74 11.80
CA VAL F 70 -75.95 -43.65 10.36
C VAL F 70 -77.38 -43.34 9.86
N ARG F 71 -77.45 -42.62 8.74
CA ARG F 71 -78.61 -42.64 7.87
C ARG F 71 -78.13 -42.94 6.42
N LEU F 72 -78.96 -43.59 5.63
CA LEU F 72 -78.61 -43.66 4.22
C LEU F 72 -79.31 -42.50 3.46
N ALA F 73 -78.51 -41.80 2.64
CA ALA F 73 -78.96 -40.61 1.88
C ALA F 73 -78.01 -40.12 0.76
N ASN F 74 -78.39 -38.97 0.19
CA ASN F 74 -77.76 -38.40 -0.98
C ASN F 74 -77.50 -36.94 -0.64
N GLY F 75 -76.31 -36.66 -0.08
CA GLY F 75 -76.04 -35.39 0.60
C GLY F 75 -77.13 -34.99 1.59
N LEU F 76 -77.24 -33.70 1.88
CA LEU F 76 -78.17 -33.13 2.86
C LEU F 76 -79.51 -33.82 3.09
N ALA F 77 -79.86 -34.76 2.22
CA ALA F 77 -80.99 -35.67 2.41
C ALA F 77 -80.93 -36.30 3.83
N ALA F 78 -79.93 -37.16 4.03
CA ALA F 78 -79.43 -37.63 5.35
C ALA F 78 -79.84 -36.94 6.67
N PHE F 79 -80.28 -35.68 6.63
CA PHE F 79 -80.68 -35.06 7.88
C PHE F 79 -81.96 -34.23 7.84
N GLU F 80 -82.51 -33.98 9.04
CA GLU F 80 -83.77 -33.28 9.24
C GLU F 80 -83.65 -32.13 10.20
N GLU F 81 -84.68 -31.28 10.22
CA GLU F 81 -84.74 -30.13 11.11
C GLU F 81 -84.66 -30.61 12.54
N THR F 82 -85.06 -31.87 12.67
CA THR F 82 -85.35 -32.50 13.96
C THR F 82 -84.10 -33.02 14.71
N ASP F 83 -83.22 -33.73 13.99
CA ASP F 83 -81.95 -34.22 14.52
C ASP F 83 -81.20 -33.13 15.25
N GLN F 84 -81.63 -31.90 15.01
CA GLN F 84 -81.15 -30.77 15.81
C GLN F 84 -79.65 -30.57 15.71
N VAL F 85 -79.10 -30.96 14.54
CA VAL F 85 -77.69 -30.74 14.13
C VAL F 85 -77.24 -29.31 14.36
N SER F 86 -76.10 -29.11 15.01
CA SER F 86 -75.59 -27.74 15.13
C SER F 86 -74.34 -27.43 14.24
N VAL F 87 -73.85 -28.43 13.50
CA VAL F 87 -72.53 -28.33 12.84
C VAL F 87 -72.41 -29.35 11.71
N ILE F 88 -72.03 -28.92 10.51
CA ILE F 88 -71.88 -29.88 9.40
C ILE F 88 -70.50 -29.91 8.74
N THR F 89 -70.05 -31.11 8.41
CA THR F 89 -68.77 -31.31 7.77
C THR F 89 -69.00 -32.00 6.44
N ILE F 90 -68.29 -31.51 5.43
CA ILE F 90 -68.38 -32.07 4.10
C ILE F 90 -66.95 -32.11 3.59
N ALA F 91 -66.36 -33.31 3.53
CA ALA F 91 -64.97 -33.41 3.06
C ALA F 91 -64.67 -34.26 1.79
N GLY F 92 -63.41 -34.18 1.35
CA GLY F 92 -62.95 -34.83 0.13
C GLY F 92 -63.98 -34.95 -0.99
N MET F 93 -64.63 -33.82 -1.28
CA MET F 93 -65.52 -33.65 -2.43
C MET F 93 -65.09 -32.43 -3.23
N GLY F 94 -65.56 -32.33 -4.46
CA GLY F 94 -65.22 -31.22 -5.29
C GLY F 94 -65.90 -29.97 -4.82
N GLY F 95 -65.29 -28.83 -5.16
CA GLY F 95 -65.82 -27.53 -4.80
C GLY F 95 -67.31 -27.38 -5.02
N ARG F 96 -67.74 -27.54 -6.27
CA ARG F 96 -69.12 -27.26 -6.60
C ARG F 96 -70.03 -28.41 -6.27
N LEU F 97 -69.49 -29.61 -6.07
CA LEU F 97 -70.39 -30.64 -5.53
C LEU F 97 -70.84 -30.19 -4.14
N ILE F 98 -69.89 -29.72 -3.32
CA ILE F 98 -70.19 -29.20 -1.97
C ILE F 98 -71.19 -28.05 -2.04
N ALA F 99 -70.98 -27.17 -3.03
CA ALA F 99 -71.93 -26.10 -3.38
C ALA F 99 -73.34 -26.65 -3.65
N ARG F 100 -73.42 -27.47 -4.69
CA ARG F 100 -74.68 -28.04 -5.16
C ARG F 100 -75.40 -28.84 -4.06
N ILE F 101 -74.66 -29.33 -3.06
CA ILE F 101 -75.25 -30.09 -1.95
C ILE F 101 -75.94 -29.14 -0.97
N LEU F 102 -75.20 -28.14 -0.52
CA LEU F 102 -75.71 -27.18 0.43
C LEU F 102 -76.85 -26.45 -0.24
N GLU F 103 -76.74 -26.31 -1.58
CA GLU F 103 -77.81 -25.78 -2.41
C GLU F 103 -79.09 -26.60 -2.26
N GLU F 104 -79.08 -27.84 -2.77
CA GLU F 104 -80.33 -28.64 -2.78
C GLU F 104 -80.88 -29.02 -1.40
N GLY F 105 -80.29 -28.46 -0.34
CA GLY F 105 -80.82 -28.64 0.99
C GLY F 105 -80.86 -27.35 1.78
N LEU F 106 -80.64 -26.23 1.09
CA LEU F 106 -80.42 -24.93 1.74
C LEU F 106 -81.41 -24.53 2.84
N GLY F 107 -82.69 -24.80 2.60
CA GLY F 107 -83.76 -24.58 3.59
C GLY F 107 -83.49 -25.12 5.01
N LYS F 108 -83.07 -26.39 5.09
CA LYS F 108 -82.62 -26.99 6.36
C LYS F 108 -81.56 -26.09 7.01
N LEU F 109 -80.38 -25.96 6.38
CA LEU F 109 -79.21 -25.24 6.94
C LEU F 109 -79.50 -23.99 7.75
N ALA F 110 -80.76 -23.58 7.78
CA ALA F 110 -81.19 -22.34 8.44
C ALA F 110 -80.68 -22.34 9.86
N ASN F 111 -80.95 -23.43 10.56
CA ASN F 111 -80.69 -23.49 11.99
C ASN F 111 -79.30 -23.97 12.44
N VAL F 112 -78.61 -24.72 11.57
CA VAL F 112 -77.21 -25.09 11.77
C VAL F 112 -76.30 -23.88 12.09
N GLU F 113 -75.42 -24.06 13.05
CA GLU F 113 -74.57 -23.00 13.53
C GLU F 113 -73.26 -22.89 12.71
N ARG F 114 -72.82 -23.99 12.04
CA ARG F 114 -71.44 -24.08 11.48
C ARG F 114 -71.23 -25.14 10.40
N LEU F 115 -70.47 -24.75 9.38
CA LEU F 115 -70.04 -25.66 8.33
C LEU F 115 -68.53 -25.73 8.32
N ILE F 116 -67.98 -26.94 8.44
CA ILE F 116 -66.56 -27.11 8.18
C ILE F 116 -66.51 -27.87 6.87
N LEU F 117 -65.87 -27.28 5.87
CA LEU F 117 -65.95 -27.79 4.52
C LEU F 117 -64.56 -27.97 4.04
N GLN F 118 -64.22 -29.16 3.54
CA GLN F 118 -62.87 -29.36 2.95
C GLN F 118 -62.97 -29.93 1.55
N PRO F 119 -62.89 -29.04 0.53
CA PRO F 119 -63.13 -29.36 -0.87
C PRO F 119 -61.88 -29.81 -1.56
N ASN F 120 -62.03 -30.64 -2.57
CA ASN F 120 -60.86 -31.20 -3.25
C ASN F 120 -60.30 -30.22 -4.24
N ASN F 121 -61.17 -29.39 -4.80
CA ASN F 121 -60.79 -28.33 -5.73
C ASN F 121 -61.99 -27.43 -5.89
N ARG F 122 -61.91 -26.58 -6.92
CA ARG F 122 -62.95 -25.58 -7.20
C ARG F 122 -63.31 -24.78 -5.94
N GLU F 123 -62.30 -24.26 -5.25
CA GLU F 123 -62.56 -23.64 -3.94
C GLU F 123 -63.19 -22.27 -4.14
N ASP F 124 -62.64 -21.50 -5.08
CA ASP F 124 -63.21 -20.21 -5.48
C ASP F 124 -64.70 -20.28 -5.79
N ASP F 125 -65.10 -21.25 -6.59
CA ASP F 125 -66.50 -21.42 -6.87
C ASP F 125 -67.33 -21.62 -5.62
N LEU F 126 -66.82 -22.41 -4.70
CA LEU F 126 -67.50 -22.61 -3.43
C LEU F 126 -67.45 -21.35 -2.55
N ARG F 127 -66.37 -20.59 -2.61
CA ARG F 127 -66.36 -19.32 -1.92
C ARG F 127 -67.41 -18.38 -2.52
N ILE F 128 -67.48 -18.35 -3.85
CA ILE F 128 -68.48 -17.56 -4.53
C ILE F 128 -69.88 -18.01 -4.08
N TRP F 129 -70.19 -19.26 -4.29
CA TRP F 129 -71.49 -19.72 -3.89
C TRP F 129 -71.84 -19.35 -2.46
N LEU F 130 -70.83 -19.39 -1.58
CA LEU F 130 -71.10 -19.16 -0.16
C LEU F 130 -71.53 -17.74 -0.01
N GLN F 131 -70.74 -16.81 -0.53
CA GLN F 131 -71.12 -15.37 -0.50
C GLN F 131 -72.54 -15.09 -0.99
N ASP F 132 -72.82 -15.55 -2.21
CA ASP F 132 -74.16 -15.33 -2.79
C ASP F 132 -75.25 -15.79 -1.85
N HIS F 133 -75.00 -16.73 -0.95
CA HIS F 133 -76.09 -17.26 -0.14
C HIS F 133 -75.99 -16.96 1.36
N GLY F 134 -75.40 -15.81 1.67
CA GLY F 134 -75.53 -15.26 3.02
C GLY F 134 -74.70 -15.97 4.08
N PHE F 135 -73.61 -16.57 3.62
CA PHE F 135 -72.63 -17.23 4.48
C PHE F 135 -71.36 -16.42 4.58
N GLN F 136 -70.57 -16.69 5.59
CA GLN F 136 -69.24 -16.08 5.75
C GLN F 136 -68.12 -17.00 6.30
N ILE F 137 -66.93 -16.86 5.75
CA ILE F 137 -65.78 -17.65 6.20
C ILE F 137 -65.20 -17.01 7.46
N VAL F 138 -65.15 -17.76 8.57
CA VAL F 138 -64.56 -17.27 9.83
C VAL F 138 -63.17 -17.79 10.09
N ALA F 139 -62.84 -18.96 9.58
CA ALA F 139 -61.44 -19.50 9.62
C ALA F 139 -61.10 -20.32 8.37
N GLU F 140 -59.85 -20.39 8.01
CA GLU F 140 -59.44 -21.26 6.95
C GLU F 140 -58.12 -21.76 7.34
N SER F 141 -57.80 -22.97 6.92
CA SER F 141 -56.47 -23.47 7.14
C SER F 141 -56.13 -24.46 6.07
N ILE F 142 -54.85 -24.64 5.82
CA ILE F 142 -54.35 -25.51 4.75
C ILE F 142 -53.24 -26.45 5.25
N LEU F 143 -53.21 -27.70 4.78
CA LEU F 143 -52.09 -28.63 5.07
C LEU F 143 -51.75 -29.55 3.91
N GLU F 144 -50.47 -29.88 3.73
CA GLU F 144 -50.06 -30.96 2.83
C GLU F 144 -50.12 -32.33 3.53
N GLU F 145 -50.75 -33.31 2.88
CA GLU F 145 -50.69 -34.64 3.43
C GLU F 145 -50.56 -35.66 2.32
N ALA F 146 -49.49 -36.46 2.48
CA ALA F 146 -49.15 -37.59 1.61
C ALA F 146 -49.05 -37.01 0.25
N GLY F 147 -48.35 -35.90 0.15
CA GLY F 147 -48.12 -35.27 -1.14
C GLY F 147 -49.16 -34.42 -1.84
N LYS F 148 -50.41 -34.45 -1.38
CA LYS F 148 -51.48 -33.61 -2.00
C LYS F 148 -51.92 -32.47 -1.06
N PHE F 149 -52.23 -31.29 -1.59
CA PHE F 149 -52.63 -30.16 -0.72
C PHE F 149 -54.12 -30.13 -0.39
N TYR F 150 -54.49 -29.51 0.73
CA TYR F 150 -55.91 -29.41 1.08
C TYR F 150 -56.26 -28.17 1.88
N GLU F 151 -57.44 -27.61 1.60
CA GLU F 151 -57.86 -26.40 2.25
C GLU F 151 -59.05 -26.73 3.06
N ILE F 152 -59.18 -26.11 4.22
CA ILE F 152 -60.39 -26.30 5.03
C ILE F 152 -61.01 -24.95 5.27
N LEU F 153 -62.32 -24.87 5.06
CA LEU F 153 -63.07 -23.65 5.20
C LEU F 153 -64.09 -23.79 6.30
N VAL F 154 -64.01 -22.84 7.25
CA VAL F 154 -65.01 -22.73 8.32
C VAL F 154 -66.00 -21.58 8.14
N VAL F 155 -67.27 -21.97 8.07
CA VAL F 155 -68.33 -21.13 7.57
C VAL F 155 -69.41 -21.04 8.59
N GLU F 156 -69.75 -19.80 8.92
CA GLU F 156 -71.00 -19.49 9.63
C GLU F 156 -71.97 -18.60 8.82
N ALA F 157 -73.25 -18.50 9.21
CA ALA F 157 -74.18 -17.49 8.62
C ALA F 157 -73.67 -16.07 8.79
N GLY F 158 -73.90 -15.25 7.76
CA GLY F 158 -73.40 -13.87 7.76
C GLY F 158 -73.05 -13.36 6.38
N GLN F 159 -72.34 -12.24 6.31
CA GLN F 159 -72.07 -11.58 5.04
C GLN F 159 -70.61 -11.23 4.93
N MET F 160 -70.05 -11.49 3.75
CA MET F 160 -68.68 -11.15 3.43
C MET F 160 -68.61 -10.35 2.14
N LYS F 161 -67.54 -9.57 2.00
CA LYS F 161 -67.20 -8.94 0.75
C LYS F 161 -65.90 -9.62 0.46
N LEU F 162 -65.87 -10.44 -0.59
CA LEU F 162 -64.65 -11.14 -0.90
C LEU F 162 -64.02 -10.47 -2.05
N SER F 163 -62.77 -10.08 -1.95
CA SER F 163 -62.10 -9.54 -3.11
C SER F 163 -61.90 -10.67 -4.11
N ALA F 164 -61.48 -10.35 -5.34
CA ALA F 164 -61.23 -11.41 -6.37
C ALA F 164 -60.14 -12.34 -5.84
N SER F 165 -59.11 -11.79 -5.22
CA SER F 165 -58.04 -12.63 -4.72
C SER F 165 -58.48 -13.43 -3.51
N ASP F 166 -59.22 -12.81 -2.60
CA ASP F 166 -59.83 -13.58 -1.51
C ASP F 166 -60.52 -14.86 -2.01
N VAL F 167 -61.16 -14.78 -3.19
CA VAL F 167 -61.86 -15.92 -3.79
C VAL F 167 -60.87 -16.98 -4.30
N ARG F 168 -59.85 -16.63 -5.09
CA ARG F 168 -58.93 -17.69 -5.50
C ARG F 168 -58.13 -18.23 -4.31
N PHE F 169 -57.63 -17.35 -3.45
CA PHE F 169 -56.65 -17.74 -2.46
C PHE F 169 -57.12 -17.85 -1.05
N GLY F 170 -58.40 -17.62 -0.78
CA GLY F 170 -58.89 -17.53 0.61
C GLY F 170 -58.57 -16.22 1.33
N PRO F 171 -59.62 -15.58 1.92
CA PRO F 171 -59.42 -14.36 2.69
C PRO F 171 -58.41 -14.59 3.82
N PHE F 172 -58.62 -15.61 4.67
CA PHE F 172 -57.62 -16.02 5.70
C PHE F 172 -56.30 -16.60 5.13
N LEU F 173 -56.39 -17.74 4.44
CA LEU F 173 -55.20 -18.37 3.88
C LEU F 173 -54.22 -17.35 3.27
N SER F 174 -54.75 -16.43 2.47
CA SER F 174 -53.92 -15.43 1.76
C SER F 174 -53.31 -14.34 2.65
N LYS F 175 -53.85 -14.19 3.86
CA LYS F 175 -53.29 -13.30 4.86
C LYS F 175 -52.27 -14.00 5.76
N GLU F 176 -52.55 -15.24 6.23
CA GLU F 176 -51.54 -15.96 7.03
C GLU F 176 -50.36 -16.32 6.16
N VAL F 177 -50.63 -16.82 4.95
CA VAL F 177 -49.55 -17.16 4.00
C VAL F 177 -48.59 -18.10 4.68
N SER F 178 -49.11 -19.26 5.12
CA SER F 178 -48.30 -20.31 5.70
C SER F 178 -47.30 -20.82 4.69
N PRO F 179 -46.31 -21.62 5.17
CA PRO F 179 -45.34 -22.13 4.22
C PRO F 179 -46.04 -23.15 3.30
N VAL F 180 -46.90 -24.00 3.87
CA VAL F 180 -47.77 -24.82 3.02
C VAL F 180 -48.53 -23.97 1.97
N PHE F 181 -48.96 -22.76 2.33
CA PHE F 181 -49.70 -21.92 1.37
C PHE F 181 -48.86 -21.64 0.11
N VAL F 182 -47.66 -21.14 0.35
CA VAL F 182 -46.66 -20.94 -0.68
C VAL F 182 -46.50 -22.22 -1.52
N GLN F 183 -46.33 -23.34 -0.84
CA GLN F 183 -45.91 -24.52 -1.58
C GLN F 183 -46.94 -24.88 -2.60
N LYS F 184 -48.21 -24.79 -2.20
CA LYS F 184 -49.31 -25.14 -3.08
C LYS F 184 -49.36 -24.20 -4.27
N TRP F 185 -49.23 -22.92 -4.04
CA TRP F 185 -49.46 -22.02 -5.14
C TRP F 185 -48.27 -21.98 -6.06
N GLN F 186 -47.15 -22.51 -5.56
CA GLN F 186 -46.02 -22.73 -6.44
C GLN F 186 -46.24 -23.94 -7.36
N LYS F 187 -46.84 -25.01 -6.83
CA LYS F 187 -47.11 -26.18 -7.65
C LYS F 187 -48.09 -25.70 -8.68
N GLU F 188 -49.01 -24.88 -8.22
CA GLU F 188 -50.05 -24.35 -9.06
C GLU F 188 -49.44 -23.43 -10.12
N ALA F 189 -48.58 -22.49 -9.70
CA ALA F 189 -47.87 -21.67 -10.68
C ALA F 189 -47.22 -22.54 -11.78
N GLU F 190 -46.39 -23.52 -11.42
CA GLU F 190 -45.70 -24.24 -12.49
C GLU F 190 -46.56 -25.17 -13.31
N LYS F 191 -47.66 -25.67 -12.75
CA LYS F 191 -48.67 -26.36 -13.57
C LYS F 191 -49.20 -25.41 -14.64
N LEU F 192 -49.39 -24.14 -14.26
CA LEU F 192 -49.84 -23.12 -15.19
C LEU F 192 -48.79 -22.78 -16.26
N GLU F 193 -47.56 -22.47 -15.79
CA GLU F 193 -46.45 -22.19 -16.69
C GLU F 193 -46.25 -23.28 -17.74
N PHE F 194 -46.27 -24.52 -17.29
CA PHE F 194 -46.21 -25.61 -18.21
C PHE F 194 -47.29 -25.43 -19.31
N ALA F 195 -48.57 -25.39 -18.96
CA ALA F 195 -49.63 -25.17 -19.94
C ALA F 195 -49.30 -24.01 -20.92
N LEU F 196 -48.86 -22.87 -20.40
CA LEU F 196 -48.43 -21.76 -21.26
C LEU F 196 -47.50 -22.14 -22.46
N GLU F 205 -53.50 -15.21 -26.64
CA GLU F 205 -54.88 -14.74 -26.50
C GLU F 205 -55.70 -15.45 -25.39
N GLU F 206 -55.82 -16.77 -25.43
CA GLU F 206 -56.13 -17.56 -24.21
C GLU F 206 -54.84 -17.80 -23.40
N ARG F 207 -53.68 -17.75 -24.09
CA ARG F 207 -52.36 -17.59 -23.44
C ARG F 207 -52.47 -16.46 -22.37
N GLN F 208 -53.62 -15.78 -22.32
CA GLN F 208 -53.70 -14.57 -21.52
C GLN F 208 -54.28 -14.86 -20.15
N VAL F 209 -55.33 -15.68 -20.12
CA VAL F 209 -56.02 -15.97 -18.87
C VAL F 209 -55.03 -16.68 -17.95
N LEU F 210 -54.20 -17.53 -18.54
CA LEU F 210 -53.12 -18.19 -17.84
C LEU F 210 -52.07 -17.21 -17.34
N VAL F 211 -51.61 -16.30 -18.19
CA VAL F 211 -50.65 -15.25 -17.75
C VAL F 211 -51.17 -14.46 -16.52
N ASP F 212 -52.46 -14.17 -16.53
CA ASP F 212 -53.05 -13.49 -15.40
C ASP F 212 -52.99 -14.37 -14.15
N LYS F 213 -53.56 -15.56 -14.22
CA LYS F 213 -53.45 -16.54 -13.15
C LYS F 213 -52.02 -16.66 -12.62
N ILE F 214 -51.05 -16.84 -13.51
CA ILE F 214 -49.67 -16.89 -13.07
C ILE F 214 -49.33 -15.61 -12.29
N GLN F 215 -49.82 -14.50 -12.82
CA GLN F 215 -49.59 -13.16 -12.28
C GLN F 215 -50.33 -13.05 -10.94
N ALA F 216 -51.62 -13.42 -10.92
CA ALA F 216 -52.43 -13.48 -9.67
C ALA F 216 -51.66 -14.13 -8.51
N ILE F 217 -51.07 -15.28 -8.81
CA ILE F 217 -50.21 -16.02 -7.90
C ILE F 217 -49.02 -15.15 -7.57
N LYS F 218 -48.27 -14.68 -8.58
CA LYS F 218 -47.05 -13.93 -8.23
C LYS F 218 -47.39 -12.80 -7.26
N GLU F 219 -48.53 -12.15 -7.53
CA GLU F 219 -49.03 -11.13 -6.64
C GLU F 219 -49.19 -11.63 -5.19
N VAL F 220 -50.02 -12.65 -4.97
CA VAL F 220 -50.39 -13.04 -3.60
C VAL F 220 -49.22 -13.50 -2.78
N LEU F 221 -48.08 -13.77 -3.42
CA LEU F 221 -46.89 -14.28 -2.73
C LEU F 221 -45.68 -13.34 -2.64
N HIS F 222 -45.55 -12.33 -3.50
CA HIS F 222 -44.31 -11.51 -3.53
C HIS F 222 -43.64 -11.40 -2.14
N MET G 1 17.43 -19.55 17.03
CA MET G 1 18.25 -20.15 15.95
C MET G 1 18.86 -21.56 16.40
N ILE G 2 19.53 -21.69 17.57
CA ILE G 2 20.21 -22.97 18.02
C ILE G 2 19.33 -24.18 18.37
N SER G 3 19.75 -25.38 17.95
CA SER G 3 18.98 -26.61 18.19
C SER G 3 18.57 -26.76 19.62
N LYS G 4 17.55 -27.56 19.87
CA LYS G 4 17.01 -27.67 21.23
C LYS G 4 17.87 -28.63 22.10
N ARG G 5 18.37 -29.69 21.49
CA ARG G 5 19.44 -30.56 22.05
C ARG G 5 20.69 -29.79 22.43
N LEU G 6 21.45 -29.33 21.45
CA LEU G 6 22.57 -28.40 21.64
C LEU G 6 22.31 -27.32 22.66
N GLU G 7 21.04 -26.98 22.86
CA GLU G 7 20.65 -26.04 23.90
C GLU G 7 20.98 -26.58 25.31
N LEU G 8 20.56 -27.83 25.55
CA LEU G 8 20.80 -28.57 26.79
C LEU G 8 22.27 -28.75 27.08
N VAL G 9 23.01 -29.37 26.16
CA VAL G 9 24.47 -29.40 26.25
C VAL G 9 24.96 -28.03 26.72
N ALA G 10 24.76 -26.97 25.94
CA ALA G 10 25.21 -25.64 26.34
C ALA G 10 24.93 -25.31 27.81
N SER G 11 23.70 -25.62 28.24
CA SER G 11 23.25 -25.24 29.58
C SER G 11 24.21 -25.68 30.69
N PHE G 12 24.87 -26.84 30.53
CA PHE G 12 25.85 -27.36 31.49
C PHE G 12 27.25 -26.85 31.36
N VAL G 13 27.50 -25.88 30.48
CA VAL G 13 28.87 -25.44 30.30
C VAL G 13 29.12 -24.31 31.26
N SER G 14 30.13 -24.53 32.09
CA SER G 14 30.50 -23.64 33.18
C SER G 14 30.78 -22.20 32.79
N GLN G 15 30.05 -21.32 33.48
CA GLN G 15 30.16 -19.89 33.28
C GLN G 15 31.63 -19.48 33.38
N GLY G 16 32.23 -19.06 32.27
CA GLY G 16 33.58 -18.50 32.27
C GLY G 16 34.63 -19.35 31.57
N ALA G 17 34.23 -20.57 31.18
CA ALA G 17 35.13 -21.64 30.67
C ALA G 17 35.95 -21.31 29.43
N ILE G 18 36.87 -22.22 29.12
CA ILE G 18 37.45 -22.23 27.81
C ILE G 18 36.98 -23.53 27.13
N LEU G 19 36.14 -23.44 26.09
CA LEU G 19 35.52 -24.66 25.60
C LEU G 19 36.30 -25.32 24.48
N LEU G 20 36.34 -26.64 24.48
CA LEU G 20 36.74 -27.36 23.29
C LEU G 20 35.52 -28.14 22.82
N ASP G 21 35.11 -27.89 21.59
CA ASP G 21 33.97 -28.56 21.06
C ASP G 21 34.57 -29.41 20.01
N VAL G 22 34.44 -30.70 20.18
CA VAL G 22 35.11 -31.69 19.38
C VAL G 22 34.08 -32.12 18.37
N GLY G 23 34.17 -31.64 17.16
CA GLY G 23 33.09 -31.91 16.24
C GLY G 23 32.09 -30.80 16.03
N SER G 24 32.57 -29.57 15.97
CA SER G 24 31.72 -28.43 15.73
C SER G 24 31.17 -28.40 14.30
N ASP G 25 30.11 -29.12 14.08
CA ASP G 25 29.34 -28.83 12.90
C ASP G 25 29.28 -27.33 12.90
N HIS G 26 29.67 -26.71 11.83
CA HIS G 26 29.23 -25.34 11.74
C HIS G 26 29.47 -24.48 12.99
N ALA G 27 30.26 -24.96 13.94
CA ALA G 27 30.59 -24.20 15.17
C ALA G 27 29.38 -23.61 15.91
N TYR G 28 28.20 -24.21 15.75
CA TYR G 28 27.01 -23.57 16.29
C TYR G 28 27.10 -23.34 17.79
N LEU G 29 27.55 -24.39 18.49
CA LEU G 29 27.65 -24.35 19.95
C LEU G 29 28.70 -23.34 20.53
N PRO G 30 29.99 -23.46 20.17
CA PRO G 30 30.84 -22.39 20.62
C PRO G 30 30.35 -21.00 20.18
N ILE G 31 29.74 -20.89 18.98
CA ILE G 31 29.32 -19.57 18.48
C ILE G 31 28.26 -19.05 19.44
N GLU G 32 27.26 -19.87 19.73
CA GLU G 32 26.22 -19.40 20.65
C GLU G 32 26.89 -18.99 21.94
N LEU G 33 27.57 -19.95 22.53
CA LEU G 33 28.20 -19.74 23.82
C LEU G 33 29.10 -18.49 23.91
N VAL G 34 29.84 -18.15 22.85
CA VAL G 34 30.63 -16.92 22.88
C VAL G 34 29.70 -15.73 22.84
N GLU G 35 28.62 -15.89 22.07
CA GLU G 35 27.77 -14.76 21.86
C GLU G 35 27.16 -14.35 23.18
N ARG G 36 26.54 -15.29 23.92
CA ARG G 36 25.90 -14.95 25.19
C ARG G 36 26.91 -14.61 26.26
N GLY G 37 28.17 -14.44 25.89
CA GLY G 37 29.21 -14.24 26.89
C GLY G 37 29.31 -15.33 27.98
N GLN G 38 28.69 -16.50 27.78
CA GLN G 38 28.77 -17.61 28.77
C GLN G 38 30.18 -18.26 28.84
N ILE G 39 30.98 -18.09 27.79
CA ILE G 39 32.33 -18.61 27.81
C ILE G 39 33.30 -17.53 27.39
N LYS G 40 34.56 -17.72 27.78
CA LYS G 40 35.58 -16.73 27.56
C LYS G 40 35.86 -16.80 26.07
N SER G 41 36.44 -17.92 25.62
CA SER G 41 36.92 -18.16 24.25
C SER G 41 36.74 -19.64 23.89
N ALA G 42 37.08 -20.06 22.65
CA ALA G 42 36.89 -21.48 22.27
C ALA G 42 37.79 -22.13 21.18
N ILE G 43 37.88 -23.45 21.20
CA ILE G 43 38.46 -24.20 20.07
C ILE G 43 37.37 -25.16 19.49
N ALA G 44 37.09 -24.98 18.20
CA ALA G 44 36.21 -25.93 17.53
C ALA G 44 37.13 -26.84 16.78
N GLY G 45 37.00 -28.13 17.04
CA GLY G 45 37.84 -29.08 16.34
C GLY G 45 37.03 -29.86 15.34
N GLU G 46 37.62 -30.32 14.25
CA GLU G 46 36.90 -31.18 13.34
C GLU G 46 37.85 -32.09 12.61
N VAL G 47 37.34 -33.14 12.00
CA VAL G 47 38.22 -34.15 11.40
C VAL G 47 38.33 -34.19 9.90
N VAL G 48 37.24 -34.15 9.13
CA VAL G 48 37.40 -34.06 7.72
C VAL G 48 37.20 -32.62 7.29
N GLU G 49 37.71 -32.34 6.08
CA GLU G 49 37.74 -31.04 5.40
C GLU G 49 36.40 -30.36 5.28
N GLY G 50 35.40 -31.11 4.80
CA GLY G 50 34.02 -30.63 4.65
C GLY G 50 33.68 -29.80 5.87
N PRO G 51 33.20 -30.48 6.94
CA PRO G 51 32.83 -29.89 8.23
C PRO G 51 33.83 -28.89 8.81
N TYR G 52 35.13 -29.17 8.68
CA TYR G 52 36.11 -28.22 9.17
C TYR G 52 35.87 -26.91 8.45
N GLN G 53 35.75 -26.94 7.11
CA GLN G 53 35.62 -25.67 6.36
C GLN G 53 34.40 -24.90 6.83
N SER G 54 33.29 -25.61 6.96
CA SER G 54 32.06 -25.02 7.40
C SER G 54 32.30 -24.21 8.67
N ALA G 55 32.84 -24.85 9.72
CA ALA G 55 33.18 -24.13 10.98
C ALA G 55 34.12 -22.92 10.79
N VAL G 56 35.20 -23.07 10.04
CA VAL G 56 35.99 -21.85 9.70
C VAL G 56 35.06 -20.68 9.33
N LYS G 57 34.16 -20.94 8.38
CA LYS G 57 33.34 -19.91 7.73
C LYS G 57 32.24 -19.24 8.49
N ASN G 58 31.43 -20.07 9.15
CA ASN G 58 30.50 -19.58 10.16
C ASN G 58 31.12 -18.68 11.27
N VAL G 59 32.31 -19.04 11.73
CA VAL G 59 32.97 -18.27 12.75
C VAL G 59 33.31 -16.92 12.17
N GLU G 60 33.75 -16.93 10.92
CA GLU G 60 34.06 -15.69 10.26
C GLU G 60 32.80 -14.86 10.05
N ALA G 61 31.70 -15.52 9.68
CA ALA G 61 30.46 -14.85 9.44
C ALA G 61 29.99 -14.13 10.69
N HIS G 62 30.05 -14.82 11.83
CA HIS G 62 29.70 -14.19 13.06
C HIS G 62 30.83 -13.29 13.56
N GLY G 63 31.83 -13.05 12.70
CA GLY G 63 33.03 -12.27 13.05
C GLY G 63 33.55 -12.55 14.46
N LEU G 64 33.91 -13.80 14.71
CA LEU G 64 34.45 -14.20 15.99
C LEU G 64 35.78 -14.87 15.72
N LYS G 65 36.38 -14.53 14.60
CA LYS G 65 37.63 -15.11 14.21
C LYS G 65 38.64 -14.90 15.30
N GLU G 66 38.53 -13.83 16.08
CA GLU G 66 39.55 -13.70 17.13
C GLU G 66 39.10 -14.25 18.49
N LYS G 67 38.19 -15.21 18.48
CA LYS G 67 37.73 -15.79 19.75
C LYS G 67 37.37 -17.27 19.65
N ILE G 68 37.30 -17.78 18.44
CA ILE G 68 37.08 -19.18 18.31
C ILE G 68 38.11 -19.59 17.32
N GLN G 69 38.88 -20.64 17.63
CA GLN G 69 39.86 -21.16 16.69
C GLN G 69 39.34 -22.45 16.12
N VAL G 70 39.62 -22.67 14.85
CA VAL G 70 39.07 -23.84 14.22
C VAL G 70 40.24 -24.67 13.73
N ARG G 71 40.30 -25.90 14.21
CA ARG G 71 41.42 -26.75 13.90
C ARG G 71 40.91 -28.03 13.27
N LEU G 72 41.68 -28.49 12.27
CA LEU G 72 41.35 -29.75 11.62
C LEU G 72 42.20 -30.72 12.37
N ALA G 73 41.59 -31.60 13.15
CA ALA G 73 42.29 -32.54 14.01
C ALA G 73 41.38 -33.67 14.32
N ASN G 74 41.97 -34.80 14.61
CA ASN G 74 41.18 -35.89 15.06
C ASN G 74 41.06 -35.86 16.59
N GLY G 75 39.86 -36.10 17.08
CA GLY G 75 39.56 -36.04 18.50
C GLY G 75 40.32 -34.96 19.23
N LEU G 76 40.85 -35.34 20.39
CA LEU G 76 41.59 -34.45 21.26
C LEU G 76 42.90 -33.86 20.69
N ALA G 77 43.32 -34.33 19.51
CA ALA G 77 44.47 -33.71 18.87
C ALA G 77 44.21 -32.21 18.76
N ALA G 78 42.98 -31.83 18.43
CA ALA G 78 42.47 -30.44 18.47
C ALA G 78 42.99 -29.50 19.54
N PHE G 79 43.38 -29.98 20.73
CA PHE G 79 44.07 -29.09 21.70
C PHE G 79 45.34 -29.67 22.38
N GLU G 80 46.12 -28.76 23.02
CA GLU G 80 47.28 -29.07 23.83
C GLU G 80 47.10 -28.32 25.18
N GLU G 81 47.95 -28.65 26.15
CA GLU G 81 47.69 -28.20 27.53
C GLU G 81 47.89 -26.70 27.62
N THR G 82 48.45 -26.15 26.56
CA THR G 82 48.73 -24.73 26.56
C THR G 82 47.51 -23.86 26.20
N ASP G 83 46.61 -24.44 25.41
CA ASP G 83 45.28 -23.88 25.14
C ASP G 83 44.47 -23.72 26.41
N GLN G 84 44.78 -24.52 27.40
CA GLN G 84 44.28 -24.22 28.71
C GLN G 84 42.75 -24.31 28.75
N VAL G 85 42.26 -25.39 28.14
CA VAL G 85 40.84 -25.69 28.02
C VAL G 85 40.31 -26.09 29.40
N SER G 86 39.16 -25.57 29.82
CA SER G 86 38.49 -26.05 31.04
C SER G 86 37.32 -27.02 30.80
N VAL G 87 36.56 -26.85 29.71
CA VAL G 87 35.41 -27.75 29.44
C VAL G 87 35.50 -28.28 28.02
N ILE G 88 35.12 -29.53 27.79
CA ILE G 88 35.09 -30.07 26.46
C ILE G 88 33.74 -30.65 26.16
N THR G 89 33.16 -30.27 25.04
CA THR G 89 31.89 -30.85 24.69
C THR G 89 32.17 -31.76 23.57
N ILE G 90 31.51 -32.92 23.58
CA ILE G 90 31.59 -33.90 22.50
C ILE G 90 30.21 -34.46 22.24
N ALA G 91 29.53 -33.96 21.20
CA ALA G 91 28.08 -34.25 20.95
C ALA G 91 27.74 -34.89 19.57
N GLY G 92 26.69 -35.68 19.51
CA GLY G 92 26.30 -36.23 18.24
C GLY G 92 27.23 -37.30 17.68
N MET G 93 27.67 -38.24 18.51
CA MET G 93 28.46 -39.36 17.98
C MET G 93 28.00 -40.65 18.58
N GLY G 94 28.54 -41.73 18.08
CA GLY G 94 28.29 -43.00 18.71
C GLY G 94 28.89 -43.03 20.12
N GLY G 95 28.26 -43.83 20.97
CA GLY G 95 28.83 -44.13 22.28
C GLY G 95 30.29 -44.53 22.17
N ARG G 96 30.60 -45.47 21.28
CA ARG G 96 31.98 -45.98 21.21
C ARG G 96 33.03 -45.06 20.60
N LEU G 97 32.60 -44.15 19.76
CA LEU G 97 33.51 -43.15 19.25
C LEU G 97 33.84 -42.13 20.36
N ILE G 98 32.83 -41.75 21.14
CA ILE G 98 33.13 -40.85 22.22
C ILE G 98 34.19 -41.53 23.07
N ALA G 99 34.04 -42.85 23.32
CA ALA G 99 35.04 -43.62 24.08
C ALA G 99 36.40 -43.58 23.43
N ARG G 100 36.49 -44.08 22.18
CA ARG G 100 37.73 -44.08 21.41
C ARG G 100 38.35 -42.67 21.45
N ILE G 101 37.57 -41.61 21.34
CA ILE G 101 38.15 -40.27 21.36
C ILE G 101 38.77 -39.92 22.71
N LEU G 102 37.96 -40.01 23.76
CA LEU G 102 38.42 -39.91 25.15
C LEU G 102 39.59 -40.88 25.44
N GLU G 103 39.46 -42.10 24.95
CA GLU G 103 40.51 -43.09 25.07
C GLU G 103 41.86 -42.68 24.43
N GLU G 104 41.84 -42.21 23.17
CA GLU G 104 43.06 -42.00 22.37
C GLU G 104 43.73 -40.71 22.77
N GLY G 105 43.25 -40.06 23.81
CA GLY G 105 43.76 -38.74 24.13
C GLY G 105 43.49 -38.51 25.58
N LEU G 106 43.34 -39.63 26.28
CA LEU G 106 43.18 -39.61 27.71
C LEU G 106 44.26 -38.81 28.47
N GLY G 107 45.51 -38.97 28.05
CA GLY G 107 46.62 -38.11 28.46
C GLY G 107 46.16 -36.69 28.78
N LYS G 108 45.48 -36.05 27.82
CA LYS G 108 45.29 -34.60 27.80
C LYS G 108 44.26 -34.11 28.82
N LEU G 109 43.52 -35.05 29.42
CA LEU G 109 42.34 -34.70 30.20
C LEU G 109 42.61 -34.22 31.61
N ALA G 110 43.85 -34.37 32.08
CA ALA G 110 44.21 -34.11 33.48
C ALA G 110 43.79 -32.73 33.98
N ASN G 111 43.96 -31.70 33.18
CA ASN G 111 43.63 -30.37 33.65
C ASN G 111 42.25 -29.87 33.22
N VAL G 112 41.38 -30.81 32.88
CA VAL G 112 40.09 -30.45 32.34
C VAL G 112 39.05 -30.67 33.42
N GLU G 113 38.32 -29.62 33.74
CA GLU G 113 37.32 -29.68 34.80
C GLU G 113 36.12 -30.53 34.41
N ARG G 114 35.53 -30.26 33.24
CA ARG G 114 34.25 -30.89 32.91
C ARG G 114 34.18 -31.38 31.45
N LEU G 115 33.37 -32.42 31.25
CA LEU G 115 33.21 -33.07 29.99
C LEU G 115 31.72 -33.34 29.69
N ILE G 116 31.00 -32.36 29.15
CA ILE G 116 29.64 -32.61 28.63
C ILE G 116 29.69 -33.48 27.36
N LEU G 117 28.98 -34.60 27.36
CA LEU G 117 29.05 -35.61 26.30
C LEU G 117 27.67 -36.09 25.90
N GLN G 118 27.27 -35.89 24.66
CA GLN G 118 26.03 -36.50 24.30
C GLN G 118 26.21 -37.57 23.26
N PRO G 119 26.13 -38.84 23.67
CA PRO G 119 26.21 -39.94 22.67
C PRO G 119 24.98 -39.95 21.77
N ASN G 120 24.77 -41.05 21.05
CA ASN G 120 23.65 -41.20 20.11
C ASN G 120 23.15 -42.59 20.21
N ASN G 121 24.09 -43.50 20.35
CA ASN G 121 23.76 -44.82 20.71
C ASN G 121 24.83 -45.23 21.76
N ARG G 122 24.75 -46.48 22.21
CA ARG G 122 25.79 -47.09 22.99
C ARG G 122 26.12 -46.33 24.26
N GLU G 123 25.10 -45.71 24.88
CA GLU G 123 25.30 -44.97 26.15
C GLU G 123 25.95 -45.83 27.25
N ASP G 124 25.47 -47.07 27.43
CA ASP G 124 26.08 -47.96 28.41
C ASP G 124 27.62 -48.14 28.28
N ASP G 125 28.10 -48.75 27.19
CA ASP G 125 29.53 -48.80 26.90
C ASP G 125 30.31 -47.54 27.22
N LEU G 126 29.74 -46.36 26.99
CA LEU G 126 30.41 -45.13 27.43
C LEU G 126 30.57 -45.18 28.94
N ARG G 127 29.46 -45.42 29.64
CA ARG G 127 29.47 -45.43 31.10
C ARG G 127 30.49 -46.43 31.65
N ILE G 128 30.49 -47.65 31.09
CA ILE G 128 31.53 -48.61 31.38
C ILE G 128 32.90 -47.98 31.11
N TRP G 129 33.14 -47.47 29.90
CA TRP G 129 34.42 -46.75 29.65
C TRP G 129 34.74 -45.68 30.73
N LEU G 130 33.76 -44.83 31.04
CA LEU G 130 34.02 -43.73 31.92
C LEU G 130 34.31 -44.28 33.28
N GLN G 131 33.68 -45.41 33.61
CA GLN G 131 33.86 -45.97 34.97
C GLN G 131 35.29 -46.42 35.10
N ASP G 132 35.71 -47.24 34.17
CA ASP G 132 37.02 -47.86 34.21
C ASP G 132 38.22 -46.97 33.93
N HIS G 133 38.03 -45.66 33.96
CA HIS G 133 39.09 -44.77 33.55
C HIS G 133 39.11 -43.53 34.38
N GLY G 134 38.51 -43.64 35.55
CA GLY G 134 38.67 -42.62 36.57
C GLY G 134 37.77 -41.43 36.37
N PHE G 135 36.56 -41.71 35.87
CA PHE G 135 35.56 -40.67 35.66
C PHE G 135 34.26 -40.98 36.34
N GLN G 136 33.69 -39.94 36.94
CA GLN G 136 32.37 -40.01 37.56
C GLN G 136 31.37 -39.14 36.83
N ILE G 137 30.17 -39.68 36.60
CA ILE G 137 29.07 -38.88 36.05
C ILE G 137 28.54 -37.98 37.16
N VAL G 138 28.36 -36.70 36.91
CA VAL G 138 27.81 -35.85 37.94
C VAL G 138 26.43 -35.31 37.58
N ALA G 139 25.97 -35.57 36.36
CA ALA G 139 24.68 -35.04 35.92
C ALA G 139 24.23 -35.71 34.62
N GLU G 140 22.95 -36.02 34.52
CA GLU G 140 22.41 -36.64 33.30
C GLU G 140 21.08 -36.00 32.86
N SER G 141 20.92 -35.70 31.59
CA SER G 141 19.59 -35.38 31.14
C SER G 141 19.27 -36.03 29.79
N ILE G 142 17.99 -36.06 29.48
CA ILE G 142 17.40 -36.77 28.34
C ILE G 142 16.44 -35.80 27.65
N LEU G 143 16.18 -36.03 26.37
CA LEU G 143 15.23 -35.21 25.64
C LEU G 143 14.78 -35.91 24.38
N GLU G 144 13.57 -35.57 23.95
CA GLU G 144 13.01 -35.94 22.67
C GLU G 144 13.28 -34.73 21.78
N GLU G 145 13.61 -34.98 20.52
CA GLU G 145 13.68 -33.90 19.55
C GLU G 145 13.40 -34.55 18.23
N ALA G 146 12.25 -34.21 17.66
CA ALA G 146 11.89 -34.63 16.30
C ALA G 146 11.93 -36.14 16.21
N GLY G 147 11.28 -36.78 17.18
CA GLY G 147 11.14 -38.23 17.16
C GLY G 147 12.33 -39.00 17.70
N LYS G 148 13.51 -38.37 17.69
CA LYS G 148 14.71 -39.00 18.21
C LYS G 148 14.94 -38.69 19.71
N PHE G 149 15.49 -39.67 20.45
CA PHE G 149 15.91 -39.48 21.87
C PHE G 149 17.43 -39.21 22.04
N TYR G 150 17.79 -38.43 23.05
CA TYR G 150 19.15 -37.98 23.19
C TYR G 150 19.53 -37.88 24.64
N GLU G 151 20.42 -38.77 25.08
CA GLU G 151 20.99 -38.71 26.43
C GLU G 151 22.16 -37.75 26.45
N ILE G 152 22.25 -36.95 27.49
CA ILE G 152 23.42 -36.10 27.74
C ILE G 152 24.12 -36.52 29.06
N LEU G 153 25.41 -36.80 28.99
CA LEU G 153 26.17 -37.14 30.20
C LEU G 153 27.08 -35.98 30.57
N VAL G 154 26.97 -35.51 31.81
CA VAL G 154 27.96 -34.59 32.41
C VAL G 154 28.91 -35.36 33.35
N VAL G 155 30.20 -35.11 33.23
CA VAL G 155 31.21 -36.03 33.77
C VAL G 155 32.40 -35.26 34.34
N GLU G 156 32.88 -35.69 35.52
CA GLU G 156 34.11 -35.09 36.10
C GLU G 156 35.24 -36.06 36.48
N ALA G 157 36.35 -35.51 37.00
CA ALA G 157 37.44 -36.31 37.63
C ALA G 157 36.91 -37.05 38.89
N GLY G 158 36.94 -38.38 38.88
CA GLY G 158 36.34 -39.07 40.02
C GLY G 158 36.17 -40.56 39.91
N GLN G 159 35.68 -41.17 40.97
CA GLN G 159 35.34 -42.58 40.93
C GLN G 159 33.85 -42.73 41.03
N MET G 160 33.38 -43.85 40.49
CA MET G 160 32.00 -44.25 40.58
C MET G 160 31.97 -45.76 40.37
N LYS G 161 31.10 -46.42 41.15
CA LYS G 161 30.80 -47.87 41.02
C LYS G 161 29.34 -47.95 40.69
N LEU G 162 29.03 -48.32 39.45
CA LEU G 162 27.67 -48.21 38.92
C LEU G 162 27.00 -49.57 38.93
N SER G 163 25.69 -49.59 39.16
CA SER G 163 24.92 -50.84 39.01
C SER G 163 24.75 -51.20 37.53
N ALA G 164 24.54 -52.48 37.23
CA ALA G 164 24.25 -52.88 35.84
C ALA G 164 22.92 -52.29 35.37
N SER G 165 22.13 -51.75 36.30
CA SER G 165 20.95 -50.99 35.94
C SER G 165 21.37 -49.55 35.71
N ASP G 166 22.36 -49.08 36.45
CA ASP G 166 22.86 -47.70 36.26
C ASP G 166 23.65 -47.49 34.97
N VAL G 167 24.33 -48.55 34.52
CA VAL G 167 25.02 -48.52 33.26
C VAL G 167 23.99 -48.44 32.12
N ARG G 168 22.99 -49.32 32.15
CA ARG G 168 21.92 -49.40 31.15
C ARG G 168 20.94 -48.20 31.08
N PHE G 169 20.62 -47.55 32.20
CA PHE G 169 19.58 -46.53 32.19
C PHE G 169 20.08 -45.17 32.68
N GLY G 170 21.18 -45.20 33.42
CA GLY G 170 21.82 -43.97 33.89
C GLY G 170 21.48 -43.60 35.32
N PRO G 171 22.51 -43.49 36.19
CA PRO G 171 22.51 -42.96 37.56
C PRO G 171 21.54 -41.81 37.83
N PHE G 172 21.62 -40.72 37.09
CA PHE G 172 20.68 -39.63 37.36
C PHE G 172 19.37 -39.74 36.57
N LEU G 173 19.42 -40.39 35.40
CA LEU G 173 18.24 -40.52 34.57
C LEU G 173 17.24 -41.42 35.28
N SER G 174 17.72 -42.53 35.84
CA SER G 174 16.85 -43.45 36.55
C SER G 174 16.54 -43.03 38.01
N LYS G 175 17.30 -42.09 38.56
CA LYS G 175 16.96 -41.46 39.85
C LYS G 175 15.72 -40.64 39.62
N GLU G 176 15.85 -39.41 39.17
CA GLU G 176 14.67 -38.57 39.00
C GLU G 176 13.82 -38.98 37.76
N VAL G 177 13.65 -40.29 37.50
CA VAL G 177 12.91 -40.85 36.32
C VAL G 177 11.93 -39.90 35.62
N SER G 178 12.27 -39.37 34.43
CA SER G 178 11.42 -38.35 33.72
C SER G 178 10.36 -38.91 32.73
N PRO G 179 9.36 -38.07 32.33
CA PRO G 179 8.40 -38.43 31.27
C PRO G 179 9.07 -38.91 29.99
N VAL G 180 10.08 -38.17 29.53
CA VAL G 180 10.88 -38.52 28.35
C VAL G 180 11.68 -39.82 28.57
N PHE G 181 12.21 -39.98 29.79
CA PHE G 181 12.84 -41.23 30.21
C PHE G 181 11.91 -42.39 29.99
N VAL G 182 10.74 -42.29 30.62
CA VAL G 182 9.66 -43.28 30.53
C VAL G 182 9.30 -43.59 29.09
N GLN G 183 9.08 -42.56 28.29
CA GLN G 183 8.61 -42.80 26.96
C GLN G 183 9.65 -43.57 26.15
N LYS G 184 10.93 -43.24 26.34
CA LYS G 184 12.01 -43.91 25.64
C LYS G 184 12.02 -45.40 25.91
N TRP G 185 11.93 -45.75 27.18
CA TRP G 185 12.15 -47.14 27.60
C TRP G 185 10.89 -48.01 27.41
N GLN G 186 9.72 -47.39 27.58
CA GLN G 186 8.45 -47.93 27.11
C GLN G 186 8.55 -48.30 25.63
N LYS G 187 8.82 -47.32 24.75
CA LYS G 187 8.86 -47.57 23.31
C LYS G 187 9.77 -48.77 23.04
N GLU G 188 10.81 -48.87 23.87
CA GLU G 188 11.88 -49.85 23.75
C GLU G 188 11.44 -51.21 24.22
N ALA G 189 10.70 -51.23 25.34
CA ALA G 189 10.07 -52.44 25.90
C ALA G 189 9.09 -53.15 24.93
N GLU G 190 8.15 -52.40 24.34
CA GLU G 190 7.33 -52.95 23.24
C GLU G 190 8.21 -53.52 22.11
N LYS G 191 9.13 -52.69 21.59
CA LYS G 191 10.08 -53.08 20.50
C LYS G 191 10.66 -54.47 20.75
N LEU G 192 10.87 -54.77 22.03
CA LEU G 192 11.43 -56.02 22.47
C LEU G 192 10.38 -57.13 22.46
N GLU G 193 9.35 -56.97 23.31
CA GLU G 193 8.22 -57.89 23.38
C GLU G 193 7.80 -58.26 21.98
N PHE G 194 7.77 -57.26 21.10
CA PHE G 194 7.38 -57.50 19.75
C PHE G 194 8.17 -58.70 19.19
N ALA G 195 9.49 -58.59 19.20
CA ALA G 195 10.42 -59.66 18.75
C ALA G 195 10.19 -61.12 19.27
N LEU G 196 10.16 -61.33 20.59
CA LEU G 196 9.96 -62.71 21.15
C LEU G 196 9.63 -63.89 20.18
N GLU G 205 15.01 -69.21 25.48
CA GLU G 205 16.24 -69.89 25.82
C GLU G 205 17.45 -68.98 25.53
N GLU G 206 17.73 -68.77 24.24
CA GLU G 206 18.45 -67.56 23.78
C GLU G 206 17.39 -66.44 23.50
N ARG G 207 16.12 -66.87 23.33
CA ARG G 207 14.88 -66.04 23.49
C ARG G 207 14.85 -65.58 24.95
N GLN G 208 16.01 -65.12 25.39
CA GLN G 208 16.31 -64.97 26.79
C GLN G 208 16.66 -63.54 27.02
N VAL G 209 17.85 -63.18 26.53
CA VAL G 209 18.36 -61.81 26.51
C VAL G 209 17.22 -60.78 26.66
N LEU G 210 16.21 -60.90 25.79
CA LEU G 210 15.07 -60.00 25.76
C LEU G 210 14.27 -60.07 27.06
N VAL G 211 13.79 -61.25 27.44
CA VAL G 211 13.01 -61.42 28.69
C VAL G 211 13.62 -60.61 29.81
N ASP G 212 14.93 -60.82 30.00
CA ASP G 212 15.68 -60.26 31.12
C ASP G 212 15.85 -58.74 30.94
N LYS G 213 16.18 -58.34 29.69
CA LYS G 213 16.13 -56.94 29.23
C LYS G 213 14.76 -56.28 29.52
N ILE G 214 13.70 -56.93 29.00
CA ILE G 214 12.31 -56.51 29.14
C ILE G 214 11.97 -56.38 30.61
N GLN G 215 12.34 -57.42 31.34
CA GLN G 215 12.27 -57.44 32.78
C GLN G 215 12.95 -56.23 33.44
N ALA G 216 14.18 -55.97 33.00
CA ALA G 216 14.96 -54.85 33.51
C ALA G 216 14.21 -53.54 33.34
N ILE G 217 13.61 -53.35 32.16
CA ILE G 217 12.93 -52.09 31.82
C ILE G 217 11.68 -51.90 32.66
N LYS G 218 10.93 -52.99 32.81
CA LYS G 218 9.76 -53.08 33.70
C LYS G 218 10.09 -52.62 35.12
N GLU G 219 11.28 -53.03 35.57
CA GLU G 219 11.76 -52.76 36.90
C GLU G 219 12.17 -51.30 37.20
N VAL G 220 12.88 -50.65 36.30
CA VAL G 220 13.31 -49.27 36.55
C VAL G 220 12.17 -48.27 36.32
N LEU G 221 11.12 -48.76 35.68
CA LEU G 221 9.89 -47.99 35.46
C LEU G 221 8.83 -48.17 36.58
N HIS G 222 8.74 -49.38 37.12
CA HIS G 222 7.80 -49.73 38.21
C HIS G 222 7.64 -48.61 39.26
N MET H 1 43.45 65.59 -21.56
CA MET H 1 42.91 66.71 -20.77
C MET H 1 41.56 67.30 -21.35
N ILE H 2 41.54 67.83 -22.58
CA ILE H 2 40.44 68.77 -23.01
C ILE H 2 39.02 68.24 -23.29
N SER H 3 38.03 68.96 -22.76
CA SER H 3 36.60 68.61 -22.84
C SER H 3 36.11 68.20 -24.21
N LYS H 4 35.04 67.43 -24.27
CA LYS H 4 34.61 66.92 -25.58
C LYS H 4 33.90 68.01 -26.41
N ARG H 5 33.18 68.90 -25.71
CA ARG H 5 32.63 70.17 -26.25
C ARG H 5 33.71 71.05 -26.87
N LEU H 6 34.58 71.58 -26.02
CA LEU H 6 35.72 72.37 -26.43
C LEU H 6 36.58 71.69 -27.46
N GLU H 7 36.43 70.38 -27.58
CA GLU H 7 37.09 69.65 -28.65
C GLU H 7 36.49 70.04 -30.02
N LEU H 8 35.17 69.91 -30.11
CA LEU H 8 34.36 70.26 -31.26
C LEU H 8 34.56 71.70 -31.66
N VAL H 9 34.27 72.64 -30.74
CA VAL H 9 34.58 74.06 -30.94
C VAL H 9 35.96 74.19 -31.60
N ALA H 10 37.00 73.67 -30.94
CA ALA H 10 38.37 73.78 -31.43
C ALA H 10 38.47 73.32 -32.88
N SER H 11 37.77 72.23 -33.19
CA SER H 11 37.86 71.63 -34.52
C SER H 11 37.50 72.59 -35.67
N PHE H 12 36.71 73.64 -35.44
CA PHE H 12 36.42 74.62 -36.50
C PHE H 12 37.38 75.79 -36.54
N VAL H 13 38.50 75.71 -35.86
CA VAL H 13 39.30 76.91 -35.80
C VAL H 13 40.36 76.82 -36.87
N SER H 14 40.22 77.76 -37.80
CA SER H 14 41.06 77.86 -38.99
C SER H 14 42.56 77.77 -38.71
N GLN H 15 43.16 76.77 -39.34
CA GLN H 15 44.59 76.58 -39.28
C GLN H 15 45.34 77.88 -39.47
N GLY H 16 46.09 78.32 -38.47
CA GLY H 16 46.98 79.47 -38.60
C GLY H 16 46.44 80.79 -38.07
N ALA H 17 45.18 80.75 -37.61
CA ALA H 17 44.44 81.92 -37.10
C ALA H 17 45.12 82.68 -35.96
N ILE H 18 44.56 83.85 -35.66
CA ILE H 18 44.82 84.49 -34.39
C ILE H 18 43.51 84.38 -33.59
N LEU H 19 43.53 83.79 -32.40
CA LEU H 19 42.26 83.50 -31.73
C LEU H 19 41.91 84.50 -30.63
N LEU H 20 40.69 84.99 -30.63
CA LEU H 20 40.21 85.64 -29.45
C LEU H 20 39.16 84.73 -28.88
N ASP H 21 39.36 84.36 -27.63
CA ASP H 21 38.43 83.48 -26.97
C ASP H 21 37.90 84.31 -25.85
N VAL H 22 36.59 84.49 -25.85
CA VAL H 22 35.90 85.48 -25.02
C VAL H 22 35.28 84.71 -23.90
N GLY H 23 35.79 84.87 -22.69
CA GLY H 23 35.36 84.04 -21.56
C GLY H 23 36.13 82.73 -21.43
N SER H 24 37.45 82.76 -21.53
CA SER H 24 38.28 81.58 -21.30
C SER H 24 38.36 81.18 -19.81
N ASP H 25 37.57 80.23 -19.36
CA ASP H 25 38.01 79.63 -18.12
C ASP H 25 39.45 79.21 -18.38
N HIS H 26 40.32 79.52 -17.45
CA HIS H 26 41.44 78.62 -17.42
C HIS H 26 42.18 78.51 -18.74
N ALA H 27 41.81 79.33 -19.72
CA ALA H 27 42.43 79.36 -21.04
C ALA H 27 42.54 77.98 -21.72
N TYR H 28 41.67 77.04 -21.37
CA TYR H 28 41.91 75.68 -21.85
C TYR H 28 41.92 75.63 -23.36
N LEU H 29 40.96 76.32 -23.99
CA LEU H 29 40.90 76.30 -25.45
C LEU H 29 42.10 76.96 -26.21
N PRO H 30 42.39 78.26 -25.96
CA PRO H 30 43.59 78.78 -26.56
C PRO H 30 44.78 77.86 -26.30
N ILE H 31 44.91 77.36 -25.06
CA ILE H 31 46.13 76.64 -24.66
C ILE H 31 46.28 75.37 -25.47
N GLU H 32 45.20 74.60 -25.58
CA GLU H 32 45.25 73.41 -26.41
C GLU H 32 45.73 73.83 -27.79
N LEU H 33 44.99 74.76 -28.37
CA LEU H 33 45.18 75.14 -29.75
C LEU H 33 46.60 75.63 -30.06
N VAL H 34 47.21 76.40 -29.17
CA VAL H 34 48.61 76.79 -29.38
C VAL H 34 49.49 75.56 -29.25
N GLU H 35 49.20 74.73 -28.26
CA GLU H 35 50.11 73.66 -27.98
C GLU H 35 50.25 72.71 -29.14
N ARG H 36 49.18 72.52 -29.90
CA ARG H 36 49.19 71.57 -30.99
C ARG H 36 49.42 72.30 -32.28
N GLY H 37 50.13 73.41 -32.22
CA GLY H 37 50.45 74.20 -33.39
C GLY H 37 49.34 74.58 -34.39
N GLN H 38 48.05 74.51 -33.99
CA GLN H 38 46.93 74.84 -34.90
C GLN H 38 46.65 76.37 -35.03
N ILE H 39 47.17 77.18 -34.11
CA ILE H 39 46.95 78.61 -34.20
C ILE H 39 48.25 79.33 -33.97
N LYS H 40 48.32 80.57 -34.43
CA LYS H 40 49.56 81.31 -34.41
C LYS H 40 49.76 81.69 -32.95
N SER H 41 48.83 82.49 -32.42
CA SER H 41 48.90 83.17 -31.11
C SER H 41 47.45 83.39 -30.61
N ALA H 42 47.24 83.78 -29.34
CA ALA H 42 45.86 84.12 -28.90
C ALA H 42 45.65 85.25 -27.85
N ILE H 43 44.40 85.70 -27.75
CA ILE H 43 44.00 86.55 -26.64
C ILE H 43 42.86 85.83 -25.90
N ALA H 44 43.08 85.56 -24.62
CA ALA H 44 41.98 85.06 -23.82
C ALA H 44 41.49 86.27 -23.05
N GLY H 45 40.18 86.50 -23.12
CA GLY H 45 39.58 87.60 -22.41
C GLY H 45 38.55 87.15 -21.42
N GLU H 46 38.45 87.81 -20.27
CA GLU H 46 37.50 87.39 -19.25
C GLU H 46 36.98 88.64 -18.55
N VAL H 47 35.78 88.57 -17.98
CA VAL H 47 35.12 89.79 -17.45
C VAL H 47 35.31 90.00 -15.96
N VAL H 48 34.91 89.08 -15.10
CA VAL H 48 35.25 89.15 -13.70
C VAL H 48 36.71 88.70 -13.45
N GLU H 49 37.23 89.20 -12.32
CA GLU H 49 38.59 88.96 -11.76
C GLU H 49 38.96 87.52 -11.45
N GLY H 50 38.06 86.77 -10.80
CA GLY H 50 38.21 85.33 -10.58
C GLY H 50 38.77 84.64 -11.82
N PRO H 51 37.88 84.27 -12.79
CA PRO H 51 38.29 83.62 -14.06
C PRO H 51 39.39 84.32 -14.80
N TYR H 52 39.40 85.64 -14.84
CA TYR H 52 40.56 86.31 -15.42
C TYR H 52 41.84 85.70 -14.80
N GLN H 53 41.90 85.65 -13.45
CA GLN H 53 43.17 85.25 -12.76
C GLN H 53 43.53 83.81 -13.07
N SER H 54 42.51 82.95 -13.07
CA SER H 54 42.67 81.57 -13.46
C SER H 54 43.40 81.49 -14.80
N ALA H 55 42.82 81.99 -15.88
CA ALA H 55 43.52 82.10 -17.18
C ALA H 55 44.93 82.74 -17.13
N VAL H 56 45.11 83.86 -16.43
CA VAL H 56 46.50 84.35 -16.28
C VAL H 56 47.43 83.18 -15.86
N LYS H 57 47.04 82.47 -14.79
CA LYS H 57 47.88 81.46 -14.19
C LYS H 57 48.18 80.21 -14.95
N ASN H 58 47.14 79.58 -15.44
CA ASN H 58 47.26 78.45 -16.35
C ASN H 58 48.15 78.73 -17.59
N VAL H 59 48.16 79.95 -18.09
CA VAL H 59 48.92 80.26 -19.28
C VAL H 59 50.37 80.27 -18.92
N GLU H 60 50.69 80.80 -17.75
CA GLU H 60 52.06 80.83 -17.29
C GLU H 60 52.54 79.38 -17.01
N ALA H 61 51.66 78.60 -16.39
CA ALA H 61 51.93 77.21 -16.11
C ALA H 61 52.25 76.43 -17.38
N HIS H 62 51.54 76.71 -18.45
CA HIS H 62 51.88 76.06 -19.66
C HIS H 62 53.05 76.82 -20.29
N GLY H 63 53.65 77.76 -19.53
CA GLY H 63 54.73 78.61 -20.03
C GLY H 63 54.49 79.10 -21.46
N LEU H 64 53.34 79.72 -21.68
CA LEU H 64 52.98 80.29 -22.96
C LEU H 64 52.74 81.78 -22.79
N LYS H 65 53.41 82.38 -21.83
CA LYS H 65 53.25 83.80 -21.57
C LYS H 65 53.47 84.59 -22.85
N GLU H 66 54.43 84.21 -23.70
CA GLU H 66 54.55 84.94 -24.99
C GLU H 66 53.74 84.44 -26.21
N LYS H 67 52.72 83.60 -26.02
CA LYS H 67 51.82 83.34 -27.14
C LYS H 67 50.34 83.53 -26.75
N ILE H 68 50.08 83.76 -25.47
CA ILE H 68 48.70 84.02 -25.12
C ILE H 68 48.64 85.18 -24.17
N GLN H 69 47.85 86.17 -24.52
CA GLN H 69 47.63 87.35 -23.70
C GLN H 69 46.31 87.19 -22.99
N VAL H 70 46.23 87.69 -21.77
CA VAL H 70 45.02 87.52 -21.00
C VAL H 70 44.53 88.90 -20.60
N ARG H 71 43.30 89.21 -20.93
CA ARG H 71 42.83 90.55 -20.70
C ARG H 71 41.55 90.54 -19.90
N LEU H 72 41.49 91.42 -18.91
CA LEU H 72 40.27 91.60 -18.12
C LEU H 72 39.52 92.61 -18.95
N ALA H 73 38.42 92.18 -19.57
CA ALA H 73 37.67 93.00 -20.49
C ALA H 73 36.29 92.41 -20.61
N ASN H 74 35.36 93.24 -21.00
CA ASN H 74 34.02 92.78 -21.22
C ASN H 74 33.79 92.59 -22.70
N GLY H 75 33.19 91.45 -23.03
CA GLY H 75 33.05 90.98 -24.41
C GLY H 75 34.24 91.31 -25.28
N LEU H 76 33.92 91.92 -26.42
CA LEU H 76 34.88 92.25 -27.45
C LEU H 76 35.86 93.36 -27.07
N ALA H 77 35.65 93.97 -25.89
CA ALA H 77 36.55 94.99 -25.42
C ALA H 77 37.96 94.41 -25.40
N ALA H 78 38.07 93.19 -24.87
CA ALA H 78 39.25 92.31 -24.98
C ALA H 78 40.15 92.40 -26.22
N PHE H 79 39.69 92.96 -27.34
CA PHE H 79 40.63 93.27 -28.45
C PHE H 79 40.32 94.55 -29.23
N GLU H 80 41.34 95.04 -29.95
CA GLU H 80 41.29 96.19 -30.80
C GLU H 80 41.75 95.73 -32.18
N GLU H 81 41.59 96.59 -33.19
CA GLU H 81 41.74 96.11 -34.58
C GLU H 81 43.18 95.79 -34.87
N THR H 82 44.05 96.30 -34.01
CA THR H 82 45.49 96.15 -34.20
C THR H 82 46.04 94.77 -33.80
N ASP H 83 45.27 94.08 -32.94
CA ASP H 83 45.51 92.71 -32.49
C ASP H 83 45.43 91.70 -33.62
N GLN H 84 44.67 92.03 -34.64
CA GLN H 84 44.73 91.22 -35.82
C GLN H 84 44.08 89.85 -35.64
N VAL H 85 42.92 89.84 -34.99
CA VAL H 85 42.23 88.61 -34.70
C VAL H 85 41.61 88.07 -36.00
N SER H 86 41.97 86.87 -36.43
CA SER H 86 41.19 86.23 -37.50
C SER H 86 39.92 85.45 -37.02
N VAL H 87 40.01 84.74 -35.90
CA VAL H 87 38.84 83.92 -35.44
C VAL H 87 38.49 84.17 -33.97
N ILE H 88 37.21 84.28 -33.66
CA ILE H 88 36.80 84.47 -32.29
C ILE H 88 35.92 83.34 -31.86
N THR H 89 36.27 82.71 -30.74
CA THR H 89 35.37 81.72 -30.17
C THR H 89 34.67 82.36 -29.01
N ILE H 90 33.39 82.01 -28.89
CA ILE H 90 32.53 82.44 -27.79
C ILE H 90 31.65 81.28 -27.30
N ALA H 91 32.07 80.62 -26.20
CA ALA H 91 31.48 79.34 -25.72
C ALA H 91 31.00 79.25 -24.23
N GLY H 92 29.81 78.73 -24.00
CA GLY H 92 29.39 78.41 -22.66
C GLY H 92 28.68 79.59 -22.06
N MET H 93 27.86 80.26 -22.87
CA MET H 93 27.02 81.37 -22.40
C MET H 93 25.66 81.17 -22.95
N GLY H 94 24.69 81.89 -22.40
CA GLY H 94 23.38 81.94 -23.00
C GLY H 94 23.38 82.56 -24.39
N GLY H 95 22.40 82.14 -25.18
CA GLY H 95 22.10 82.76 -26.48
C GLY H 95 22.11 84.28 -26.40
N ARG H 96 21.30 84.88 -25.53
CA ARG H 96 21.25 86.35 -25.59
C ARG H 96 22.41 87.14 -25.04
N LEU H 97 23.19 86.53 -24.15
CA LEU H 97 24.49 87.10 -23.80
C LEU H 97 25.46 87.10 -25.02
N ILE H 98 25.52 85.98 -25.74
CA ILE H 98 26.36 85.93 -26.90
C ILE H 98 25.90 87.04 -27.85
N ALA H 99 24.58 87.19 -28.02
CA ALA H 99 24.04 88.28 -28.86
C ALA H 99 24.43 89.65 -28.34
N ARG H 100 24.08 89.96 -27.08
CA ARG H 100 24.53 91.21 -26.40
C ARG H 100 26.05 91.43 -26.62
N ILE H 101 26.90 90.40 -26.52
CA ILE H 101 28.34 90.60 -26.69
C ILE H 101 28.74 90.98 -28.11
N LEU H 102 28.37 90.14 -29.08
CA LEU H 102 28.46 90.46 -30.51
C LEU H 102 27.80 91.82 -30.86
N GLU H 103 26.61 92.02 -30.32
CA GLU H 103 25.93 93.30 -30.42
C GLU H 103 26.81 94.47 -29.98
N GLU H 104 27.30 94.45 -28.72
CA GLU H 104 27.95 95.61 -28.10
C GLU H 104 29.29 95.98 -28.70
N GLY H 105 29.74 95.23 -29.69
CA GLY H 105 31.11 95.37 -30.18
C GLY H 105 31.07 94.97 -31.61
N LEU H 106 29.88 95.06 -32.19
CA LEU H 106 29.68 94.81 -33.60
C LEU H 106 30.65 95.56 -34.51
N GLY H 107 30.98 96.81 -34.15
CA GLY H 107 32.04 97.60 -34.77
C GLY H 107 33.23 96.72 -35.16
N LYS H 108 33.72 95.97 -34.18
CA LYS H 108 35.05 95.33 -34.23
C LYS H 108 35.15 94.18 -35.24
N LEU H 109 34.01 93.69 -35.72
CA LEU H 109 33.97 92.40 -36.40
C LEU H 109 34.36 92.39 -37.86
N ALA H 110 34.55 93.59 -38.42
CA ALA H 110 34.71 93.77 -39.87
C ALA H 110 35.85 92.95 -40.46
N ASN H 111 36.99 92.92 -39.80
CA ASN H 111 38.10 92.17 -40.36
C ASN H 111 38.24 90.77 -39.75
N VAL H 112 37.16 90.30 -39.14
CA VAL H 112 37.21 88.99 -38.50
C VAL H 112 36.62 87.97 -39.46
N GLU H 113 37.44 87.02 -39.88
CA GLU H 113 36.99 85.95 -40.75
C GLU H 113 35.88 85.13 -40.15
N ARG H 114 36.21 84.34 -39.13
CA ARG H 114 35.25 83.35 -38.59
C ARG H 114 34.88 83.58 -37.10
N LEU H 115 33.87 82.86 -36.64
CA LEU H 115 33.17 83.22 -35.45
C LEU H 115 32.39 82.01 -34.88
N ILE H 116 33.11 81.11 -34.24
CA ILE H 116 32.55 79.89 -33.61
C ILE H 116 31.81 80.18 -32.27
N LEU H 117 30.52 79.86 -32.20
CA LEU H 117 29.67 80.18 -31.06
C LEU H 117 29.01 78.95 -30.45
N GLN H 118 29.14 78.76 -29.15
CA GLN H 118 28.52 77.66 -28.50
C GLN H 118 27.54 78.21 -27.46
N PRO H 119 26.29 78.47 -27.85
CA PRO H 119 25.27 78.93 -26.87
C PRO H 119 24.87 77.80 -25.93
N ASN H 120 24.13 78.12 -24.85
CA ASN H 120 23.69 77.08 -23.91
C ASN H 120 22.21 77.04 -23.85
N ASN H 121 21.59 77.70 -24.80
CA ASN H 121 20.18 77.91 -24.77
C ASN H 121 19.94 79.12 -25.66
N ARG H 122 18.66 79.40 -25.88
CA ARG H 122 18.21 80.54 -26.61
C ARG H 122 18.84 80.55 -28.00
N GLU H 123 19.09 79.34 -28.55
CA GLU H 123 19.78 79.24 -29.84
C GLU H 123 19.00 79.93 -30.95
N ASP H 124 17.68 79.80 -30.95
CA ASP H 124 16.86 80.57 -31.90
C ASP H 124 17.17 82.08 -31.86
N ASP H 125 16.72 82.79 -30.81
CA ASP H 125 17.13 84.17 -30.58
C ASP H 125 18.52 84.58 -31.03
N LEU H 126 19.52 83.72 -30.90
CA LEU H 126 20.84 84.10 -31.41
C LEU H 126 20.79 84.10 -32.92
N ARG H 127 20.09 83.12 -33.49
CA ARG H 127 19.98 82.99 -34.95
C ARG H 127 19.30 84.20 -35.59
N ILE H 128 18.17 84.61 -35.00
CA ILE H 128 17.49 85.83 -35.40
C ILE H 128 18.47 87.01 -35.31
N TRP H 129 19.20 87.15 -34.18
CA TRP H 129 20.24 88.20 -34.12
C TRP H 129 21.24 88.07 -35.29
N LEU H 130 21.72 86.86 -35.51
CA LEU H 130 22.79 86.69 -36.43
C LEU H 130 22.32 87.09 -37.78
N GLN H 131 21.07 86.76 -38.10
CA GLN H 131 20.56 86.95 -39.47
C GLN H 131 20.45 88.43 -39.74
N ASP H 132 19.73 89.09 -38.83
CA ASP H 132 19.48 90.50 -38.84
C ASP H 132 20.67 91.39 -38.64
N HIS H 133 21.88 90.94 -38.94
CA HIS H 133 23.01 91.75 -38.56
C HIS H 133 24.15 91.45 -39.47
N GLY H 134 23.81 90.80 -40.58
CA GLY H 134 24.76 90.66 -41.68
C GLY H 134 25.66 89.47 -41.50
N PHE H 135 25.13 88.47 -40.80
CA PHE H 135 25.85 87.24 -40.56
C PHE H 135 25.08 86.07 -41.07
N GLN H 136 25.83 85.16 -41.71
CA GLN H 136 25.31 83.86 -42.12
C GLN H 136 26.00 82.70 -41.42
N ILE H 137 25.25 81.66 -41.10
CA ILE H 137 25.84 80.40 -40.56
C ILE H 137 26.45 79.56 -41.67
N VAL H 138 27.68 79.14 -41.52
CA VAL H 138 28.26 78.26 -42.50
C VAL H 138 28.37 76.78 -42.03
N ALA H 139 28.44 76.55 -40.71
CA ALA H 139 28.47 75.15 -40.22
C ALA H 139 27.80 75.01 -38.86
N GLU H 140 27.25 73.85 -38.57
CA GLU H 140 26.62 73.61 -37.29
C GLU H 140 26.95 72.20 -36.85
N SER H 141 27.02 72.01 -35.54
CA SER H 141 27.27 70.71 -34.95
C SER H 141 26.53 70.59 -33.65
N ILE H 142 26.40 69.38 -33.13
CA ILE H 142 25.64 69.15 -31.91
C ILE H 142 26.29 67.98 -31.17
N LEU H 143 26.09 67.90 -29.86
CA LEU H 143 26.72 66.86 -29.09
C LEU H 143 26.04 66.72 -27.74
N GLU H 144 26.17 65.51 -27.18
CA GLU H 144 25.81 65.17 -25.82
C GLU H 144 27.10 65.22 -25.00
N GLU H 145 27.03 65.74 -23.78
CA GLU H 145 28.12 65.58 -22.82
C GLU H 145 27.46 65.56 -21.47
N ALA H 146 27.60 64.44 -20.76
CA ALA H 146 27.18 64.37 -19.36
C ALA H 146 25.74 64.81 -19.20
N GLY H 147 24.89 64.23 -20.04
CA GLY H 147 23.45 64.48 -19.94
C GLY H 147 23.00 65.77 -20.61
N LYS H 148 23.97 66.61 -20.97
CA LYS H 148 23.65 67.93 -21.49
C LYS H 148 23.86 68.04 -23.00
N PHE H 149 22.99 68.82 -23.66
CA PHE H 149 23.08 69.11 -25.12
C PHE H 149 23.74 70.46 -25.48
N TYR H 150 24.53 70.47 -26.54
CA TYR H 150 25.35 71.61 -26.87
C TYR H 150 25.39 71.83 -28.35
N GLU H 151 24.64 72.83 -28.79
CA GLU H 151 24.72 73.32 -30.17
C GLU H 151 25.97 74.17 -30.39
N ILE H 152 26.58 74.02 -31.54
CA ILE H 152 27.66 74.93 -31.96
C ILE H 152 27.31 75.61 -33.31
N LEU H 153 27.48 76.92 -33.36
CA LEU H 153 27.23 77.67 -34.59
C LEU H 153 28.55 78.21 -35.13
N VAL H 154 28.90 77.83 -36.37
CA VAL H 154 30.00 78.48 -37.12
C VAL H 154 29.46 79.53 -38.09
N VAL H 155 29.99 80.75 -38.01
CA VAL H 155 29.35 81.88 -38.64
C VAL H 155 30.36 82.72 -39.40
N GLU H 156 29.94 83.27 -40.53
CA GLU H 156 30.75 84.26 -41.25
C GLU H 156 29.98 85.50 -41.72
N ALA H 157 30.74 86.43 -42.35
CA ALA H 157 30.20 87.59 -43.07
C ALA H 157 29.24 87.10 -44.19
N GLY H 158 27.98 87.55 -44.16
CA GLY H 158 27.03 87.07 -45.16
C GLY H 158 25.59 87.44 -44.90
N GLN H 159 24.73 87.16 -45.87
CA GLN H 159 23.29 87.22 -45.64
C GLN H 159 22.82 85.80 -45.56
N MET H 160 21.72 85.62 -44.85
CA MET H 160 20.98 84.39 -44.85
C MET H 160 19.54 84.81 -44.57
N LYS H 161 18.59 84.06 -45.15
CA LYS H 161 17.15 84.27 -44.92
C LYS H 161 16.67 82.92 -44.51
N LEU H 162 16.32 82.80 -43.23
CA LEU H 162 16.17 81.51 -42.57
C LEU H 162 14.72 81.13 -42.45
N SER H 163 14.44 79.83 -42.56
CA SER H 163 13.10 79.32 -42.32
C SER H 163 12.78 79.38 -40.83
N ALA H 164 11.49 79.51 -40.50
CA ALA H 164 11.09 79.51 -39.07
C ALA H 164 11.46 78.17 -38.37
N SER H 165 11.68 77.11 -39.14
CA SER H 165 12.17 75.87 -38.58
C SER H 165 13.70 75.93 -38.48
N ASP H 166 14.36 76.57 -39.45
CA ASP H 166 15.83 76.73 -39.42
C ASP H 166 16.31 77.56 -38.23
N VAL H 167 15.48 78.50 -37.79
CA VAL H 167 15.79 79.26 -36.60
C VAL H 167 15.67 78.34 -35.38
N ARG H 168 14.53 77.65 -35.23
CA ARG H 168 14.25 76.80 -34.08
C ARG H 168 15.12 75.52 -34.02
N PHE H 169 15.55 74.99 -35.16
CA PHE H 169 16.29 73.72 -35.14
C PHE H 169 17.69 73.78 -35.76
N GLY H 170 17.96 74.80 -36.55
CA GLY H 170 19.26 74.93 -37.17
C GLY H 170 19.33 74.43 -38.62
N PRO H 171 19.67 75.34 -39.54
CA PRO H 171 19.96 75.15 -40.96
C PRO H 171 20.88 73.95 -41.31
N PHE H 172 21.81 73.60 -40.44
CA PHE H 172 22.62 72.42 -40.75
C PHE H 172 22.26 71.22 -39.86
N LEU H 173 21.84 71.50 -38.62
CA LEU H 173 21.37 70.46 -37.71
C LEU H 173 20.14 69.74 -38.28
N SER H 174 19.15 70.51 -38.74
CA SER H 174 17.92 69.94 -39.29
C SER H 174 18.07 69.31 -40.70
N LYS H 175 19.08 69.76 -41.46
CA LYS H 175 19.52 69.10 -42.70
C LYS H 175 20.06 67.73 -42.33
N GLU H 176 21.37 67.59 -42.12
CA GLU H 176 21.90 66.23 -41.84
C GLU H 176 21.52 65.64 -40.45
N VAL H 177 20.23 65.71 -40.08
CA VAL H 177 19.65 65.19 -38.81
C VAL H 177 20.44 64.08 -38.11
N SER H 178 21.20 64.38 -37.05
CA SER H 178 22.00 63.35 -36.36
C SER H 178 21.23 62.57 -35.26
N PRO H 179 21.80 61.44 -34.78
CA PRO H 179 21.25 60.73 -33.63
C PRO H 179 21.06 61.65 -32.43
N VAL H 180 22.08 62.49 -32.20
CA VAL H 180 22.11 63.47 -31.11
C VAL H 180 21.03 64.53 -31.33
N PHE H 181 20.90 65.00 -32.58
CA PHE H 181 19.79 65.88 -32.96
C PHE H 181 18.43 65.28 -32.62
N VAL H 182 18.31 63.97 -32.80
CA VAL H 182 17.07 63.25 -32.55
C VAL H 182 16.70 63.16 -31.08
N GLN H 183 17.62 62.74 -30.21
CA GLN H 183 17.23 62.59 -28.82
C GLN H 183 16.93 63.92 -28.21
N LYS H 184 17.65 64.96 -28.62
CA LYS H 184 17.46 66.27 -28.03
C LYS H 184 16.02 66.69 -28.14
N TRP H 185 15.50 66.57 -29.36
CA TRP H 185 14.19 67.11 -29.67
C TRP H 185 13.07 66.13 -29.32
N GLN H 186 13.39 64.83 -29.42
CA GLN H 186 12.58 63.75 -28.92
C GLN H 186 12.34 63.95 -27.42
N LYS H 187 13.41 64.19 -26.65
CA LYS H 187 13.28 64.44 -25.21
C LYS H 187 12.40 65.65 -25.00
N GLU H 188 12.56 66.61 -25.88
CA GLU H 188 11.91 67.89 -25.77
C GLU H 188 10.45 67.74 -26.07
N ALA H 189 10.14 66.87 -27.05
CA ALA H 189 8.76 66.48 -27.40
C ALA H 189 7.94 65.89 -26.23
N GLU H 190 8.47 64.87 -25.51
CA GLU H 190 7.76 64.45 -24.28
C GLU H 190 7.62 65.56 -23.22
N LYS H 191 8.68 66.32 -22.93
CA LYS H 191 8.61 67.44 -21.96
C LYS H 191 7.37 68.25 -22.28
N LEU H 192 7.04 68.28 -23.57
CA LEU H 192 5.94 69.06 -24.11
C LEU H 192 4.58 68.36 -23.99
N GLU H 193 4.39 67.28 -24.77
CA GLU H 193 3.25 66.38 -24.67
C GLU H 193 2.88 66.24 -23.20
N PHE H 194 3.89 66.05 -22.36
CA PHE H 194 3.69 65.95 -20.92
C PHE H 194 2.90 67.17 -20.40
N ALA H 195 3.41 68.37 -20.65
CA ALA H 195 2.82 69.66 -20.21
C ALA H 195 1.29 69.88 -20.40
N LEU H 196 0.74 69.51 -21.55
CA LEU H 196 -0.72 69.65 -21.74
C LEU H 196 -1.66 69.66 -20.48
N GLU H 205 -6.64 76.99 -23.10
CA GLU H 205 -6.94 76.96 -24.53
C GLU H 205 -5.73 77.36 -25.42
N GLU H 206 -4.81 78.16 -24.86
CA GLU H 206 -3.46 78.47 -25.42
C GLU H 206 -2.47 77.32 -25.06
N ARG H 207 -3.05 76.25 -24.47
CA ARG H 207 -2.58 74.86 -24.62
C ARG H 207 -2.41 74.70 -26.15
N GLN H 208 -2.66 75.82 -26.82
CA GLN H 208 -2.51 76.00 -28.22
C GLN H 208 -1.04 76.01 -28.61
N VAL H 209 -0.26 76.92 -28.00
CA VAL H 209 1.14 77.16 -28.41
C VAL H 209 1.99 75.88 -28.53
N LEU H 210 1.85 74.99 -27.54
CA LEU H 210 2.63 73.75 -27.46
C LEU H 210 2.33 72.77 -28.61
N VAL H 211 1.05 72.57 -28.93
CA VAL H 211 0.64 71.71 -30.05
C VAL H 211 1.54 71.89 -31.28
N ASP H 212 1.65 73.15 -31.71
CA ASP H 212 2.32 73.55 -32.97
C ASP H 212 3.84 73.45 -32.80
N LYS H 213 4.32 73.86 -31.61
CA LYS H 213 5.68 73.55 -31.14
C LYS H 213 5.98 72.04 -31.26
N ILE H 214 5.14 71.23 -30.58
CA ILE H 214 5.15 69.75 -30.61
C ILE H 214 5.09 69.22 -32.04
N GLN H 215 4.12 69.72 -32.79
CA GLN H 215 3.95 69.45 -34.20
C GLN H 215 5.18 69.73 -35.06
N ALA H 216 5.82 70.86 -34.75
CA ALA H 216 7.03 71.32 -35.42
C ALA H 216 8.12 70.28 -35.28
N ILE H 217 8.21 69.68 -34.09
CA ILE H 217 9.24 68.70 -33.78
C ILE H 217 8.96 67.39 -34.50
N LYS H 218 7.71 66.92 -34.44
CA LYS H 218 7.24 65.78 -35.24
C LYS H 218 7.76 65.89 -36.67
N GLU H 219 7.59 67.09 -37.19
CA GLU H 219 7.85 67.41 -38.58
C GLU H 219 9.32 67.38 -39.01
N VAL H 220 10.20 68.05 -38.28
CA VAL H 220 11.60 68.13 -38.67
C VAL H 220 12.37 66.83 -38.41
N LEU H 221 11.75 65.97 -37.60
CA LEU H 221 12.22 64.60 -37.36
C LEU H 221 11.69 63.56 -38.37
N HIS H 222 10.44 63.75 -38.84
CA HIS H 222 9.72 62.73 -39.61
C HIS H 222 10.58 61.90 -40.57
N SAM I . 11.95 39.25 -17.30
CA SAM I . 11.65 40.49 -16.47
C SAM I . 12.29 41.70 -17.09
O SAM I . 11.75 42.79 -17.07
OXT SAM I . 13.40 41.63 -17.61
CB SAM I . 12.10 40.46 -15.00
CG SAM I . 13.53 40.94 -14.79
SD SAM I . 14.14 40.97 -13.08
CE SAM I . 15.71 41.83 -13.33
C5' SAM I . 14.59 39.28 -12.62
C4' SAM I . 13.37 38.44 -12.27
O4' SAM I . 13.59 37.11 -12.66
C3' SAM I . 13.05 38.35 -10.77
O3' SAM I . 11.72 38.72 -10.56
C2' SAM I . 13.19 36.87 -10.41
O2' SAM I . 12.27 36.56 -9.40
C1' SAM I . 12.83 36.33 -11.79
N9 SAM I . 12.88 34.87 -12.02
C8 SAM I . 11.77 34.12 -12.40
N7 SAM I . 12.05 32.80 -12.56
C5 SAM I . 13.34 32.73 -12.26
C6 SAM I . 14.03 31.60 -12.28
N6 SAM I . 13.31 30.57 -12.60
N1 SAM I . 15.35 31.65 -11.97
C2 SAM I . 15.90 32.91 -11.64
N3 SAM I . 15.19 34.11 -11.61
C4 SAM I . 13.90 33.98 -11.93
N SAM J . -16.21 -43.01 17.17
CA SAM J . -14.95 -43.51 16.52
C SAM J . -13.73 -42.92 17.20
O SAM J . -12.69 -43.54 17.31
OXT SAM J . -13.78 -41.80 17.69
CB SAM J . -14.93 -43.16 15.05
CG SAM J . -14.79 -41.68 14.78
SD SAM J . -14.65 -41.31 13.02
CE SAM J . -13.37 -40.01 13.06
C5' SAM J . -16.22 -40.47 12.72
C4' SAM J . -17.38 -41.45 12.62
O4' SAM J . -18.56 -40.85 13.06
C3' SAM J . -17.71 -41.83 11.17
O3' SAM J . -17.74 -43.25 11.07
C2' SAM J . -19.09 -41.28 10.88
O2' SAM J . -19.69 -42.17 10.00
C1' SAM J . -19.60 -41.42 12.29
N9 SAM J . -20.98 -40.95 12.65
C8 SAM J . -21.99 -41.75 13.21
N7 SAM J . -23.14 -41.05 13.45
C5 SAM J . -22.83 -39.85 13.04
C6 SAM J . -23.64 -38.83 13.07
N6 SAM J . -24.80 -39.12 13.53
N1 SAM J . -23.20 -37.62 12.62
C2 SAM J . -21.89 -37.54 12.13
N3 SAM J . -21.01 -38.60 12.09
C4 SAM J . -21.52 -39.73 12.54
N SAM K . 28.89 -31.84 17.10
CA SAM K . 27.68 -31.49 16.40
C SAM K . 26.58 -31.30 17.40
O SAM K . 25.62 -32.03 17.30
OXT SAM K . 26.67 -30.45 18.29
CB SAM K . 27.27 -32.65 15.53
CG SAM K . 28.45 -33.34 14.89
SD SAM K . 27.94 -34.64 13.79
CE SAM K . 27.10 -35.77 14.91
C5' SAM K . 29.51 -35.50 13.60
C4' SAM K . 30.75 -34.63 13.48
O4' SAM K . 31.83 -35.21 14.14
C3' SAM K . 31.29 -34.49 12.07
O3' SAM K . 30.74 -33.33 11.54
C2' SAM K . 32.77 -34.27 12.25
O2' SAM K . 33.11 -32.93 11.94
C1' SAM K . 32.89 -34.39 13.74
N9 SAM K . 34.20 -34.74 14.27
C8 SAM K . 35.14 -33.81 14.57
N7 SAM K . 36.24 -34.39 15.06
C5 SAM K . 35.98 -35.68 15.07
C6 SAM K . 36.79 -36.68 15.48
N6 SAM K . 37.98 -36.38 15.93
N1 SAM K . 36.33 -37.94 15.40
C2 SAM K . 35.07 -38.17 14.91
N3 SAM K . 34.26 -37.16 14.51
C4 SAM K . 34.73 -35.92 14.59
N SAM L . 34.64 80.12 -22.22
CA SAM L . 34.74 78.90 -21.36
C SAM L . 34.11 77.79 -22.14
O SAM L . 33.68 76.78 -21.62
OXT SAM L . 34.04 77.91 -23.35
CB SAM L . 34.05 79.07 -20.02
CG SAM L . 32.54 79.09 -20.16
SD SAM L . 31.76 79.47 -18.59
CE SAM L . 30.29 78.41 -18.73
C5' SAM L . 31.23 81.18 -18.83
C4' SAM L . 32.38 82.19 -18.74
O4' SAM L . 32.04 83.38 -19.41
C3' SAM L . 32.76 82.66 -17.33
O3' SAM L . 34.13 82.35 -17.09
C2' SAM L . 32.59 84.18 -17.37
O2' SAM L . 33.52 84.84 -16.52
C1' SAM L . 32.94 84.30 -18.83
N9 SAM L . 33.03 85.60 -19.50
C8 SAM L . 34.22 86.15 -19.99
N7 SAM L . 34.03 87.36 -20.60
C5 SAM L . 32.72 87.55 -20.49
C6 SAM L . 32.08 88.60 -20.94
N6 SAM L . 32.82 89.49 -21.50
N1 SAM L . 30.74 88.65 -20.76
C2 SAM L . 30.10 87.58 -20.11
N3 SAM L . 30.76 86.48 -19.62
C4 SAM L . 32.06 86.49 -19.83
#